data_6HSZ
#
_entry.id   6HSZ
#
_cell.length_a   70.774
_cell.length_b   70.802
_cell.length_c   98.343
_cell.angle_alpha   77.85
_cell.angle_beta   75.48
_cell.angle_gamma   85.28
#
_symmetry.space_group_name_H-M   'P 1'
#
loop_
_entity.id
_entity.type
_entity.pdbx_description
1 polymer 'Histone deacetylase'
2 non-polymer 'ZINC ION'
3 non-polymer 'POTASSIUM ION'
4 non-polymer 3-benzamido-4-methyl-~{N}-oxidanyl-benzamide
5 non-polymer GLYCEROL
6 water water
#
_entity_poly.entity_id   1
_entity_poly.type   'polypeptide(L)'
_entity_poly.pdbx_seq_one_letter_code
;HMSVGIVYGDQYRQLCCSSPKFGDRYALVMDLINAYKLIPELSRVPPLQWDSPSRMYEAVTAFHSTEYVDALKKLQMLHC
EEKELTADDELLMDSFSLNYDCPGFPSVFDYSLAAVQGSLAAASALICRHCEVVINWGGGWHHAKRSEASGFCYLNDIVL
AIHRLVSSTPPETSPNRQTRVLYVDLDLHHGDGVEEAFWYSPRVVTFSVHHASPGFFPGTGTWNMVDNDKLPIFLNGAGR
GRFSAFNLPLEEGINDLDWSNAIGPILDSLNIVIQPSYVVVQCGADCLATDPHRIFRLTNFYPNLNLDSDCDSECSLSGY
LYAIKKILSWKVPTLILGGGGYNFPDTARLWTRVTALTIEEVKGKKMTISPEIPEHSYFSRYGPDFELDIDYFPHESHNK
TLDSIQKHHRRILEQLRNYADLNKLIYDYDQVYQLYNLTGMGSLVPR
;
_entity_poly.pdbx_strand_id   A,B,C,D
#
# COMPACT_ATOMS: atom_id res chain seq x y z
N SER A 3 -25.09 19.97 -20.04
CA SER A 3 -25.05 21.29 -19.43
C SER A 3 -23.60 21.81 -19.40
N VAL A 4 -23.41 23.01 -18.82
CA VAL A 4 -22.11 23.63 -18.68
C VAL A 4 -21.87 23.87 -17.19
N GLY A 5 -20.76 23.33 -16.68
CA GLY A 5 -20.46 23.39 -15.25
C GLY A 5 -19.34 24.37 -14.97
N ILE A 6 -19.39 25.02 -13.80
CA ILE A 6 -18.30 25.87 -13.37
C ILE A 6 -17.98 25.54 -11.91
N VAL A 7 -16.71 25.29 -11.63
CA VAL A 7 -16.23 25.02 -10.27
C VAL A 7 -16.21 26.32 -9.47
N TYR A 8 -16.94 26.36 -8.34
CA TYR A 8 -16.73 27.42 -7.37
C TYR A 8 -17.29 26.99 -6.03
N GLY A 9 -17.13 27.86 -5.05
CA GLY A 9 -17.48 27.59 -3.67
C GLY A 9 -16.83 28.63 -2.79
N ASP A 10 -17.40 28.88 -1.62
CA ASP A 10 -16.89 29.97 -0.80
C ASP A 10 -15.51 29.62 -0.24
N GLN A 11 -15.38 28.40 0.29
CA GLN A 11 -14.08 27.90 0.71
C GLN A 11 -13.10 27.89 -0.44
N TYR A 12 -13.54 27.35 -1.59
CA TYR A 12 -12.72 27.31 -2.78
C TYR A 12 -12.22 28.70 -3.15
N ARG A 13 -13.13 29.67 -3.17
CA ARG A 13 -12.75 31.02 -3.56
C ARG A 13 -11.73 31.61 -2.60
N GLN A 14 -11.91 31.37 -1.29
CA GLN A 14 -10.97 31.89 -0.31
C GLN A 14 -9.57 31.27 -0.48
N LEU A 15 -9.52 29.95 -0.69
CA LEU A 15 -8.25 29.26 -0.92
C LEU A 15 -7.57 29.70 -2.22
N CYS A 16 -8.32 29.74 -3.33
CA CYS A 16 -7.75 30.20 -4.59
C CYS A 16 -7.27 31.65 -4.56
N CYS A 17 -7.74 32.46 -3.61
CA CYS A 17 -7.29 33.85 -3.51
C CYS A 17 -6.22 34.05 -2.44
N SER A 18 -5.65 32.98 -1.90
CA SER A 18 -4.75 33.15 -0.77
C SER A 18 -3.28 33.15 -1.18
N SER A 19 -2.96 33.24 -2.49
CA SER A 19 -1.55 33.10 -2.82
C SER A 19 -0.92 34.46 -3.10
N PRO A 20 0.40 34.58 -2.87
CA PRO A 20 1.05 35.89 -3.08
C PRO A 20 1.16 36.30 -4.53
N LYS A 21 1.10 35.35 -5.46
CA LYS A 21 1.37 35.66 -6.85
C LYS A 21 0.10 35.95 -7.65
N PHE A 22 -1.02 35.29 -7.37
CA PHE A 22 -2.25 35.53 -8.11
C PHE A 22 -3.30 36.29 -7.32
N GLY A 23 -2.99 36.66 -6.08
CA GLY A 23 -3.86 37.50 -5.26
C GLY A 23 -5.34 37.16 -5.36
N ASP A 24 -6.16 38.15 -5.75
CA ASP A 24 -7.61 37.97 -5.81
C ASP A 24 -8.10 37.79 -7.25
N ARG A 25 -7.20 37.43 -8.16
CA ARG A 25 -7.58 37.20 -9.55
C ARG A 25 -8.81 36.31 -9.65
N TYR A 26 -8.83 35.21 -8.90
CA TYR A 26 -9.97 34.29 -9.00
C TYR A 26 -11.28 34.97 -8.60
N ALA A 27 -11.24 35.89 -7.63
CA ALA A 27 -12.43 36.63 -7.26
C ALA A 27 -12.84 37.59 -8.36
N LEU A 28 -11.88 38.28 -8.99
CA LEU A 28 -12.21 39.15 -10.12
C LEU A 28 -12.86 38.34 -11.25
N VAL A 29 -12.28 37.18 -11.58
CA VAL A 29 -12.85 36.32 -12.61
C VAL A 29 -14.29 35.97 -12.26
N MET A 30 -14.51 35.34 -11.09
CA MET A 30 -15.82 34.82 -10.76
C MET A 30 -16.84 35.93 -10.56
N ASP A 31 -16.40 37.10 -10.10
CA ASP A 31 -17.32 38.21 -9.88
C ASP A 31 -17.61 39.02 -11.14
N LEU A 32 -16.71 39.03 -12.12
CA LEU A 32 -17.15 39.52 -13.43
C LEU A 32 -18.16 38.54 -14.05
N ILE A 33 -17.93 37.24 -13.88
CA ILE A 33 -18.87 36.26 -14.41
C ILE A 33 -20.25 36.46 -13.80
N ASN A 34 -20.28 36.76 -12.50
CA ASN A 34 -21.56 36.99 -11.82
C ASN A 34 -22.16 38.36 -12.18
N ALA A 35 -21.33 39.41 -12.24
CA ALA A 35 -21.82 40.73 -12.65
C ALA A 35 -22.55 40.66 -13.98
N TYR A 36 -22.09 39.81 -14.89
CA TYR A 36 -22.71 39.64 -16.19
C TYR A 36 -23.87 38.62 -16.20
N LYS A 37 -24.39 38.24 -15.02
CA LYS A 37 -25.57 37.39 -14.92
C LYS A 37 -25.41 36.07 -15.67
N LEU A 38 -24.19 35.50 -15.64
CA LEU A 38 -23.94 34.21 -16.28
C LEU A 38 -24.07 33.02 -15.34
N ILE A 39 -23.98 33.23 -14.02
CA ILE A 39 -24.05 32.11 -13.08
C ILE A 39 -25.37 31.33 -13.17
N PRO A 40 -26.55 31.97 -13.27
CA PRO A 40 -27.78 31.18 -13.45
C PRO A 40 -27.80 30.26 -14.68
N GLU A 41 -27.00 30.56 -15.70
CA GLU A 41 -26.90 29.65 -16.84
C GLU A 41 -25.99 28.44 -16.59
N LEU A 42 -25.21 28.44 -15.51
CA LEU A 42 -24.17 27.44 -15.28
C LEU A 42 -24.51 26.52 -14.12
N SER A 43 -24.07 25.27 -14.21
CA SER A 43 -24.24 24.30 -13.13
C SER A 43 -23.02 24.36 -12.23
N ARG A 44 -23.23 24.63 -10.93
CA ARG A 44 -22.08 24.75 -10.02
C ARG A 44 -21.53 23.37 -9.67
N VAL A 45 -20.25 23.14 -9.95
CA VAL A 45 -19.57 21.91 -9.61
C VAL A 45 -18.76 22.14 -8.32
N PRO A 46 -19.12 21.50 -7.20
CA PRO A 46 -18.39 21.73 -5.95
C PRO A 46 -17.05 21.03 -5.99
N PRO A 47 -16.03 21.59 -5.35
CA PRO A 47 -14.73 20.90 -5.29
C PRO A 47 -14.80 19.58 -4.53
N LEU A 48 -14.05 18.59 -5.03
CA LEU A 48 -14.03 17.27 -4.43
C LEU A 48 -13.47 17.35 -3.01
N GLN A 49 -14.03 16.58 -2.09
CA GLN A 49 -13.46 16.44 -0.77
C GLN A 49 -13.31 14.95 -0.45
N TRP A 50 -12.36 14.63 0.43
CA TRP A 50 -11.98 13.25 0.68
C TRP A 50 -12.41 12.79 2.06
N ASP A 51 -12.56 11.45 2.22
CA ASP A 51 -13.09 10.86 3.44
C ASP A 51 -12.04 10.77 4.54
N SER A 52 -10.79 11.04 4.24
CA SER A 52 -9.71 10.79 5.18
C SER A 52 -8.42 11.34 4.59
N PRO A 53 -7.43 11.65 5.43
CA PRO A 53 -6.07 11.93 4.93
C PRO A 53 -5.54 10.87 3.97
N SER A 54 -5.75 9.58 4.26
CA SER A 54 -5.22 8.53 3.39
C SER A 54 -5.81 8.61 1.98
N ARG A 55 -7.11 8.86 1.89
CA ARG A 55 -7.75 8.98 0.59
CA ARG A 55 -7.72 8.94 0.57
C ARG A 55 -7.23 10.18 -0.18
N MET A 56 -7.05 11.31 0.51
CA MET A 56 -6.47 12.47 -0.17
C MET A 56 -5.09 12.12 -0.69
N TYR A 57 -4.27 11.46 0.15
CA TYR A 57 -2.92 11.10 -0.27
C TYR A 57 -2.95 10.15 -1.45
N GLU A 58 -3.85 9.15 -1.42
CA GLU A 58 -3.94 8.22 -2.53
C GLU A 58 -4.35 8.95 -3.82
N ALA A 59 -5.18 9.98 -3.70
CA ALA A 59 -5.57 10.71 -4.90
C ALA A 59 -4.39 11.51 -5.45
N VAL A 60 -3.69 12.26 -4.58
CA VAL A 60 -2.67 13.17 -5.09
C VAL A 60 -1.41 12.41 -5.54
N THR A 61 -1.07 11.30 -4.86
CA THR A 61 0.09 10.51 -5.27
C THR A 61 -0.22 9.54 -6.42
N ALA A 62 -1.42 9.61 -7.01
CA ALA A 62 -1.60 9.04 -8.34
C ALA A 62 -0.56 9.61 -9.31
N PHE A 63 -0.16 10.87 -9.12
CA PHE A 63 0.89 11.45 -9.95
C PHE A 63 2.12 11.87 -9.13
N HIS A 64 1.95 12.57 -8.01
CA HIS A 64 3.07 13.12 -7.26
C HIS A 64 3.64 12.12 -6.28
N SER A 65 4.95 12.24 -6.01
CA SER A 65 5.57 11.31 -5.07
C SER A 65 5.15 11.68 -3.66
N THR A 66 5.02 10.66 -2.81
CA THR A 66 4.57 10.88 -1.44
C THR A 66 5.50 11.85 -0.73
N GLU A 67 6.81 11.64 -0.84
CA GLU A 67 7.75 12.54 -0.16
C GLU A 67 7.65 13.96 -0.67
N TYR A 68 7.23 14.15 -1.93
CA TYR A 68 6.99 15.51 -2.38
C TYR A 68 5.73 16.09 -1.73
N VAL A 69 4.66 15.29 -1.62
CA VAL A 69 3.46 15.75 -0.94
C VAL A 69 3.77 16.07 0.51
N ASP A 70 4.49 15.16 1.19
CA ASP A 70 4.97 15.39 2.56
C ASP A 70 5.71 16.72 2.68
N ALA A 71 6.67 16.97 1.77
CA ALA A 71 7.44 18.21 1.79
C ALA A 71 6.54 19.42 1.65
N LEU A 72 5.56 19.34 0.74
CA LEU A 72 4.63 20.45 0.53
C LEU A 72 3.81 20.74 1.78
N LYS A 73 3.27 19.69 2.42
CA LYS A 73 2.51 19.91 3.66
C LYS A 73 3.41 20.41 4.79
N LYS A 74 4.67 19.95 4.83
CA LYS A 74 5.58 20.48 5.84
C LYS A 74 5.88 21.95 5.58
N LEU A 75 6.02 22.34 4.31
CA LEU A 75 6.26 23.74 3.97
C LEU A 75 5.12 24.64 4.45
N GLN A 76 3.88 24.19 4.33
CA GLN A 76 2.75 24.96 4.85
C GLN A 76 2.84 25.13 6.36
N MET A 77 3.06 24.03 7.08
CA MET A 77 3.20 24.12 8.54
C MET A 77 4.28 25.13 8.93
N LEU A 78 5.45 25.07 8.29
CA LEU A 78 6.56 25.93 8.65
C LEU A 78 6.23 27.40 8.45
N HIS A 79 5.48 27.71 7.39
CA HIS A 79 5.08 29.09 7.18
C HIS A 79 3.92 29.55 8.04
N CYS A 80 3.30 28.64 8.82
CA CYS A 80 2.35 29.02 9.86
C CYS A 80 3.00 29.16 11.23
N GLU A 81 4.32 28.97 11.31
CA GLU A 81 5.10 29.27 12.48
C GLU A 81 5.84 30.59 12.27
N GLU A 82 6.20 31.23 13.37
CA GLU A 82 6.89 32.52 13.28
C GLU A 82 8.35 32.37 12.89
N LYS A 83 9.00 31.28 13.30
CA LYS A 83 10.45 31.18 13.20
C LYS A 83 10.88 30.86 11.77
N GLU A 84 12.16 31.16 11.49
CA GLU A 84 12.80 30.78 10.25
C GLU A 84 12.87 29.26 10.10
N LEU A 85 13.08 28.82 8.86
CA LEU A 85 13.35 27.42 8.60
C LEU A 85 14.76 27.06 9.04
N THR A 86 14.95 25.83 9.49
CA THR A 86 16.30 25.37 9.76
C THR A 86 17.06 25.19 8.43
N ALA A 87 18.39 25.11 8.53
CA ALA A 87 19.20 24.84 7.35
C ALA A 87 18.81 23.50 6.71
N ASP A 88 18.50 22.49 7.53
CA ASP A 88 18.07 21.19 7.01
C ASP A 88 16.72 21.27 6.30
N ASP A 89 15.78 22.04 6.85
CA ASP A 89 14.51 22.23 6.17
C ASP A 89 14.68 22.98 4.85
N GLU A 90 15.59 23.96 4.81
CA GLU A 90 15.87 24.64 3.55
C GLU A 90 16.44 23.67 2.51
N LEU A 91 17.40 22.82 2.90
CA LEU A 91 17.91 21.82 1.96
C LEU A 91 16.78 20.93 1.44
N LEU A 92 15.92 20.48 2.34
CA LEU A 92 14.80 19.62 1.95
C LEU A 92 13.94 20.30 0.90
N MET A 93 13.55 21.56 1.15
CA MET A 93 12.68 22.25 0.17
C MET A 93 13.40 22.48 -1.16
N ASP A 94 14.67 22.90 -1.11
CA ASP A 94 15.48 23.02 -2.34
C ASP A 94 15.39 21.76 -3.18
N SER A 95 15.45 20.59 -2.54
CA SER A 95 15.49 19.36 -3.31
C SER A 95 14.17 19.07 -4.02
N PHE A 96 13.09 19.77 -3.69
CA PHE A 96 11.85 19.70 -4.46
C PHE A 96 11.54 21.04 -5.13
N SER A 97 12.53 21.94 -5.21
CA SER A 97 12.37 23.27 -5.83
C SER A 97 11.23 24.05 -5.18
N LEU A 98 11.06 23.88 -3.86
CA LEU A 98 10.12 24.68 -3.08
C LEU A 98 10.82 25.93 -2.55
N ASN A 99 11.14 26.82 -3.50
CA ASN A 99 11.97 28.00 -3.27
C ASN A 99 11.90 28.89 -4.50
N TYR A 100 12.53 30.06 -4.41
CA TYR A 100 12.65 31.01 -5.52
C TYR A 100 11.23 31.34 -5.99
N ASP A 101 10.85 31.01 -7.23
CA ASP A 101 9.52 31.32 -7.76
C ASP A 101 8.41 30.37 -7.28
N CYS A 102 8.75 29.35 -6.50
CA CYS A 102 7.75 28.53 -5.82
C CYS A 102 7.94 28.63 -4.29
N PRO A 103 7.79 29.83 -3.75
CA PRO A 103 8.01 30.01 -2.31
C PRO A 103 6.89 29.41 -1.48
N GLY A 104 7.21 29.18 -0.20
CA GLY A 104 6.18 28.90 0.78
C GLY A 104 5.39 30.14 1.16
N PHE A 105 4.20 29.88 1.68
CA PHE A 105 3.35 30.88 2.27
C PHE A 105 2.31 30.15 3.12
N PRO A 106 1.60 30.86 4.02
CA PRO A 106 0.80 30.15 5.03
C PRO A 106 -0.17 29.10 4.50
N SER A 107 -0.64 29.22 3.25
CA SER A 107 -1.65 28.30 2.74
C SER A 107 -1.19 27.54 1.52
N VAL A 108 0.13 27.46 1.28
CA VAL A 108 0.63 26.94 0.01
C VAL A 108 0.13 25.53 -0.28
N PHE A 109 -0.09 24.71 0.75
CA PHE A 109 -0.60 23.37 0.50
C PHE A 109 -2.11 23.39 0.23
N ASP A 110 -2.90 24.03 1.11
CA ASP A 110 -4.33 24.10 0.87
C ASP A 110 -4.66 24.81 -0.44
N TYR A 111 -3.88 25.83 -0.80
CA TYR A 111 -4.06 26.53 -2.08
C TYR A 111 -3.82 25.60 -3.26
N SER A 112 -2.69 24.89 -3.24
CA SER A 112 -2.37 23.97 -4.32
C SER A 112 -3.39 22.85 -4.43
N LEU A 113 -3.75 22.26 -3.28
CA LEU A 113 -4.67 21.14 -3.28
C LEU A 113 -6.04 21.55 -3.78
N ALA A 114 -6.46 22.80 -3.50
CA ALA A 114 -7.79 23.25 -3.92
C ALA A 114 -7.97 23.11 -5.42
N ALA A 115 -6.93 23.46 -6.21
CA ALA A 115 -7.03 23.32 -7.67
C ALA A 115 -7.21 21.87 -8.06
N VAL A 116 -6.56 20.94 -7.33
CA VAL A 116 -6.78 19.51 -7.54
C VAL A 116 -8.21 19.13 -7.19
N GLN A 117 -8.72 19.64 -6.07
CA GLN A 117 -10.11 19.35 -5.71
C GLN A 117 -11.06 19.81 -6.80
N GLY A 118 -10.81 20.97 -7.38
CA GLY A 118 -11.71 21.48 -8.40
C GLY A 118 -11.59 20.73 -9.71
N SER A 119 -10.36 20.42 -10.11
CA SER A 119 -10.19 19.80 -11.42
C SER A 119 -10.56 18.32 -11.39
N LEU A 120 -10.44 17.66 -10.24
CA LEU A 120 -10.94 16.30 -10.15
C LEU A 120 -12.46 16.29 -10.11
N ALA A 121 -13.07 17.26 -9.41
CA ALA A 121 -14.52 17.30 -9.41
C ALA A 121 -15.03 17.56 -10.81
N ALA A 122 -14.29 18.35 -11.59
CA ALA A 122 -14.71 18.64 -12.95
C ALA A 122 -14.56 17.41 -13.85
N ALA A 123 -13.45 16.67 -13.72
CA ALA A 123 -13.33 15.41 -14.46
C ALA A 123 -14.52 14.50 -14.18
N SER A 124 -14.92 14.41 -12.91
CA SER A 124 -15.98 13.49 -12.52
C SER A 124 -17.34 13.93 -13.07
N ALA A 125 -17.58 15.24 -13.09
CA ALA A 125 -18.85 15.72 -13.66
C ALA A 125 -18.93 15.37 -15.14
N LEU A 126 -17.80 15.40 -15.85
CA LEU A 126 -17.80 14.94 -17.25
C LEU A 126 -18.04 13.45 -17.35
N ILE A 127 -17.47 12.67 -16.43
CA ILE A 127 -17.46 11.21 -16.58
C ILE A 127 -18.84 10.64 -16.34
N CYS A 128 -19.49 11.04 -15.26
CA CYS A 128 -20.86 10.62 -14.99
CA CYS A 128 -20.85 10.57 -15.03
C CYS A 128 -21.86 11.22 -15.97
N ARG A 129 -21.41 12.18 -16.80
CA ARG A 129 -22.19 12.84 -17.85
C ARG A 129 -23.20 13.86 -17.31
N HIS A 130 -22.97 14.40 -16.11
CA HIS A 130 -23.80 15.49 -15.59
C HIS A 130 -23.59 16.78 -16.38
N CYS A 131 -22.37 17.02 -16.87
CA CYS A 131 -22.06 18.20 -17.65
C CYS A 131 -21.39 17.75 -18.94
N GLU A 132 -21.64 18.52 -19.99
CA GLU A 132 -20.94 18.32 -21.26
C GLU A 132 -19.62 19.07 -21.28
N VAL A 133 -19.61 20.26 -20.66
CA VAL A 133 -18.42 21.07 -20.47
C VAL A 133 -18.37 21.47 -19.00
N VAL A 134 -17.15 21.53 -18.43
CA VAL A 134 -16.91 22.08 -17.09
C VAL A 134 -15.74 23.05 -17.15
N ILE A 135 -15.90 24.19 -16.47
CA ILE A 135 -14.93 25.25 -16.37
C ILE A 135 -14.35 25.26 -14.96
N ASN A 136 -13.03 25.37 -14.85
CA ASN A 136 -12.36 25.57 -13.57
C ASN A 136 -11.28 26.63 -13.77
N TRP A 137 -11.64 27.90 -13.52
CA TRP A 137 -10.69 29.01 -13.61
C TRP A 137 -9.73 29.06 -12.42
N GLY A 138 -9.94 28.23 -11.40
CA GLY A 138 -8.94 28.12 -10.36
C GLY A 138 -7.85 27.11 -10.64
N GLY A 139 -7.99 26.33 -11.72
CA GLY A 139 -7.07 25.27 -12.03
C GLY A 139 -6.20 25.61 -13.24
N GLY A 140 -5.39 24.63 -13.64
CA GLY A 140 -4.58 24.75 -14.86
C GLY A 140 -3.09 24.95 -14.65
N TRP A 141 -2.54 24.31 -13.62
CA TRP A 141 -1.15 24.50 -13.19
C TRP A 141 -0.23 23.48 -13.85
N HIS A 142 0.05 23.72 -15.13
CA HIS A 142 0.62 22.70 -16.01
C HIS A 142 2.13 22.45 -15.82
N HIS A 143 2.82 23.20 -14.94
CA HIS A 143 4.28 23.06 -14.78
C HIS A 143 4.71 22.12 -13.67
N ALA A 144 3.83 21.75 -12.74
CA ALA A 144 4.25 20.86 -11.66
C ALA A 144 4.67 19.51 -12.21
N LYS A 145 5.75 18.97 -11.67
CA LYS A 145 6.25 17.62 -11.93
C LYS A 145 6.02 16.72 -10.72
N ARG A 146 6.23 15.42 -10.96
CA ARG A 146 6.06 14.38 -9.95
C ARG A 146 6.61 14.77 -8.58
N SER A 147 7.84 15.30 -8.53
CA SER A 147 8.46 15.68 -7.26
C SER A 147 9.08 17.07 -7.31
N GLU A 148 8.41 18.04 -7.94
CA GLU A 148 9.06 19.35 -8.15
C GLU A 148 8.02 20.40 -8.46
N ALA A 149 7.98 21.47 -7.66
CA ALA A 149 7.25 22.67 -8.03
C ALA A 149 7.95 23.39 -9.18
N SER A 150 7.18 24.17 -9.93
CA SER A 150 7.76 24.92 -11.05
C SER A 150 6.77 25.97 -11.50
N GLY A 151 7.26 27.18 -11.77
CA GLY A 151 6.39 28.23 -12.33
C GLY A 151 5.16 28.53 -11.51
N PHE A 152 5.30 28.59 -10.18
CA PHE A 152 4.21 28.74 -9.22
C PHE A 152 3.16 27.64 -9.33
N CYS A 153 3.50 26.52 -9.96
CA CYS A 153 2.65 25.33 -9.94
C CYS A 153 3.22 24.35 -8.92
N TYR A 154 2.44 24.05 -7.90
CA TYR A 154 2.89 23.11 -6.88
C TYR A 154 2.31 21.71 -7.05
N LEU A 155 1.04 21.61 -7.45
CA LEU A 155 0.40 20.32 -7.73
C LEU A 155 -0.20 20.38 -9.12
N ASN A 156 0.08 19.36 -9.94
CA ASN A 156 -0.41 19.40 -11.32
C ASN A 156 -1.85 18.89 -11.38
N ASP A 157 -2.82 19.83 -11.28
CA ASP A 157 -4.24 19.46 -11.29
C ASP A 157 -4.69 18.90 -12.63
N ILE A 158 -4.09 19.37 -13.74
CA ILE A 158 -4.42 18.87 -15.07
C ILE A 158 -4.07 17.40 -15.20
N VAL A 159 -2.85 17.03 -14.79
CA VAL A 159 -2.42 15.64 -14.90
C VAL A 159 -3.36 14.73 -14.13
N LEU A 160 -3.72 15.12 -12.90
CA LEU A 160 -4.63 14.29 -12.11
C LEU A 160 -6.03 14.25 -12.74
N ALA A 161 -6.52 15.38 -13.26
CA ALA A 161 -7.79 15.34 -13.99
C ALA A 161 -7.70 14.43 -15.22
N ILE A 162 -6.61 14.57 -15.99
CA ILE A 162 -6.49 13.76 -17.19
C ILE A 162 -6.40 12.30 -16.83
N HIS A 163 -5.65 11.99 -15.76
CA HIS A 163 -5.52 10.60 -15.33
C HIS A 163 -6.88 10.04 -14.92
N ARG A 164 -7.70 10.85 -14.24
CA ARG A 164 -9.06 10.38 -13.92
C ARG A 164 -9.88 10.14 -15.18
N LEU A 165 -9.70 10.96 -16.23
CA LEU A 165 -10.53 10.77 -17.43
C LEU A 165 -10.09 9.55 -18.24
N VAL A 166 -8.79 9.30 -18.36
CA VAL A 166 -8.35 8.15 -19.16
C VAL A 166 -8.70 6.84 -18.46
N SER A 167 -8.68 6.82 -17.13
CA SER A 167 -9.04 5.61 -16.40
C SER A 167 -10.54 5.40 -16.27
N SER A 168 -11.35 6.25 -16.89
CA SER A 168 -12.79 6.05 -16.95
C SER A 168 -13.17 5.06 -18.06
N GLN A 178 -11.80 2.48 -26.43
CA GLN A 178 -10.81 2.85 -25.42
C GLN A 178 -10.57 4.36 -25.31
N THR A 179 -10.46 4.82 -24.08
CA THR A 179 -10.47 6.25 -23.79
C THR A 179 -9.18 6.91 -24.27
N ARG A 180 -9.32 7.95 -25.10
CA ARG A 180 -8.21 8.80 -25.52
C ARG A 180 -8.54 10.26 -25.21
N VAL A 181 -7.59 10.95 -24.59
CA VAL A 181 -7.75 12.34 -24.19
C VAL A 181 -6.84 13.22 -25.04
N LEU A 182 -7.38 14.35 -25.52
CA LEU A 182 -6.60 15.39 -26.19
C LEU A 182 -6.44 16.57 -25.23
N TYR A 183 -5.19 16.90 -24.93
CA TYR A 183 -4.86 18.06 -24.09
C TYR A 183 -4.38 19.19 -25.00
N VAL A 184 -5.03 20.35 -24.89
CA VAL A 184 -4.69 21.53 -25.70
C VAL A 184 -4.29 22.62 -24.73
N ASP A 185 -3.07 23.15 -24.92
CA ASP A 185 -2.47 24.12 -24.00
C ASP A 185 -2.23 25.42 -24.75
N LEU A 186 -3.06 26.44 -24.48
CA LEU A 186 -2.98 27.75 -25.14
C LEU A 186 -2.17 28.77 -24.35
N ASP A 187 -1.69 28.41 -23.16
CA ASP A 187 -0.85 29.28 -22.35
C ASP A 187 0.36 29.80 -23.13
N LEU A 188 0.83 30.99 -22.75
CA LEU A 188 2.05 31.55 -23.31
C LEU A 188 3.25 30.62 -23.14
N HIS A 189 3.27 29.85 -22.04
CA HIS A 189 4.38 28.98 -21.73
C HIS A 189 4.08 27.56 -22.20
N HIS A 190 5.15 26.84 -22.52
CA HIS A 190 5.06 25.41 -22.81
C HIS A 190 4.54 24.66 -21.59
N GLY A 191 3.53 23.81 -21.80
CA GLY A 191 3.03 22.99 -20.72
C GLY A 191 3.89 21.75 -20.52
N ASP A 192 5.08 21.91 -19.94
CA ASP A 192 6.04 20.81 -19.93
C ASP A 192 5.62 19.71 -18.96
N GLY A 193 5.03 20.05 -17.82
CA GLY A 193 4.70 19.03 -16.84
C GLY A 193 3.64 18.06 -17.32
N VAL A 194 2.57 18.59 -17.92
CA VAL A 194 1.55 17.74 -18.54
C VAL A 194 2.16 16.92 -19.68
N GLU A 195 2.94 17.58 -20.55
CA GLU A 195 3.65 16.86 -21.60
C GLU A 195 4.52 15.74 -21.02
N GLU A 196 5.30 16.07 -19.99
CA GLU A 196 6.19 15.08 -19.39
C GLU A 196 5.42 13.93 -18.77
N ALA A 197 4.31 14.23 -18.10
CA ALA A 197 3.53 13.19 -17.40
C ALA A 197 3.08 12.10 -18.35
N PHE A 198 2.68 12.45 -19.56
CA PHE A 198 2.14 11.48 -20.51
C PHE A 198 3.08 11.22 -21.68
N TRP A 199 4.38 11.41 -21.44
CA TRP A 199 5.42 11.21 -22.46
C TRP A 199 5.43 9.80 -23.02
N TYR A 200 5.15 8.79 -22.18
CA TYR A 200 5.20 7.41 -22.62
C TYR A 200 3.81 6.84 -22.93
N SER A 201 2.79 7.68 -22.99
CA SER A 201 1.42 7.23 -23.12
C SER A 201 0.79 7.70 -24.41
N PRO A 202 0.39 6.81 -25.33
CA PRO A 202 -0.30 7.25 -26.54
C PRO A 202 -1.77 7.64 -26.33
N ARG A 203 -2.38 7.31 -25.18
CA ARG A 203 -3.80 7.60 -24.99
C ARG A 203 -4.06 9.06 -24.61
N VAL A 204 -3.04 9.82 -24.24
CA VAL A 204 -3.15 11.24 -23.93
C VAL A 204 -2.24 11.96 -24.91
N VAL A 205 -2.83 12.58 -25.92
CA VAL A 205 -2.07 13.33 -26.90
C VAL A 205 -2.04 14.77 -26.47
N THR A 206 -0.83 15.34 -26.34
CA THR A 206 -0.64 16.68 -25.82
C THR A 206 -0.23 17.61 -26.95
N PHE A 207 -0.83 18.79 -26.98
CA PHE A 207 -0.50 19.82 -27.96
C PHE A 207 -0.42 21.14 -27.20
N SER A 208 0.75 21.76 -27.22
CA SER A 208 0.97 23.07 -26.63
C SER A 208 1.48 23.99 -27.72
N VAL A 209 0.89 25.19 -27.82
CA VAL A 209 1.42 26.30 -28.59
C VAL A 209 1.84 27.37 -27.60
N HIS A 210 2.96 28.05 -27.88
CA HIS A 210 3.59 28.87 -26.86
C HIS A 210 4.68 29.69 -27.49
N HIS A 211 5.11 30.71 -26.76
CA HIS A 211 6.38 31.34 -27.09
C HIS A 211 7.52 30.44 -26.67
N ALA A 212 8.57 30.39 -27.50
CA ALA A 212 9.82 29.76 -27.12
C ALA A 212 10.96 30.57 -27.71
N SER A 213 11.98 30.83 -26.90
CA SER A 213 13.11 31.63 -27.32
C SER A 213 14.19 31.45 -26.27
N PRO A 214 15.46 31.71 -26.62
CA PRO A 214 16.53 31.30 -25.72
C PRO A 214 16.43 32.05 -24.39
N GLY A 215 16.45 31.28 -23.30
CA GLY A 215 16.34 31.81 -21.96
C GLY A 215 14.94 32.02 -21.43
N PHE A 216 13.90 31.69 -22.20
CA PHE A 216 12.52 31.98 -21.82
C PHE A 216 11.93 30.76 -21.13
N PHE A 217 11.26 30.98 -20.01
CA PHE A 217 10.69 29.88 -19.21
C PHE A 217 9.72 29.04 -20.03
N PRO A 218 9.71 27.68 -19.83
CA PRO A 218 10.63 26.87 -19.03
C PRO A 218 11.72 26.24 -19.84
N GLY A 219 11.77 26.54 -21.15
CA GLY A 219 12.88 26.18 -21.99
C GLY A 219 12.57 25.15 -23.04
N THR A 220 11.56 24.32 -22.82
CA THR A 220 11.23 23.21 -23.69
C THR A 220 10.16 23.58 -24.73
N GLY A 221 9.64 22.58 -25.43
CA GLY A 221 8.63 22.80 -26.42
C GLY A 221 9.16 23.34 -27.73
N THR A 222 10.40 22.98 -28.09
CA THR A 222 11.04 23.54 -29.26
C THR A 222 12.22 22.65 -29.64
N TRP A 223 12.93 23.05 -30.71
CA TRP A 223 14.05 22.25 -31.23
C TRP A 223 15.01 21.89 -30.12
N ASN A 224 15.48 20.65 -30.13
CA ASN A 224 16.12 20.11 -28.94
C ASN A 224 17.60 19.80 -29.12
N PRO A 232 19.73 19.83 -34.46
CA PRO A 232 18.62 19.71 -33.51
C PRO A 232 17.33 19.21 -34.17
N ILE A 233 16.53 18.46 -33.40
CA ILE A 233 15.22 17.99 -33.84
C ILE A 233 14.23 18.10 -32.68
N PHE A 234 12.95 17.90 -33.00
CA PHE A 234 11.89 17.88 -32.01
C PHE A 234 11.72 16.50 -31.38
N LEU A 235 11.88 16.41 -30.07
CA LEU A 235 11.39 15.25 -29.34
C LEU A 235 9.86 15.29 -29.29
N ASN A 236 9.24 14.10 -29.20
CA ASN A 236 7.79 14.06 -29.29
C ASN A 236 7.17 12.86 -28.60
N GLY A 237 7.83 12.31 -27.59
CA GLY A 237 7.32 11.12 -26.93
C GLY A 237 8.32 9.98 -27.03
N ALA A 238 8.20 8.97 -26.18
CA ALA A 238 9.10 7.82 -26.19
C ALA A 238 8.28 6.56 -25.93
N GLY A 239 8.89 5.41 -26.21
CA GLY A 239 8.17 4.15 -26.15
C GLY A 239 6.94 4.14 -27.05
N ARG A 240 5.84 3.63 -26.50
CA ARG A 240 4.59 3.63 -27.24
C ARG A 240 3.98 5.02 -27.31
N GLY A 241 4.53 5.99 -26.57
CA GLY A 241 4.10 7.36 -26.70
C GLY A 241 4.79 8.16 -27.78
N ARG A 242 5.65 7.53 -28.57
CA ARG A 242 6.37 8.25 -29.62
C ARG A 242 5.39 8.91 -30.57
N PHE A 243 5.70 10.14 -30.95
CA PHE A 243 4.88 11.01 -31.81
C PHE A 243 3.61 11.52 -31.16
N SER A 244 3.45 11.37 -29.83
CA SER A 244 2.21 11.73 -29.14
C SER A 244 2.29 13.02 -28.33
N ALA A 245 3.41 13.75 -28.36
CA ALA A 245 3.54 15.08 -27.78
C ALA A 245 3.80 16.08 -28.90
N PHE A 246 2.87 17.02 -29.10
CA PHE A 246 2.93 17.97 -30.20
C PHE A 246 3.26 19.36 -29.65
N ASN A 247 4.12 20.08 -30.37
CA ASN A 247 4.50 21.42 -29.97
C ASN A 247 4.52 22.37 -31.16
N LEU A 248 3.97 23.56 -30.95
CA LEU A 248 4.07 24.67 -31.91
C LEU A 248 4.66 25.87 -31.17
N PRO A 249 5.98 26.08 -31.28
CA PRO A 249 6.57 27.29 -30.69
C PRO A 249 6.49 28.46 -31.66
N LEU A 250 6.20 29.65 -31.12
CA LEU A 250 5.98 30.84 -31.96
C LEU A 250 6.82 32.02 -31.50
N GLU A 251 7.22 32.85 -32.46
CA GLU A 251 8.02 34.03 -32.17
C GLU A 251 7.15 35.14 -31.55
N GLU A 252 7.80 36.06 -30.84
CA GLU A 252 7.06 37.11 -30.14
C GLU A 252 6.32 38.00 -31.13
N GLY A 253 5.28 38.66 -30.60
CA GLY A 253 4.55 39.68 -31.35
C GLY A 253 3.38 39.17 -32.17
N ILE A 254 3.10 37.85 -32.15
CA ILE A 254 2.08 37.28 -33.02
C ILE A 254 0.71 37.76 -32.58
N ASN A 255 -0.21 37.91 -33.54
CA ASN A 255 -1.53 38.50 -33.31
C ASN A 255 -2.63 37.45 -33.39
N ASP A 256 -3.87 37.89 -33.15
CA ASP A 256 -4.99 36.96 -33.07
C ASP A 256 -5.12 36.11 -34.33
N LEU A 257 -5.04 36.75 -35.50
CA LEU A 257 -5.30 36.07 -36.77
C LEU A 257 -4.14 35.16 -37.18
N ASP A 258 -2.89 35.60 -36.97
CA ASP A 258 -1.77 34.72 -37.27
C ASP A 258 -1.73 33.53 -36.31
N TRP A 259 -1.96 33.77 -35.02
CA TRP A 259 -2.06 32.69 -34.04
C TRP A 259 -3.17 31.72 -34.40
N SER A 260 -4.35 32.26 -34.79
CA SER A 260 -5.50 31.43 -35.11
C SER A 260 -5.22 30.53 -36.29
N ASN A 261 -4.71 31.13 -37.38
CA ASN A 261 -4.31 30.36 -38.56
C ASN A 261 -3.20 29.36 -38.22
N ALA A 262 -2.33 29.70 -37.28
CA ALA A 262 -1.26 28.78 -36.89
C ALA A 262 -1.82 27.50 -36.25
N ILE A 263 -2.73 27.64 -35.28
CA ILE A 263 -3.20 26.46 -34.55
C ILE A 263 -4.46 25.83 -35.13
N GLY A 264 -5.27 26.59 -35.87
CA GLY A 264 -6.55 26.14 -36.38
C GLY A 264 -6.51 24.80 -37.09
N PRO A 265 -5.67 24.69 -38.12
CA PRO A 265 -5.50 23.39 -38.81
C PRO A 265 -4.92 22.28 -37.94
N ILE A 266 -4.03 22.59 -36.99
CA ILE A 266 -3.50 21.54 -36.13
C ILE A 266 -4.60 20.98 -35.22
N LEU A 267 -5.48 21.84 -34.70
CA LEU A 267 -6.54 21.35 -33.82
C LEU A 267 -7.47 20.41 -34.58
N ASP A 268 -7.93 20.83 -35.77
CA ASP A 268 -8.83 20.03 -36.60
C ASP A 268 -8.21 18.67 -36.93
N SER A 269 -6.95 18.66 -37.34
CA SER A 269 -6.30 17.40 -37.68
C SER A 269 -6.21 16.45 -36.47
N LEU A 270 -5.91 17.00 -35.28
CA LEU A 270 -5.83 16.15 -34.10
C LEU A 270 -7.18 15.52 -33.80
N ASN A 271 -8.25 16.28 -33.98
CA ASN A 271 -9.59 15.74 -33.75
C ASN A 271 -9.89 14.60 -34.73
N ILE A 272 -9.78 14.88 -36.03
CA ILE A 272 -10.08 13.89 -37.06
C ILE A 272 -9.31 12.59 -36.82
N VAL A 273 -8.02 12.69 -36.50
CA VAL A 273 -7.16 11.51 -36.41
C VAL A 273 -7.26 10.83 -35.04
N ILE A 274 -7.22 11.59 -33.94
CA ILE A 274 -7.23 10.95 -32.63
C ILE A 274 -8.64 10.54 -32.20
N GLN A 275 -9.67 11.20 -32.72
CA GLN A 275 -11.06 11.10 -32.27
C GLN A 275 -11.10 10.98 -30.76
N PRO A 276 -10.80 12.05 -30.03
CA PRO A 276 -10.62 11.93 -28.58
C PRO A 276 -11.92 11.68 -27.85
N SER A 277 -11.81 11.01 -26.71
CA SER A 277 -12.98 10.79 -25.85
C SER A 277 -13.24 12.01 -24.97
N TYR A 278 -12.18 12.72 -24.55
CA TYR A 278 -12.34 14.00 -23.87
C TYR A 278 -11.31 14.98 -24.42
N VAL A 279 -11.63 16.26 -24.28
CA VAL A 279 -10.69 17.34 -24.59
C VAL A 279 -10.47 18.16 -23.34
N VAL A 280 -9.20 18.37 -22.98
CA VAL A 280 -8.81 19.18 -21.83
C VAL A 280 -8.02 20.38 -22.34
N VAL A 281 -8.52 21.58 -22.07
CA VAL A 281 -8.01 22.83 -22.63
C VAL A 281 -7.53 23.73 -21.51
N GLN A 282 -6.22 23.98 -21.48
CA GLN A 282 -5.64 24.97 -20.57
C GLN A 282 -5.69 26.32 -21.28
N CYS A 283 -6.28 27.33 -20.62
CA CYS A 283 -6.57 28.62 -21.26
CA CYS A 283 -6.57 28.62 -21.24
C CYS A 283 -5.85 29.78 -20.57
N GLY A 284 -4.54 29.67 -20.39
CA GLY A 284 -3.79 30.74 -19.75
C GLY A 284 -3.86 32.03 -20.55
N ALA A 285 -4.07 33.13 -19.84
CA ALA A 285 -4.34 34.41 -20.48
C ALA A 285 -3.09 35.26 -20.62
N ASP A 286 -1.90 34.68 -20.47
CA ASP A 286 -0.70 35.50 -20.59
C ASP A 286 -0.27 35.71 -22.04
N CYS A 287 -1.03 35.22 -23.00
CA CYS A 287 -0.80 35.61 -24.38
C CYS A 287 -1.45 36.94 -24.73
N LEU A 288 -2.25 37.53 -23.83
CA LEU A 288 -2.91 38.79 -24.12
C LEU A 288 -1.91 39.91 -24.39
N ALA A 289 -2.25 40.80 -25.33
CA ALA A 289 -1.42 41.98 -25.60
C ALA A 289 -1.14 42.77 -24.32
N THR A 290 -2.07 42.78 -23.37
CA THR A 290 -1.91 43.62 -22.19
C THR A 290 -1.29 42.87 -21.00
N ASP A 291 -0.96 41.60 -21.15
CA ASP A 291 -0.24 40.90 -20.10
C ASP A 291 1.15 41.54 -19.90
N PRO A 292 1.63 41.63 -18.65
CA PRO A 292 2.96 42.22 -18.43
C PRO A 292 4.12 41.45 -19.08
N HIS A 293 3.94 40.19 -19.46
CA HIS A 293 4.94 39.54 -20.29
C HIS A 293 5.16 40.30 -21.59
N ARG A 294 4.09 40.82 -22.18
CA ARG A 294 4.13 41.61 -23.41
C ARG A 294 4.92 40.87 -24.49
N ILE A 295 4.48 39.65 -24.77
CA ILE A 295 5.10 38.78 -25.76
C ILE A 295 4.17 38.56 -26.95
N PHE A 296 2.95 38.10 -26.70
CA PHE A 296 1.98 37.94 -27.78
C PHE A 296 1.01 39.13 -27.78
N ARG A 297 0.25 39.23 -28.87
CA ARG A 297 -0.68 40.34 -29.05
C ARG A 297 -2.12 39.85 -29.23
N LEU A 298 -2.48 38.77 -28.55
CA LEU A 298 -3.84 38.27 -28.63
C LEU A 298 -4.80 39.18 -27.84
N THR A 299 -6.07 39.14 -28.21
CA THR A 299 -7.05 39.94 -27.48
C THR A 299 -8.18 39.08 -26.94
N ASN A 300 -9.20 39.74 -26.38
CA ASN A 300 -10.46 39.12 -26.02
C ASN A 300 -11.61 39.60 -26.91
N PHE A 301 -11.31 40.04 -28.13
CA PHE A 301 -12.32 40.68 -28.98
C PHE A 301 -13.21 39.64 -29.64
N TYR A 302 -14.54 39.86 -29.59
CA TYR A 302 -15.54 39.02 -30.22
C TYR A 302 -16.37 39.93 -31.12
N PRO A 303 -15.93 40.20 -32.36
CA PRO A 303 -16.56 41.20 -33.24
C PRO A 303 -18.03 40.91 -33.58
N LEU A 317 -10.98 39.05 -33.99
CA LEU A 317 -11.46 37.97 -33.13
C LEU A 317 -10.34 37.34 -32.30
N SER A 318 -10.52 37.35 -30.98
CA SER A 318 -9.63 36.70 -30.02
C SER A 318 -9.21 35.32 -30.48
N GLY A 319 -7.88 35.11 -30.57
CA GLY A 319 -7.38 33.76 -30.81
C GLY A 319 -7.94 32.74 -29.83
N TYR A 320 -8.12 33.16 -28.57
CA TYR A 320 -8.65 32.27 -27.56
C TYR A 320 -10.07 31.83 -27.88
N LEU A 321 -10.93 32.77 -28.24
CA LEU A 321 -12.32 32.43 -28.53
C LEU A 321 -12.42 31.59 -29.81
N TYR A 322 -11.64 31.94 -30.84
CA TYR A 322 -11.56 31.11 -32.05
C TYR A 322 -11.23 29.66 -31.72
N ALA A 323 -10.25 29.42 -30.86
CA ALA A 323 -9.85 28.04 -30.60
C ALA A 323 -10.87 27.32 -29.73
N ILE A 324 -11.37 28.01 -28.72
CA ILE A 324 -12.39 27.39 -27.85
C ILE A 324 -13.63 27.05 -28.67
N LYS A 325 -14.04 27.97 -29.56
CA LYS A 325 -15.22 27.71 -30.39
C LYS A 325 -14.97 26.55 -31.36
N LYS A 326 -13.80 26.51 -31.98
CA LYS A 326 -13.42 25.35 -32.77
C LYS A 326 -13.50 24.06 -31.95
N ILE A 327 -12.87 24.03 -30.76
CA ILE A 327 -12.83 22.84 -29.93
C ILE A 327 -14.25 22.43 -29.50
N LEU A 328 -15.08 23.41 -29.14
CA LEU A 328 -16.45 23.09 -28.72
C LEU A 328 -17.34 22.62 -29.88
N SER A 329 -17.06 23.07 -31.11
CA SER A 329 -17.85 22.61 -32.26
C SER A 329 -17.69 21.12 -32.50
N TRP A 330 -16.70 20.48 -31.88
CA TRP A 330 -16.44 19.06 -32.06
C TRP A 330 -17.40 18.18 -31.27
N LYS A 331 -18.08 18.74 -30.27
CA LYS A 331 -19.08 18.06 -29.44
C LYS A 331 -18.46 16.90 -28.61
N VAL A 332 -17.22 17.07 -28.16
CA VAL A 332 -16.56 16.10 -27.27
C VAL A 332 -16.63 16.68 -25.85
N PRO A 333 -16.92 15.89 -24.83
CA PRO A 333 -16.95 16.44 -23.47
C PRO A 333 -15.61 17.08 -23.12
N THR A 334 -15.67 18.30 -22.59
CA THR A 334 -14.50 19.16 -22.55
C THR A 334 -14.29 19.79 -21.17
N LEU A 335 -13.03 19.83 -20.75
CA LEU A 335 -12.59 20.45 -19.52
C LEU A 335 -11.86 21.74 -19.91
N ILE A 336 -12.33 22.89 -19.41
CA ILE A 336 -11.67 24.17 -19.66
C ILE A 336 -11.03 24.66 -18.36
N LEU A 337 -9.73 24.96 -18.41
CA LEU A 337 -9.00 25.31 -17.21
C LEU A 337 -8.30 26.66 -17.38
N GLY A 338 -7.99 27.29 -16.26
CA GLY A 338 -7.23 28.53 -16.28
C GLY A 338 -5.74 28.33 -16.52
N GLY A 339 -4.94 29.08 -15.81
CA GLY A 339 -3.52 28.96 -15.98
C GLY A 339 -2.89 30.31 -15.72
N GLY A 340 -1.89 30.62 -16.54
CA GLY A 340 -1.24 31.90 -16.47
C GLY A 340 -2.21 33.04 -16.75
N GLY A 341 -1.72 34.25 -16.47
CA GLY A 341 -2.50 35.47 -16.63
C GLY A 341 -2.27 36.43 -15.50
N TYR A 342 -1.45 37.45 -15.75
CA TYR A 342 -0.88 38.29 -14.69
C TYR A 342 -1.37 39.72 -14.72
N ASN A 343 -2.20 40.09 -15.68
CA ASN A 343 -3.02 41.30 -15.61
C ASN A 343 -4.41 40.82 -15.19
N PHE A 344 -4.77 41.00 -13.91
CA PHE A 344 -5.94 40.30 -13.38
C PHE A 344 -7.25 40.77 -14.00
N PRO A 345 -7.53 42.09 -14.12
CA PRO A 345 -8.82 42.49 -14.73
C PRO A 345 -8.92 42.07 -16.18
N ASP A 346 -7.79 42.09 -16.91
CA ASP A 346 -7.82 41.67 -18.30
C ASP A 346 -7.94 40.15 -18.45
N THR A 347 -7.39 39.37 -17.51
CA THR A 347 -7.69 37.94 -17.51
C THR A 347 -9.16 37.69 -17.22
N ALA A 348 -9.74 38.47 -16.30
CA ALA A 348 -11.17 38.39 -16.03
C ALA A 348 -12.00 38.72 -17.27
N ARG A 349 -11.57 39.72 -18.06
CA ARG A 349 -12.30 40.06 -19.27
C ARG A 349 -12.30 38.91 -20.27
N LEU A 350 -11.15 38.27 -20.47
CA LEU A 350 -11.09 37.17 -21.42
C LEU A 350 -11.88 35.97 -20.90
N TRP A 351 -11.70 35.64 -19.62
CA TRP A 351 -12.32 34.41 -19.12
C TRP A 351 -13.82 34.58 -18.99
N THR A 352 -14.31 35.81 -18.81
CA THR A 352 -15.75 36.02 -18.84
C THR A 352 -16.29 35.77 -20.23
N ARG A 353 -15.59 36.27 -21.26
CA ARG A 353 -16.02 36.01 -22.63
C ARG A 353 -15.95 34.52 -22.98
N VAL A 354 -14.90 33.84 -22.54
CA VAL A 354 -14.81 32.40 -22.76
C VAL A 354 -16.01 31.69 -22.14
N THR A 355 -16.42 32.12 -20.96
CA THR A 355 -17.54 31.47 -20.28
C THR A 355 -18.85 31.66 -21.04
N ALA A 356 -19.20 32.92 -21.33
CA ALA A 356 -20.40 33.21 -22.11
C ALA A 356 -20.43 32.42 -23.42
N LEU A 357 -19.30 32.39 -24.13
CA LEU A 357 -19.24 31.63 -25.38
C LEU A 357 -19.51 30.14 -25.15
N THR A 358 -18.96 29.57 -24.08
CA THR A 358 -19.18 28.15 -23.83
C THR A 358 -20.65 27.89 -23.58
N ILE A 359 -21.31 28.74 -22.79
CA ILE A 359 -22.77 28.67 -22.62
C ILE A 359 -23.47 28.72 -23.97
N GLU A 360 -23.12 29.73 -24.77
CA GLU A 360 -23.77 29.92 -26.07
C GLU A 360 -23.57 28.71 -26.97
N GLU A 361 -22.32 28.25 -27.12
CA GLU A 361 -22.01 27.13 -28.00
C GLU A 361 -22.59 25.80 -27.52
N VAL A 362 -22.82 25.63 -26.22
CA VAL A 362 -23.29 24.37 -25.69
C VAL A 362 -24.82 24.32 -25.61
N LYS A 363 -25.44 25.33 -24.99
CA LYS A 363 -26.89 25.36 -24.85
C LYS A 363 -27.62 25.88 -26.08
N GLY A 364 -26.92 26.48 -27.05
CA GLY A 364 -27.56 27.00 -28.25
C GLY A 364 -28.37 28.26 -28.03
N LYS A 365 -27.91 29.13 -27.14
CA LYS A 365 -28.75 30.14 -26.51
C LYS A 365 -27.94 31.42 -26.38
N LYS A 366 -28.34 32.48 -27.10
CA LYS A 366 -27.48 33.65 -27.26
C LYS A 366 -27.18 34.29 -25.91
N MET A 367 -25.95 34.79 -25.76
CA MET A 367 -25.48 35.47 -24.53
C MET A 367 -25.03 36.87 -24.93
N THR A 368 -25.82 37.87 -24.58
CA THR A 368 -25.54 39.25 -24.97
C THR A 368 -24.82 39.92 -23.82
N ILE A 369 -23.55 40.24 -24.03
CA ILE A 369 -22.69 40.78 -22.99
C ILE A 369 -22.48 42.26 -23.26
N SER A 370 -22.84 43.10 -22.29
CA SER A 370 -22.69 44.53 -22.45
C SER A 370 -21.23 44.89 -22.68
N PRO A 371 -20.93 45.80 -23.61
CA PRO A 371 -19.55 46.29 -23.77
C PRO A 371 -19.02 47.06 -22.57
N GLU A 372 -19.90 47.54 -21.69
CA GLU A 372 -19.42 48.19 -20.48
C GLU A 372 -19.41 47.18 -19.33
N ILE A 373 -18.47 47.38 -18.41
CA ILE A 373 -18.40 46.56 -17.20
C ILE A 373 -19.59 46.91 -16.31
N PRO A 374 -20.42 45.93 -15.92
CA PRO A 374 -21.50 46.23 -14.99
C PRO A 374 -20.93 46.63 -13.64
N GLU A 375 -21.74 47.38 -12.88
CA GLU A 375 -21.32 47.75 -11.54
C GLU A 375 -21.35 46.52 -10.63
N HIS A 376 -20.38 46.46 -9.72
CA HIS A 376 -20.24 45.37 -8.76
C HIS A 376 -19.05 45.64 -7.84
N SER A 377 -18.76 44.70 -6.95
CA SER A 377 -17.80 44.95 -5.87
C SER A 377 -16.42 45.34 -6.39
N TYR A 378 -16.00 44.80 -7.53
CA TYR A 378 -14.65 45.02 -8.04
C TYR A 378 -14.60 45.99 -9.23
N PHE A 379 -15.67 46.77 -9.41
CA PHE A 379 -15.82 47.61 -10.60
C PHE A 379 -14.66 48.60 -10.76
N SER A 380 -14.14 49.13 -9.64
CA SER A 380 -13.06 50.11 -9.75
C SER A 380 -11.82 49.53 -10.44
N ARG A 381 -11.59 48.22 -10.32
CA ARG A 381 -10.42 47.60 -10.94
C ARG A 381 -10.43 47.69 -12.48
N TYR A 382 -11.59 47.95 -13.09
CA TYR A 382 -11.70 47.96 -14.54
C TYR A 382 -11.51 49.35 -15.14
N GLY A 383 -11.11 50.33 -14.34
CA GLY A 383 -10.87 51.66 -14.83
C GLY A 383 -9.63 51.77 -15.71
N PRO A 384 -9.39 52.96 -16.28
CA PRO A 384 -10.28 54.11 -16.10
C PRO A 384 -11.43 54.14 -17.09
N ASP A 385 -11.49 53.17 -18.01
CA ASP A 385 -12.51 53.15 -19.07
C ASP A 385 -13.65 52.16 -18.82
N PHE A 386 -13.44 51.11 -18.02
CA PHE A 386 -14.53 50.26 -17.53
C PHE A 386 -15.26 49.53 -18.66
N GLU A 387 -14.51 49.08 -19.66
CA GLU A 387 -15.08 48.41 -20.82
C GLU A 387 -14.57 46.98 -20.90
N LEU A 388 -15.37 46.11 -21.57
CA LEU A 388 -15.08 44.68 -21.58
C LEU A 388 -13.92 44.33 -22.52
N ASP A 389 -13.92 44.90 -23.73
CA ASP A 389 -12.74 44.86 -24.60
C ASP A 389 -11.50 45.29 -23.82
N ILE A 390 -10.41 44.53 -23.97
CA ILE A 390 -9.15 45.00 -23.40
C ILE A 390 -8.67 46.21 -24.20
N ASP A 391 -7.90 47.06 -23.53
CA ASP A 391 -7.51 48.38 -24.02
C ASP A 391 -6.26 48.21 -24.87
N TYR A 392 -6.47 47.97 -26.17
CA TYR A 392 -5.33 47.68 -27.04
C TYR A 392 -5.70 47.94 -28.49
N PHE A 393 -4.82 48.65 -29.21
CA PHE A 393 -5.06 48.89 -30.63
C PHE A 393 -4.18 47.98 -31.48
N PRO A 394 -4.74 47.01 -32.20
CA PRO A 394 -3.97 46.08 -33.01
C PRO A 394 -3.52 46.69 -34.33
N ASP A 403 5.41 31.13 -42.62
CA ASP A 403 6.50 30.54 -43.39
C ASP A 403 7.40 29.63 -42.52
N SER A 404 7.87 30.22 -41.42
CA SER A 404 8.30 29.42 -40.27
C SER A 404 7.18 28.47 -39.85
N ILE A 405 5.94 28.98 -39.91
CA ILE A 405 4.75 28.25 -39.50
C ILE A 405 4.40 27.17 -40.52
N GLN A 406 4.69 27.41 -41.80
CA GLN A 406 4.49 26.39 -42.83
C GLN A 406 5.45 25.22 -42.63
N LYS A 407 6.70 25.51 -42.25
CA LYS A 407 7.64 24.45 -41.89
C LYS A 407 7.13 23.63 -40.70
N HIS A 408 6.56 24.29 -39.69
CA HIS A 408 6.01 23.59 -38.52
C HIS A 408 4.75 22.80 -38.85
N HIS A 409 3.92 23.31 -39.75
CA HIS A 409 2.76 22.55 -40.19
C HIS A 409 3.16 21.27 -40.90
N ARG A 410 4.19 21.34 -41.76
CA ARG A 410 4.61 20.13 -42.45
C ARG A 410 5.25 19.14 -41.48
N ARG A 411 6.06 19.64 -40.54
CA ARG A 411 6.60 18.78 -39.49
C ARG A 411 5.48 18.14 -38.67
N ILE A 412 4.45 18.92 -38.32
CA ILE A 412 3.40 18.41 -37.44
C ILE A 412 2.49 17.44 -38.19
N LEU A 413 2.24 17.70 -39.48
CA LEU A 413 1.43 16.78 -40.26
C LEU A 413 2.13 15.44 -40.44
N GLU A 414 3.46 15.47 -40.65
CA GLU A 414 4.20 14.22 -40.74
C GLU A 414 4.18 13.45 -39.41
N GLN A 415 4.31 14.17 -38.28
CA GLN A 415 4.29 13.53 -36.96
C GLN A 415 2.92 12.94 -36.65
N LEU A 416 1.86 13.60 -37.11
CA LEU A 416 0.52 13.04 -36.96
C LEU A 416 0.41 11.72 -37.72
N ARG A 417 0.97 11.69 -38.93
CA ARG A 417 0.96 10.47 -39.73
C ARG A 417 1.73 9.35 -39.03
N ASN A 418 2.90 9.67 -38.48
CA ASN A 418 3.66 8.69 -37.70
C ASN A 418 2.86 8.22 -36.50
N TYR A 419 2.13 9.14 -35.87
CA TYR A 419 1.38 8.76 -34.67
C TYR A 419 0.29 7.77 -35.02
N ALA A 420 -0.56 8.14 -35.98
CA ALA A 420 -1.66 7.28 -36.42
C ALA A 420 -1.14 5.95 -36.97
N ASP A 421 -0.02 5.96 -37.70
CA ASP A 421 0.53 4.70 -38.19
C ASP A 421 1.06 3.83 -37.05
N LEU A 422 1.75 4.44 -36.08
CA LEU A 422 2.25 3.64 -34.96
C LEU A 422 1.11 3.10 -34.12
N ASN A 423 0.01 3.83 -34.05
CA ASN A 423 -1.13 3.45 -33.24
C ASN A 423 -2.23 2.79 -34.05
N LYS A 424 -1.92 2.40 -35.29
CA LYS A 424 -2.83 1.73 -36.21
C LYS A 424 -4.21 2.37 -36.19
N LEU A 425 -4.23 3.70 -36.30
CA LEU A 425 -5.46 4.45 -36.42
C LEU A 425 -5.74 4.72 -37.89
N ILE A 426 -6.99 4.57 -38.28
CA ILE A 426 -7.40 4.70 -39.67
C ILE A 426 -7.81 6.15 -39.92
N TYR A 427 -7.30 6.73 -41.00
CA TYR A 427 -7.66 8.12 -41.28
C TYR A 427 -7.29 8.48 -42.72
N ASP A 428 -8.09 9.36 -43.29
CA ASP A 428 -7.93 9.81 -44.67
C ASP A 428 -6.79 10.82 -44.72
N TYR A 429 -5.60 10.38 -45.16
CA TYR A 429 -4.45 11.28 -45.19
C TYR A 429 -4.74 12.50 -46.03
N ASP A 430 -5.32 12.31 -47.21
CA ASP A 430 -5.56 13.46 -48.09
C ASP A 430 -6.57 14.43 -47.47
N GLN A 431 -7.65 13.91 -46.87
CA GLN A 431 -8.59 14.79 -46.17
C GLN A 431 -7.89 15.66 -45.11
N VAL A 432 -6.90 15.10 -44.41
CA VAL A 432 -6.21 15.86 -43.38
C VAL A 432 -5.30 16.92 -44.00
N TYR A 433 -4.45 16.50 -44.94
CA TYR A 433 -3.47 17.41 -45.54
C TYR A 433 -4.11 18.66 -46.13
N GLN A 434 -5.40 18.64 -46.47
CA GLN A 434 -6.09 19.81 -47.03
C GLN A 434 -6.17 20.96 -46.01
N SER B 3 -37.53 11.68 33.83
CA SER B 3 -38.11 11.21 32.58
C SER B 3 -37.16 11.40 31.40
N VAL B 4 -36.68 10.29 30.85
CA VAL B 4 -35.88 10.25 29.64
C VAL B 4 -36.80 9.95 28.46
N GLY B 5 -36.86 10.86 27.50
CA GLY B 5 -37.67 10.67 26.32
C GLY B 5 -36.87 10.14 25.14
N ILE B 6 -37.57 9.52 24.20
CA ILE B 6 -36.91 9.06 22.98
C ILE B 6 -37.90 9.21 21.84
N VAL B 7 -37.46 9.81 20.74
CA VAL B 7 -38.35 10.04 19.59
C VAL B 7 -38.50 8.77 18.79
N TYR B 8 -39.74 8.31 18.63
CA TYR B 8 -40.01 7.12 17.86
C TYR B 8 -41.48 7.13 17.42
N GLY B 9 -41.75 6.41 16.33
CA GLY B 9 -43.09 6.19 15.83
C GLY B 9 -42.99 5.32 14.59
N ASP B 10 -44.13 4.69 14.23
CA ASP B 10 -44.12 3.74 13.12
C ASP B 10 -43.78 4.42 11.79
N GLN B 11 -44.53 5.45 11.44
CA GLN B 11 -44.23 6.20 10.23
C GLN B 11 -42.84 6.82 10.29
N TYR B 12 -42.44 7.27 11.49
CA TYR B 12 -41.12 7.87 11.70
C TYR B 12 -40.01 6.87 11.35
N ARG B 13 -40.13 5.65 11.86
CA ARG B 13 -39.16 4.63 11.50
C ARG B 13 -39.09 4.45 9.99
N GLN B 14 -40.25 4.37 9.33
CA GLN B 14 -40.29 4.16 7.89
C GLN B 14 -39.56 5.28 7.15
N LEU B 15 -39.85 6.54 7.51
CA LEU B 15 -39.23 7.67 6.82
C LEU B 15 -37.73 7.75 7.09
N CYS B 16 -37.33 7.51 8.35
CA CYS B 16 -35.92 7.52 8.71
C CYS B 16 -35.15 6.39 8.03
N CYS B 17 -35.84 5.35 7.55
CA CYS B 17 -35.21 4.20 6.90
C CYS B 17 -35.30 4.23 5.38
N SER B 18 -35.69 5.35 4.80
CA SER B 18 -36.03 5.41 3.38
C SER B 18 -34.98 6.12 2.55
N SER B 19 -33.76 6.50 3.15
CA SER B 19 -32.77 7.17 2.31
C SER B 19 -31.74 6.19 1.76
N PRO B 20 -31.22 6.47 0.55
CA PRO B 20 -30.17 5.59 0.00
C PRO B 20 -28.92 5.52 0.87
N LYS B 21 -28.48 6.63 1.46
CA LYS B 21 -27.21 6.64 2.19
C LYS B 21 -27.29 5.94 3.56
N PHE B 22 -28.39 6.11 4.30
CA PHE B 22 -28.42 5.56 5.66
C PHE B 22 -29.29 4.31 5.79
N GLY B 23 -30.01 3.92 4.74
CA GLY B 23 -30.72 2.66 4.72
C GLY B 23 -31.50 2.41 5.98
N ASP B 24 -31.35 1.22 6.55
CA ASP B 24 -32.10 0.81 7.74
C ASP B 24 -31.35 1.10 9.05
N ARG B 25 -30.37 2.01 9.04
CA ARG B 25 -29.60 2.29 10.24
C ARG B 25 -30.50 2.62 11.43
N TYR B 26 -31.51 3.47 11.22
CA TYR B 26 -32.39 3.85 12.33
C TYR B 26 -33.16 2.66 12.87
N ALA B 27 -33.49 1.69 12.02
CA ALA B 27 -34.18 0.49 12.48
C ALA B 27 -33.27 -0.41 13.33
N LEU B 28 -32.01 -0.59 12.92
CA LEU B 28 -31.08 -1.37 13.76
C LEU B 28 -30.92 -0.72 15.13
N VAL B 29 -30.80 0.62 15.16
CA VAL B 29 -30.59 1.36 16.39
C VAL B 29 -31.74 1.12 17.36
N MET B 30 -32.95 1.45 16.93
CA MET B 30 -34.13 1.33 17.79
C MET B 30 -34.43 -0.12 18.15
N ASP B 31 -34.18 -1.05 17.23
CA ASP B 31 -34.45 -2.45 17.53
C ASP B 31 -33.43 -3.03 18.52
N LEU B 32 -32.17 -2.57 18.47
CA LEU B 32 -31.23 -2.99 19.49
C LEU B 32 -31.57 -2.40 20.84
N ILE B 33 -31.97 -1.11 20.87
CA ILE B 33 -32.47 -0.56 22.14
C ILE B 33 -33.65 -1.38 22.62
N ASN B 34 -34.55 -1.73 21.71
CA ASN B 34 -35.70 -2.54 22.06
C ASN B 34 -35.28 -3.93 22.53
N ALA B 35 -34.27 -4.53 21.88
CA ALA B 35 -33.89 -5.89 22.22
C ALA B 35 -33.20 -5.96 23.58
N TYR B 36 -32.50 -4.90 23.98
CA TYR B 36 -31.95 -4.82 25.31
C TYR B 36 -32.98 -4.38 26.35
N LYS B 37 -34.24 -4.24 25.96
CA LYS B 37 -35.36 -3.97 26.87
C LYS B 37 -35.31 -2.56 27.47
N LEU B 38 -34.70 -1.62 26.76
CA LEU B 38 -34.64 -0.25 27.24
C LEU B 38 -35.91 0.54 26.94
N ILE B 39 -36.71 0.11 25.95
CA ILE B 39 -37.91 0.88 25.56
C ILE B 39 -38.88 1.09 26.71
N PRO B 40 -39.23 0.09 27.53
CA PRO B 40 -40.12 0.38 28.69
C PRO B 40 -39.56 1.42 29.67
N GLU B 41 -38.24 1.62 29.73
CA GLU B 41 -37.72 2.63 30.64
C GLU B 41 -37.88 4.05 30.11
N LEU B 42 -38.31 4.21 28.85
CA LEU B 42 -38.25 5.48 28.16
C LEU B 42 -39.64 5.95 27.80
N SER B 43 -39.82 7.26 27.86
CA SER B 43 -41.07 7.91 27.48
C SER B 43 -41.00 8.25 25.98
N ARG B 44 -41.81 7.55 25.19
CA ARG B 44 -41.84 7.79 23.75
C ARG B 44 -42.29 9.22 23.47
N VAL B 45 -41.49 9.95 22.68
CA VAL B 45 -41.82 11.32 22.32
C VAL B 45 -42.22 11.33 20.84
N PRO B 46 -43.50 11.51 20.52
CA PRO B 46 -43.94 11.39 19.11
C PRO B 46 -43.46 12.58 18.30
N PRO B 47 -43.06 12.35 17.05
CA PRO B 47 -42.68 13.47 16.18
C PRO B 47 -43.81 14.48 16.03
N LEU B 48 -43.41 15.74 15.87
CA LEU B 48 -44.35 16.83 15.71
C LEU B 48 -45.06 16.73 14.37
N GLN B 49 -46.38 16.91 14.39
CA GLN B 49 -47.15 17.13 13.18
C GLN B 49 -47.82 18.49 13.21
N TRP B 50 -48.06 19.05 12.03
CA TRP B 50 -48.65 20.38 11.91
C TRP B 50 -50.08 20.29 11.41
N ASP B 51 -50.83 21.38 11.60
CA ASP B 51 -52.24 21.50 11.24
C ASP B 51 -52.48 21.94 9.79
N SER B 52 -51.43 22.23 9.03
CA SER B 52 -51.60 22.64 7.64
C SER B 52 -50.23 22.64 6.97
N PRO B 53 -50.18 22.61 5.63
CA PRO B 53 -48.91 22.86 4.93
C PRO B 53 -48.30 24.20 5.31
N SER B 54 -49.12 25.24 5.45
CA SER B 54 -48.57 26.56 5.77
C SER B 54 -47.92 26.58 7.13
N ARG B 55 -48.56 25.97 8.12
CA ARG B 55 -47.91 25.89 9.42
C ARG B 55 -46.60 25.10 9.32
N MET B 56 -46.58 24.04 8.51
CA MET B 56 -45.31 23.32 8.34
C MET B 56 -44.27 24.23 7.71
N TYR B 57 -44.64 24.89 6.62
CA TYR B 57 -43.69 25.72 5.89
C TYR B 57 -43.19 26.87 6.75
N GLU B 58 -44.05 27.41 7.60
CA GLU B 58 -43.62 28.44 8.54
C GLU B 58 -42.59 27.89 9.53
N ALA B 59 -42.80 26.65 10.02
CA ALA B 59 -41.86 26.08 10.95
C ALA B 59 -40.48 25.92 10.32
N VAL B 60 -40.45 25.39 9.10
CA VAL B 60 -39.17 25.04 8.48
C VAL B 60 -38.45 26.28 7.99
N THR B 61 -39.17 27.33 7.58
CA THR B 61 -38.51 28.54 7.09
C THR B 61 -38.20 29.53 8.22
N ALA B 62 -38.32 29.11 9.48
CA ALA B 62 -37.66 29.85 10.54
C ALA B 62 -36.15 29.86 10.34
N PHE B 63 -35.61 28.82 9.68
CA PHE B 63 -34.21 28.83 9.29
C PHE B 63 -34.01 28.81 7.78
N HIS B 64 -34.70 27.94 7.06
CA HIS B 64 -34.38 27.71 5.65
C HIS B 64 -35.12 28.70 4.77
N SER B 65 -34.47 29.12 3.70
CA SER B 65 -35.15 30.00 2.74
C SER B 65 -36.36 29.31 2.14
N THR B 66 -37.34 30.15 1.76
CA THR B 66 -38.53 29.69 1.06
C THR B 66 -38.18 28.93 -0.21
N GLU B 67 -37.24 29.48 -0.97
CA GLU B 67 -36.91 28.92 -2.28
C GLU B 67 -36.17 27.60 -2.14
N TYR B 68 -35.35 27.43 -1.10
CA TYR B 68 -34.66 26.15 -0.91
C TYR B 68 -35.64 25.04 -0.53
N VAL B 69 -36.58 25.34 0.38
CA VAL B 69 -37.64 24.40 0.73
C VAL B 69 -38.47 24.05 -0.51
N ASP B 70 -38.87 25.08 -1.28
CA ASP B 70 -39.65 24.82 -2.48
C ASP B 70 -38.91 23.91 -3.45
N ALA B 71 -37.61 24.16 -3.65
CA ALA B 71 -36.81 23.28 -4.52
C ALA B 71 -36.73 21.88 -3.94
N LEU B 72 -36.66 21.76 -2.62
CA LEU B 72 -36.57 20.44 -2.00
C LEU B 72 -37.87 19.66 -2.17
N LYS B 73 -39.02 20.33 -2.06
CA LYS B 73 -40.30 19.68 -2.35
C LYS B 73 -40.36 19.22 -3.79
N LYS B 74 -39.92 20.07 -4.73
CA LYS B 74 -39.96 19.74 -6.14
C LYS B 74 -39.07 18.54 -6.44
N LEU B 75 -37.89 18.47 -5.83
CA LEU B 75 -36.97 17.38 -6.11
C LEU B 75 -37.61 16.04 -5.75
N GLN B 76 -38.37 16.01 -4.65
CA GLN B 76 -39.06 14.78 -4.24
C GLN B 76 -40.20 14.45 -5.19
N MET B 77 -41.04 15.44 -5.53
CA MET B 77 -42.08 15.22 -6.53
C MET B 77 -41.49 14.75 -7.87
N LEU B 78 -40.33 15.30 -8.25
CA LEU B 78 -39.72 14.91 -9.52
C LEU B 78 -39.28 13.45 -9.48
N HIS B 79 -38.69 13.00 -8.37
CA HIS B 79 -38.24 11.61 -8.31
C HIS B 79 -39.40 10.62 -8.21
N CYS B 80 -40.63 11.09 -7.96
CA CYS B 80 -41.81 10.23 -7.92
C CYS B 80 -42.49 10.06 -9.27
N GLU B 81 -41.79 10.36 -10.37
CA GLU B 81 -42.38 10.12 -11.71
C GLU B 81 -41.43 9.36 -12.65
N LEU B 85 -35.69 14.77 -15.45
CA LEU B 85 -35.47 16.18 -15.11
C LEU B 85 -35.22 17.03 -16.36
N THR B 86 -35.79 18.23 -16.41
CA THR B 86 -35.47 19.14 -17.51
C THR B 86 -34.20 19.92 -17.18
N ALA B 87 -33.60 20.49 -18.23
CA ALA B 87 -32.31 21.15 -18.04
C ALA B 87 -32.38 22.30 -17.04
N ASP B 88 -33.54 22.95 -16.92
CA ASP B 88 -33.66 24.01 -15.93
C ASP B 88 -34.04 23.49 -14.54
N ASP B 89 -34.71 22.33 -14.47
CA ASP B 89 -34.78 21.62 -13.19
C ASP B 89 -33.39 21.19 -12.72
N GLU B 90 -32.55 20.69 -13.64
CA GLU B 90 -31.16 20.38 -13.31
C GLU B 90 -30.41 21.61 -12.79
N LEU B 91 -30.51 22.75 -13.50
CA LEU B 91 -29.83 23.95 -13.00
C LEU B 91 -30.37 24.39 -11.65
N LEU B 92 -31.70 24.43 -11.51
CA LEU B 92 -32.33 24.79 -10.25
C LEU B 92 -31.80 23.93 -9.10
N MET B 93 -31.77 22.60 -9.27
CA MET B 93 -31.30 21.74 -8.19
C MET B 93 -29.83 22.01 -7.85
N ASP B 94 -28.98 22.17 -8.87
CA ASP B 94 -27.55 22.42 -8.59
C ASP B 94 -27.33 23.76 -7.88
N SER B 95 -28.22 24.73 -8.07
CA SER B 95 -28.08 25.98 -7.34
C SER B 95 -28.27 25.79 -5.83
N PHE B 96 -28.87 24.67 -5.40
CA PHE B 96 -29.07 24.38 -3.98
C PHE B 96 -28.22 23.19 -3.53
N SER B 97 -27.24 22.79 -4.35
CA SER B 97 -26.42 21.61 -4.08
C SER B 97 -27.31 20.38 -3.85
N LEU B 98 -28.46 20.34 -4.50
CA LEU B 98 -29.32 19.17 -4.54
C LEU B 98 -28.79 18.21 -5.62
N ASN B 99 -27.56 17.76 -5.41
CA ASN B 99 -26.84 16.95 -6.37
C ASN B 99 -25.72 16.23 -5.64
N TYR B 100 -24.93 15.46 -6.41
CA TYR B 100 -23.76 14.70 -5.96
C TYR B 100 -23.98 13.99 -4.63
N ASP B 101 -23.41 14.54 -3.54
CA ASP B 101 -23.50 13.96 -2.21
C ASP B 101 -24.85 14.21 -1.53
N CYS B 102 -25.72 15.02 -2.13
CA CYS B 102 -27.07 15.23 -1.63
C CYS B 102 -28.06 15.04 -2.78
N PRO B 103 -28.16 13.82 -3.31
CA PRO B 103 -29.05 13.57 -4.45
C PRO B 103 -30.52 13.59 -4.06
N GLY B 104 -31.35 13.52 -5.09
CA GLY B 104 -32.75 13.31 -4.91
C GLY B 104 -33.07 11.82 -4.88
N PHE B 105 -34.16 11.51 -4.20
CA PHE B 105 -34.73 10.17 -4.18
C PHE B 105 -36.21 10.32 -3.87
N PRO B 106 -37.02 9.29 -4.12
CA PRO B 106 -38.49 9.42 -3.97
C PRO B 106 -38.99 10.09 -2.67
N SER B 107 -38.29 9.96 -1.54
CA SER B 107 -38.79 10.45 -0.25
C SER B 107 -37.89 11.52 0.37
N VAL B 108 -37.13 12.25 -0.44
CA VAL B 108 -36.02 13.06 0.09
C VAL B 108 -36.53 14.17 0.98
N PHE B 109 -37.76 14.63 0.77
CA PHE B 109 -38.34 15.70 1.57
C PHE B 109 -39.03 15.17 2.83
N ASP B 110 -39.77 14.07 2.71
CA ASP B 110 -40.35 13.41 3.88
C ASP B 110 -39.25 12.94 4.84
N TYR B 111 -38.21 12.34 4.28
CA TYR B 111 -37.03 11.95 5.06
C TYR B 111 -36.45 13.12 5.82
N SER B 112 -36.20 14.23 5.11
CA SER B 112 -35.61 15.43 5.70
C SER B 112 -36.53 16.07 6.72
N LEU B 113 -37.81 16.19 6.38
CA LEU B 113 -38.79 16.75 7.31
C LEU B 113 -38.93 15.88 8.57
N ALA B 114 -38.82 14.56 8.44
CA ALA B 114 -39.02 13.70 9.61
C ALA B 114 -38.07 14.05 10.74
N ALA B 115 -36.80 14.32 10.42
CA ALA B 115 -35.83 14.65 11.46
C ALA B 115 -36.15 15.99 12.12
N VAL B 116 -36.60 16.96 11.33
CA VAL B 116 -37.11 18.19 11.93
C VAL B 116 -38.26 17.88 12.89
N GLN B 117 -39.23 17.07 12.44
CA GLN B 117 -40.37 16.72 13.27
C GLN B 117 -39.94 16.08 14.60
N GLY B 118 -38.92 15.22 14.58
CA GLY B 118 -38.48 14.57 15.82
C GLY B 118 -37.71 15.48 16.75
N SER B 119 -36.83 16.32 16.19
CA SER B 119 -36.02 17.20 17.02
C SER B 119 -36.87 18.32 17.63
N LEU B 120 -37.85 18.82 16.87
CA LEU B 120 -38.69 19.87 17.43
C LEU B 120 -39.58 19.32 18.53
N ALA B 121 -40.18 18.14 18.30
CA ALA B 121 -40.98 17.50 19.33
C ALA B 121 -40.15 17.28 20.60
N ALA B 122 -38.90 16.84 20.41
CA ALA B 122 -37.95 16.67 21.51
C ALA B 122 -37.65 17.99 22.23
N ALA B 123 -37.43 19.06 21.46
CA ALA B 123 -37.27 20.37 22.08
C ALA B 123 -38.49 20.73 22.90
N SER B 124 -39.69 20.52 22.34
CA SER B 124 -40.93 20.86 23.02
C SER B 124 -41.07 20.10 24.33
N ALA B 125 -40.66 18.83 24.35
CA ALA B 125 -40.75 18.05 25.59
C ALA B 125 -39.79 18.57 26.66
N LEU B 126 -38.63 19.12 26.25
CA LEU B 126 -37.74 19.76 27.23
C LEU B 126 -38.35 21.06 27.74
N ILE B 127 -38.92 21.87 26.84
CA ILE B 127 -39.42 23.19 27.20
C ILE B 127 -40.52 23.10 28.23
N CYS B 128 -41.42 22.13 28.07
CA CYS B 128 -42.57 21.98 28.97
C CYS B 128 -42.28 21.03 30.13
N ARG B 129 -41.02 20.60 30.30
CA ARG B 129 -40.57 19.82 31.45
C ARG B 129 -41.20 18.42 31.49
N HIS B 130 -41.72 17.91 30.37
CA HIS B 130 -42.18 16.53 30.37
C HIS B 130 -41.01 15.56 30.53
N CYS B 131 -39.84 15.92 30.00
CA CYS B 131 -38.66 15.09 30.03
C CYS B 131 -37.48 15.92 30.51
N GLU B 132 -36.57 15.30 31.27
CA GLU B 132 -35.30 15.95 31.57
C GLU B 132 -34.32 15.81 30.42
N VAL B 133 -34.38 14.69 29.70
CA VAL B 133 -33.54 14.40 28.55
C VAL B 133 -34.39 13.75 27.47
N VAL B 134 -34.11 14.10 26.22
CA VAL B 134 -34.75 13.44 25.09
C VAL B 134 -33.70 13.05 24.08
N ILE B 135 -33.75 11.80 23.64
CA ILE B 135 -32.91 11.25 22.59
C ILE B 135 -33.66 11.26 21.25
N ASN B 136 -32.98 11.64 20.17
CA ASN B 136 -33.51 11.42 18.82
C ASN B 136 -32.40 10.86 17.93
N TRP B 137 -32.42 9.56 17.70
CA TRP B 137 -31.42 8.93 16.84
C TRP B 137 -31.73 9.08 15.36
N GLY B 138 -32.87 9.67 15.00
CA GLY B 138 -33.14 10.01 13.62
C GLY B 138 -32.76 11.42 13.24
N GLY B 139 -32.15 12.17 14.16
CA GLY B 139 -31.82 13.57 13.95
C GLY B 139 -30.33 13.81 14.04
N GLY B 140 -29.96 15.07 13.84
CA GLY B 140 -28.57 15.46 14.01
C GLY B 140 -27.89 15.84 12.72
N TRP B 141 -28.65 16.40 11.78
CA TRP B 141 -28.15 16.65 10.42
C TRP B 141 -27.55 18.05 10.37
N HIS B 142 -26.31 18.14 10.86
CA HIS B 142 -25.72 19.42 11.24
C HIS B 142 -25.10 20.17 10.07
N HIS B 143 -25.04 19.61 8.87
CA HIS B 143 -24.36 20.32 7.78
C HIS B 143 -25.29 21.17 6.94
N ALA B 144 -26.60 20.99 7.05
CA ALA B 144 -27.51 21.66 6.13
C ALA B 144 -27.49 23.16 6.38
N LYS B 145 -27.48 23.93 5.30
CA LYS B 145 -27.42 25.39 5.38
C LYS B 145 -28.77 25.98 5.04
N ARG B 146 -28.87 27.30 5.29
CA ARG B 146 -30.05 28.10 4.96
C ARG B 146 -30.65 27.77 3.60
N SER B 147 -29.82 27.79 2.57
CA SER B 147 -30.27 27.58 1.21
C SER B 147 -29.44 26.52 0.51
N GLU B 148 -29.00 25.50 1.23
CA GLU B 148 -28.03 24.57 0.65
C GLU B 148 -28.06 23.23 1.38
N ALA B 149 -28.23 22.15 0.64
CA ALA B 149 -28.03 20.80 1.17
C ALA B 149 -26.53 20.50 1.22
N SER B 150 -26.12 19.69 2.20
CA SER B 150 -24.70 19.42 2.36
C SER B 150 -24.46 18.16 3.17
N GLY B 151 -23.57 17.30 2.69
CA GLY B 151 -23.12 16.13 3.46
C GLY B 151 -24.26 15.22 3.86
N PHE B 152 -25.19 15.02 2.93
CA PHE B 152 -26.45 14.29 3.10
C PHE B 152 -27.34 14.91 4.18
N CYS B 153 -27.12 16.18 4.51
CA CYS B 153 -28.06 16.95 5.33
C CYS B 153 -28.84 17.87 4.43
N TYR B 154 -30.16 17.70 4.43
CA TYR B 154 -31.06 18.50 3.60
C TYR B 154 -31.83 19.54 4.38
N LEU B 155 -32.30 19.21 5.59
CA LEU B 155 -32.88 20.19 6.50
C LEU B 155 -32.14 20.12 7.83
N ASN B 156 -31.88 21.27 8.43
CA ASN B 156 -31.07 21.28 9.65
C ASN B 156 -32.02 21.25 10.84
N ASP B 157 -32.26 20.03 11.34
CA ASP B 157 -33.14 19.86 12.48
C ASP B 157 -32.54 20.40 13.77
N ILE B 158 -31.20 20.34 13.89
CA ILE B 158 -30.55 20.89 15.09
C ILE B 158 -30.79 22.39 15.18
N VAL B 159 -30.59 23.11 14.07
CA VAL B 159 -30.79 24.56 14.07
C VAL B 159 -32.23 24.87 14.46
N LEU B 160 -33.20 24.17 13.88
CA LEU B 160 -34.59 24.48 14.18
C LEU B 160 -34.93 24.13 15.63
N ALA B 161 -34.37 23.03 16.15
CA ALA B 161 -34.63 22.65 17.53
C ALA B 161 -34.02 23.67 18.49
N ILE B 162 -32.76 24.06 18.25
CA ILE B 162 -32.09 25.05 19.10
C ILE B 162 -32.87 26.36 19.07
N HIS B 163 -33.39 26.72 17.91
CA HIS B 163 -34.11 27.98 17.80
C HIS B 163 -35.40 27.94 18.63
N ARG B 164 -36.01 26.78 18.77
CA ARG B 164 -37.21 26.65 19.60
C ARG B 164 -36.87 26.76 21.08
N LEU B 165 -35.84 26.01 21.52
CA LEU B 165 -35.33 26.12 22.87
C LEU B 165 -34.93 27.54 23.22
N VAL B 166 -34.13 28.18 22.37
CA VAL B 166 -33.54 29.45 22.73
C VAL B 166 -34.56 30.58 22.73
N SER B 167 -35.75 30.36 22.20
CA SER B 167 -36.78 31.40 22.23
C SER B 167 -37.91 31.08 23.20
N SER B 168 -37.79 30.01 23.99
CA SER B 168 -38.76 29.69 25.02
C SER B 168 -38.46 30.46 26.30
N THR B 169 -39.50 30.98 26.93
CA THR B 169 -39.32 31.70 28.19
C THR B 169 -38.95 30.77 29.32
N GLN B 178 -31.14 35.89 28.92
CA GLN B 178 -31.17 35.01 30.08
C GLN B 178 -31.21 33.51 29.70
N THR B 179 -31.88 33.17 28.59
CA THR B 179 -31.89 31.79 28.11
C THR B 179 -30.72 31.58 27.15
N ARG B 180 -29.82 30.68 27.52
CA ARG B 180 -28.73 30.33 26.62
C ARG B 180 -28.74 28.83 26.36
N VAL B 181 -28.32 28.46 25.16
CA VAL B 181 -28.20 27.06 24.77
C VAL B 181 -26.73 26.77 24.47
N LEU B 182 -26.26 25.62 24.94
CA LEU B 182 -24.93 25.12 24.64
C LEU B 182 -25.08 23.94 23.67
N TYR B 183 -24.49 24.08 22.49
CA TYR B 183 -24.48 23.05 21.46
C TYR B 183 -23.11 22.40 21.43
N VAL B 184 -23.09 21.07 21.55
CA VAL B 184 -21.89 20.26 21.65
C VAL B 184 -21.94 19.19 20.55
N ASP B 185 -21.00 19.27 19.62
CA ASP B 185 -21.01 18.50 18.38
C ASP B 185 -19.82 17.51 18.46
N LEU B 186 -20.11 16.24 18.75
CA LEU B 186 -19.10 15.21 18.92
C LEU B 186 -18.78 14.45 17.63
N ASP B 187 -19.53 14.71 16.56
CA ASP B 187 -19.37 14.04 15.29
C ASP B 187 -17.92 14.15 14.79
N LEU B 188 -17.51 13.21 13.94
CA LEU B 188 -16.18 13.26 13.34
C LEU B 188 -15.97 14.56 12.57
N HIS B 189 -17.04 15.17 12.06
CA HIS B 189 -16.94 16.31 11.16
C HIS B 189 -17.28 17.61 11.89
N HIS B 190 -16.69 18.70 11.42
CA HIS B 190 -17.06 20.03 11.91
C HIS B 190 -18.54 20.33 11.69
N GLY B 191 -19.23 20.72 12.76
CA GLY B 191 -20.62 21.13 12.65
C GLY B 191 -20.88 22.47 11.98
N ASP B 192 -20.45 22.64 10.73
CA ASP B 192 -20.48 23.95 10.08
C ASP B 192 -21.88 24.54 10.00
N GLY B 193 -22.90 23.72 9.70
CA GLY B 193 -24.25 24.26 9.51
C GLY B 193 -24.84 24.88 10.77
N VAL B 194 -24.69 24.23 11.92
CA VAL B 194 -25.16 24.82 13.17
C VAL B 194 -24.33 26.05 13.54
N GLU B 195 -23.02 25.99 13.31
CA GLU B 195 -22.15 27.10 13.72
C GLU B 195 -22.45 28.35 12.92
N GLU B 196 -22.71 28.18 11.61
CA GLU B 196 -23.01 29.30 10.72
C GLU B 196 -24.34 29.95 11.08
N ALA B 197 -25.35 29.14 11.44
CA ALA B 197 -26.67 29.65 11.75
C ALA B 197 -26.66 30.60 12.95
N PHE B 198 -25.80 30.34 13.94
CA PHE B 198 -25.76 31.11 15.18
C PHE B 198 -24.52 31.98 15.29
N TRP B 199 -23.81 32.14 14.17
CA TRP B 199 -22.55 32.87 14.15
C TRP B 199 -22.68 34.29 14.70
N TYR B 200 -23.83 34.94 14.51
CA TYR B 200 -24.07 36.28 15.02
C TYR B 200 -24.83 36.31 16.33
N SER B 201 -25.03 35.17 16.99
CA SER B 201 -25.94 35.10 18.13
C SER B 201 -25.19 34.64 19.37
N PRO B 202 -25.12 35.45 20.42
CA PRO B 202 -24.41 35.03 21.63
C PRO B 202 -25.18 34.07 22.53
N ARG B 203 -26.50 33.94 22.38
CA ARG B 203 -27.29 33.08 23.25
C ARG B 203 -27.23 31.59 22.88
N VAL B 204 -26.64 31.25 21.75
CA VAL B 204 -26.38 29.87 21.40
C VAL B 204 -24.88 29.77 21.22
N VAL B 205 -24.22 29.10 22.16
CA VAL B 205 -22.79 28.87 22.10
C VAL B 205 -22.56 27.48 21.48
N THR B 206 -21.79 27.43 20.40
CA THR B 206 -21.54 26.17 19.70
C THR B 206 -20.12 25.69 19.99
N PHE B 207 -19.97 24.39 20.22
CA PHE B 207 -18.64 23.83 20.41
C PHE B 207 -18.56 22.55 19.60
N SER B 208 -17.64 22.49 18.65
CA SER B 208 -17.43 21.28 17.85
C SER B 208 -16.02 20.76 18.09
N VAL B 209 -15.90 19.46 18.31
CA VAL B 209 -14.63 18.74 18.28
C VAL B 209 -14.67 17.84 17.06
N HIS B 210 -13.55 17.74 16.33
CA HIS B 210 -13.65 17.03 15.05
C HIS B 210 -12.26 16.79 14.50
N HIS B 211 -12.21 15.99 13.44
CA HIS B 211 -11.06 15.99 12.56
C HIS B 211 -11.12 17.13 11.55
N ALA B 212 -9.96 17.71 11.27
CA ALA B 212 -9.80 18.67 10.19
C ALA B 212 -8.37 18.51 9.67
N SER B 213 -8.26 18.43 8.36
CA SER B 213 -7.02 18.27 7.64
C SER B 213 -7.29 18.69 6.21
N PRO B 214 -6.24 18.99 5.44
CA PRO B 214 -6.45 19.49 4.06
C PRO B 214 -7.25 18.52 3.20
N GLY B 215 -8.36 19.03 2.63
CA GLY B 215 -9.24 18.26 1.76
C GLY B 215 -10.32 17.45 2.47
N PHE B 216 -10.30 17.38 3.79
CA PHE B 216 -11.33 16.64 4.52
C PHE B 216 -12.56 17.53 4.73
N PHE B 217 -13.73 16.99 4.36
CA PHE B 217 -15.05 17.61 4.56
C PHE B 217 -15.31 18.03 6.02
N PRO B 218 -15.91 19.21 6.21
CA PRO B 218 -16.21 20.19 5.16
C PRO B 218 -15.12 21.23 4.99
N GLY B 219 -14.12 21.24 5.86
CA GLY B 219 -12.98 22.15 5.71
C GLY B 219 -12.93 23.29 6.71
N THR B 220 -13.99 23.56 7.44
CA THR B 220 -14.02 24.64 8.40
C THR B 220 -13.75 24.07 9.79
N GLY B 221 -13.88 24.89 10.82
CA GLY B 221 -13.60 24.45 12.18
C GLY B 221 -12.12 24.34 12.52
N THR B 222 -11.26 25.12 11.86
CA THR B 222 -9.82 25.08 12.08
C THR B 222 -9.22 26.43 11.67
N TRP B 223 -7.89 26.50 11.66
CA TRP B 223 -7.18 27.76 11.41
C TRP B 223 -7.57 28.37 10.06
N ASN B 224 -7.42 29.69 9.97
CA ASN B 224 -7.78 30.43 8.75
C ASN B 224 -6.55 30.91 7.96
N LYS B 230 1.58 37.02 8.40
CA LYS B 230 0.69 37.04 9.56
C LYS B 230 0.23 35.63 9.97
N LEU B 231 0.20 35.41 11.31
CA LEU B 231 -0.07 34.10 11.92
C LEU B 231 -1.55 33.71 11.78
N PRO B 232 -1.86 32.47 11.35
CA PRO B 232 -3.27 32.07 11.15
C PRO B 232 -4.07 32.13 12.44
N ILE B 233 -5.39 32.29 12.29
CA ILE B 233 -6.29 32.57 13.39
C ILE B 233 -7.51 31.67 13.32
N PHE B 234 -8.18 31.56 14.46
CA PHE B 234 -9.49 30.93 14.54
C PHE B 234 -10.56 32.02 14.52
N LEU B 235 -11.42 31.98 13.51
CA LEU B 235 -12.67 32.73 13.58
C LEU B 235 -13.59 32.06 14.60
N ASN B 236 -14.41 32.88 15.28
CA ASN B 236 -15.13 32.37 16.44
C ASN B 236 -16.46 33.09 16.64
N GLY B 237 -17.05 33.61 15.57
CA GLY B 237 -18.28 34.37 15.64
C GLY B 237 -18.05 35.83 15.30
N ALA B 238 -19.15 36.54 15.04
CA ALA B 238 -19.00 37.93 14.63
C ALA B 238 -20.10 38.80 15.23
N GLY B 239 -19.82 40.10 15.29
CA GLY B 239 -20.79 41.03 15.86
C GLY B 239 -21.10 40.68 17.30
N ARG B 240 -22.39 40.60 17.62
CA ARG B 240 -22.78 40.20 18.96
C ARG B 240 -22.38 38.76 19.27
N GLY B 241 -22.10 37.96 18.26
CA GLY B 241 -21.71 36.58 18.42
C GLY B 241 -20.22 36.36 18.52
N ARG B 242 -19.42 37.40 18.59
CA ARG B 242 -17.98 37.22 18.70
C ARG B 242 -17.67 36.34 19.90
N PHE B 243 -16.69 35.46 19.73
CA PHE B 243 -16.20 34.50 20.73
C PHE B 243 -17.20 33.40 21.07
N SER B 244 -18.34 33.29 20.36
CA SER B 244 -19.39 32.35 20.76
C SER B 244 -19.35 31.02 19.99
N ALA B 245 -18.45 30.86 19.03
CA ALA B 245 -18.31 29.64 18.25
C ALA B 245 -16.96 29.00 18.57
N PHE B 246 -16.98 27.84 19.23
CA PHE B 246 -15.74 27.18 19.67
C PHE B 246 -15.47 25.97 18.79
N ASN B 247 -14.18 25.74 18.50
CA ASN B 247 -13.77 24.64 17.64
C ASN B 247 -12.53 24.01 18.20
N LEU B 248 -12.51 22.67 18.21
CA LEU B 248 -11.31 21.91 18.59
C LEU B 248 -11.05 20.87 17.52
N PRO B 249 -10.21 21.16 16.53
CA PRO B 249 -9.85 20.16 15.53
C PRO B 249 -8.69 19.30 16.01
N LEU B 250 -8.80 18.00 15.76
CA LEU B 250 -7.84 17.00 16.21
C LEU B 250 -7.26 16.22 15.03
N GLU B 251 -6.01 15.81 15.16
CA GLU B 251 -5.37 14.95 14.17
C GLU B 251 -5.97 13.55 14.24
N GLU B 252 -5.76 12.77 13.18
CA GLU B 252 -6.28 11.41 13.15
C GLU B 252 -5.57 10.54 14.18
N GLY B 253 -6.26 9.47 14.59
CA GLY B 253 -5.71 8.43 15.45
C GLY B 253 -6.02 8.57 16.93
N ILE B 254 -6.78 9.60 17.35
CA ILE B 254 -6.99 9.83 18.77
C ILE B 254 -7.84 8.72 19.37
N ASN B 255 -7.51 8.30 20.59
CA ASN B 255 -8.24 7.21 21.24
C ASN B 255 -9.22 7.77 22.25
N ASP B 256 -9.87 6.86 22.99
CA ASP B 256 -10.96 7.24 23.88
C ASP B 256 -10.47 8.16 24.98
N LEU B 257 -9.26 7.90 25.50
CA LEU B 257 -8.77 8.62 26.67
C LEU B 257 -8.18 9.97 26.30
N ASP B 258 -7.44 10.04 25.20
CA ASP B 258 -6.94 11.35 24.77
C ASP B 258 -8.08 12.26 24.33
N TRP B 259 -9.09 11.71 23.64
CA TRP B 259 -10.28 12.47 23.27
C TRP B 259 -11.09 12.89 24.50
N SER B 260 -11.17 12.01 25.50
CA SER B 260 -11.83 12.33 26.76
C SER B 260 -11.10 13.45 27.48
N ASN B 261 -9.79 13.32 27.62
CA ASN B 261 -9.01 14.38 28.25
C ASN B 261 -9.01 15.66 27.43
N ALA B 262 -9.22 15.56 26.12
CA ALA B 262 -9.22 16.77 25.30
C ALA B 262 -10.47 17.63 25.54
N ILE B 263 -11.66 17.02 25.66
CA ILE B 263 -12.88 17.81 25.73
C ILE B 263 -13.51 17.87 27.12
N GLY B 264 -13.17 16.97 28.03
CA GLY B 264 -13.72 17.02 29.36
C GLY B 264 -13.67 18.40 30.01
N PRO B 265 -12.46 18.93 30.21
CA PRO B 265 -12.33 20.25 30.84
C PRO B 265 -12.94 21.39 30.03
N ILE B 266 -12.91 21.31 28.71
CA ILE B 266 -13.54 22.36 27.91
C ILE B 266 -15.05 22.33 28.14
N LEU B 267 -15.64 21.14 28.25
CA LEU B 267 -17.07 21.01 28.49
C LEU B 267 -17.45 21.53 29.88
N ASP B 268 -16.72 21.10 30.91
CA ASP B 268 -17.00 21.58 32.27
C ASP B 268 -16.86 23.11 32.37
N SER B 269 -15.79 23.66 31.78
CA SER B 269 -15.60 25.11 31.79
C SER B 269 -16.72 25.83 31.04
N LEU B 270 -17.11 25.30 29.87
CA LEU B 270 -18.23 25.89 29.14
C LEU B 270 -19.50 25.88 29.98
N ASN B 271 -19.76 24.76 30.70
CA ASN B 271 -20.92 24.75 31.59
C ASN B 271 -20.79 25.78 32.71
N ILE B 272 -19.59 25.92 33.28
CA ILE B 272 -19.42 26.82 34.41
C ILE B 272 -19.65 28.27 33.99
N VAL B 273 -19.01 28.70 32.90
CA VAL B 273 -19.06 30.09 32.49
C VAL B 273 -20.40 30.43 31.83
N ILE B 274 -20.87 29.60 30.91
CA ILE B 274 -22.04 29.97 30.11
C ILE B 274 -23.36 29.75 30.85
N GLN B 275 -23.44 28.76 31.74
CA GLN B 275 -24.66 28.49 32.49
C GLN B 275 -25.82 28.25 31.55
N PRO B 276 -25.74 27.28 30.64
CA PRO B 276 -26.81 27.10 29.66
C PRO B 276 -28.10 26.57 30.28
N SER B 277 -29.22 27.03 29.74
CA SER B 277 -30.53 26.51 30.13
C SER B 277 -30.82 25.14 29.52
N TYR B 278 -30.30 24.89 28.33
CA TYR B 278 -30.42 23.61 27.66
C TYR B 278 -29.08 23.24 27.05
N VAL B 279 -28.85 21.96 26.91
CA VAL B 279 -27.66 21.46 26.22
C VAL B 279 -28.17 20.60 25.08
N VAL B 280 -27.64 20.82 23.89
CA VAL B 280 -27.94 19.97 22.74
C VAL B 280 -26.66 19.31 22.29
N VAL B 281 -26.67 17.99 22.21
CA VAL B 281 -25.48 17.19 21.96
C VAL B 281 -25.73 16.45 20.65
N GLN B 282 -24.89 16.70 19.66
CA GLN B 282 -24.89 15.89 18.45
C GLN B 282 -23.90 14.77 18.70
N CYS B 283 -24.35 13.53 18.60
CA CYS B 283 -23.58 12.38 19.04
C CYS B 283 -23.28 11.42 17.88
N GLY B 284 -22.94 12.00 16.72
CA GLY B 284 -22.55 11.25 15.56
C GLY B 284 -21.45 10.24 15.85
N ALA B 285 -21.60 9.05 15.28
CA ALA B 285 -20.80 7.89 15.63
C ALA B 285 -19.62 7.66 14.69
N ASP B 286 -19.35 8.54 13.75
CA ASP B 286 -18.23 8.21 12.86
C ASP B 286 -16.86 8.44 13.48
N CYS B 287 -16.74 8.70 14.78
CA CYS B 287 -15.43 8.66 15.41
C CYS B 287 -15.03 7.27 15.86
N LEU B 288 -15.93 6.29 15.72
CA LEU B 288 -15.64 4.92 16.11
C LEU B 288 -14.48 4.37 15.29
N ALA B 289 -13.61 3.62 15.98
CA ALA B 289 -12.46 2.99 15.32
C ALA B 289 -12.88 2.16 14.12
N THR B 290 -14.10 1.61 14.14
CA THR B 290 -14.57 0.69 13.11
C THR B 290 -15.45 1.39 12.08
N ASP B 291 -15.59 2.70 12.18
CA ASP B 291 -16.25 3.44 11.11
C ASP B 291 -15.42 3.35 9.82
N PRO B 292 -16.08 3.27 8.66
CA PRO B 292 -15.32 3.22 7.39
C PRO B 292 -14.39 4.41 7.19
N HIS B 293 -14.64 5.55 7.83
CA HIS B 293 -13.73 6.68 7.72
C HIS B 293 -12.34 6.36 8.26
N ARG B 294 -12.27 5.53 9.31
CA ARG B 294 -11.02 5.11 9.94
C ARG B 294 -10.13 6.29 10.29
N ILE B 295 -10.73 7.32 10.90
CA ILE B 295 -9.97 8.48 11.35
C ILE B 295 -9.64 8.38 12.82
N PHE B 296 -10.66 8.46 13.68
CA PHE B 296 -10.44 8.37 15.12
C PHE B 296 -10.53 6.91 15.59
N ARG B 297 -10.10 6.68 16.82
CA ARG B 297 -10.12 5.32 17.37
C ARG B 297 -10.98 5.24 18.61
N LEU B 298 -12.17 5.85 18.57
CA LEU B 298 -13.06 5.75 19.71
C LEU B 298 -13.74 4.38 19.72
N THR B 299 -14.23 3.99 20.90
CA THR B 299 -14.94 2.73 21.07
C THR B 299 -16.29 2.99 21.74
N ASN B 300 -17.04 1.91 21.96
CA ASN B 300 -18.25 1.93 22.79
C ASN B 300 -18.03 1.23 24.14
N PHE B 301 -16.77 1.05 24.56
CA PHE B 301 -16.47 0.19 25.70
C PHE B 301 -16.92 0.80 27.02
N TYR B 302 -17.33 -0.06 27.96
CA TYR B 302 -17.91 0.41 29.22
C TYR B 302 -17.58 -0.59 30.33
N PRO B 303 -16.44 -0.42 30.99
CA PRO B 303 -15.96 -1.34 32.04
C PRO B 303 -16.91 -1.38 33.21
N LEU B 317 -12.63 3.08 28.66
CA LEU B 317 -13.89 3.84 28.64
C LEU B 317 -14.10 4.69 27.38
N SER B 318 -15.22 4.41 26.71
CA SER B 318 -15.62 5.15 25.53
C SER B 318 -15.62 6.66 25.77
N GLY B 319 -14.92 7.40 24.89
CA GLY B 319 -14.95 8.85 24.97
C GLY B 319 -16.36 9.41 24.88
N TYR B 320 -17.17 8.84 23.98
CA TYR B 320 -18.59 9.19 23.89
C TYR B 320 -19.29 9.09 25.24
N LEU B 321 -19.27 7.88 25.81
CA LEU B 321 -19.94 7.63 27.10
C LEU B 321 -19.35 8.49 28.18
N TYR B 322 -18.03 8.70 28.15
CA TYR B 322 -17.41 9.63 29.08
C TYR B 322 -18.00 11.03 28.92
N ALA B 323 -18.03 11.56 27.69
CA ALA B 323 -18.54 12.92 27.49
C ALA B 323 -20.03 13.02 27.79
N ILE B 324 -20.81 11.98 27.45
CA ILE B 324 -22.24 12.03 27.76
C ILE B 324 -22.48 11.98 29.26
N LYS B 325 -21.74 11.10 29.96
CA LYS B 325 -21.87 11.06 31.41
C LYS B 325 -21.56 12.42 32.03
N LYS B 326 -20.53 13.10 31.51
CA LYS B 326 -20.15 14.42 32.03
C LYS B 326 -21.25 15.46 31.80
N ILE B 327 -21.85 15.49 30.61
CA ILE B 327 -22.88 16.48 30.31
C ILE B 327 -24.12 16.25 31.16
N LEU B 328 -24.51 14.99 31.33
CA LEU B 328 -25.69 14.69 32.12
C LEU B 328 -25.48 15.05 33.60
N SER B 329 -24.24 15.03 34.10
CA SER B 329 -24.00 15.36 35.50
C SER B 329 -24.27 16.83 35.82
N TRP B 330 -24.30 17.72 34.82
CA TRP B 330 -24.65 19.09 35.08
C TRP B 330 -26.14 19.27 35.39
N LYS B 331 -26.96 18.23 35.22
CA LYS B 331 -28.39 18.31 35.54
C LYS B 331 -29.08 19.45 34.77
N VAL B 332 -28.72 19.63 33.51
CA VAL B 332 -29.29 20.65 32.63
C VAL B 332 -30.17 19.94 31.60
N PRO B 333 -31.41 20.39 31.37
CA PRO B 333 -32.26 19.75 30.34
C PRO B 333 -31.52 19.61 29.02
N THR B 334 -31.53 18.37 28.47
CA THR B 334 -30.59 18.01 27.42
C THR B 334 -31.28 17.24 26.31
N LEU B 335 -30.92 17.56 25.07
CA LEU B 335 -31.38 16.85 23.90
C LEU B 335 -30.19 16.14 23.28
N ILE B 336 -30.32 14.83 23.01
CA ILE B 336 -29.24 14.03 22.43
C ILE B 336 -29.67 13.57 21.04
N LEU B 337 -28.84 13.90 20.04
CA LEU B 337 -29.15 13.64 18.64
C LEU B 337 -28.11 12.71 18.04
N GLY B 338 -28.49 12.08 16.93
CA GLY B 338 -27.61 11.16 16.22
C GLY B 338 -26.69 11.92 15.31
N GLY B 339 -26.55 11.47 14.07
CA GLY B 339 -25.67 12.14 13.12
C GLY B 339 -25.00 11.16 12.16
N GLY B 340 -23.70 11.35 11.97
CA GLY B 340 -22.90 10.43 11.18
C GLY B 340 -22.74 9.09 11.88
N GLY B 341 -22.26 8.11 11.10
CA GLY B 341 -22.08 6.76 11.57
C GLY B 341 -22.40 5.82 10.44
N TYR B 342 -21.37 5.26 9.82
CA TYR B 342 -21.53 4.53 8.58
C TYR B 342 -21.19 3.06 8.68
N ASN B 343 -20.79 2.58 9.86
CA ASN B 343 -20.84 1.16 10.23
C ASN B 343 -22.13 0.97 11.03
N PHE B 344 -23.18 0.41 10.39
CA PHE B 344 -24.51 0.53 11.00
C PHE B 344 -24.65 -0.30 12.27
N PRO B 345 -24.15 -1.55 12.32
CA PRO B 345 -24.23 -2.28 13.59
C PRO B 345 -23.46 -1.64 14.73
N ASP B 346 -22.27 -1.11 14.44
CA ASP B 346 -21.46 -0.50 15.48
C ASP B 346 -22.03 0.84 15.93
N THR B 347 -22.60 1.61 14.99
CA THR B 347 -23.39 2.78 15.39
C THR B 347 -24.48 2.39 16.38
N ALA B 348 -25.26 1.34 16.06
CA ALA B 348 -26.29 0.87 16.98
C ALA B 348 -25.70 0.37 18.31
N ARG B 349 -24.50 -0.25 18.30
CA ARG B 349 -23.88 -0.66 19.57
C ARG B 349 -23.49 0.54 20.43
N LEU B 350 -23.00 1.61 19.80
CA LEU B 350 -22.68 2.81 20.55
C LEU B 350 -23.93 3.45 21.14
N TRP B 351 -24.90 3.77 20.27
CA TRP B 351 -26.09 4.52 20.69
C TRP B 351 -26.95 3.73 21.65
N THR B 352 -26.88 2.40 21.62
CA THR B 352 -27.59 1.61 22.63
C THR B 352 -26.94 1.77 23.99
N ARG B 353 -25.61 1.85 24.03
CA ARG B 353 -24.91 2.19 25.27
C ARG B 353 -25.19 3.62 25.72
N VAL B 354 -25.19 4.58 24.78
CA VAL B 354 -25.53 5.95 25.16
C VAL B 354 -26.91 5.98 25.79
N THR B 355 -27.86 5.21 25.26
CA THR B 355 -29.23 5.23 25.76
C THR B 355 -29.32 4.63 27.16
N ALA B 356 -28.65 3.50 27.40
CA ALA B 356 -28.68 2.87 28.71
C ALA B 356 -28.05 3.79 29.76
N LEU B 357 -26.95 4.47 29.38
CA LEU B 357 -26.27 5.36 30.32
C LEU B 357 -27.12 6.57 30.68
N THR B 358 -27.83 7.14 29.69
CA THR B 358 -28.76 8.24 29.99
C THR B 358 -29.83 7.80 30.98
N ILE B 359 -30.38 6.58 30.80
CA ILE B 359 -31.37 6.08 31.74
C ILE B 359 -30.75 5.94 33.13
N GLU B 360 -29.52 5.42 33.17
CA GLU B 360 -28.81 5.21 34.42
C GLU B 360 -28.52 6.54 35.13
N GLU B 361 -27.96 7.50 34.38
CA GLU B 361 -27.56 8.78 34.96
C GLU B 361 -28.77 9.65 35.30
N VAL B 362 -29.88 9.52 34.59
CA VAL B 362 -31.00 10.44 34.82
C VAL B 362 -31.99 9.87 35.82
N LYS B 363 -32.38 8.60 35.69
CA LYS B 363 -33.32 7.98 36.62
C LYS B 363 -32.63 7.34 37.84
N GLY B 364 -31.30 7.30 37.87
CA GLY B 364 -30.61 6.69 39.00
C GLY B 364 -30.80 5.19 39.10
N LYS B 365 -31.06 4.53 37.98
CA LYS B 365 -31.55 3.16 37.93
C LYS B 365 -30.57 2.32 37.10
N LYS B 366 -29.94 1.35 37.74
CA LYS B 366 -28.90 0.56 37.09
C LYS B 366 -29.42 -0.13 35.84
N MET B 367 -28.68 0.02 34.74
CA MET B 367 -29.07 -0.55 33.46
C MET B 367 -27.98 -1.52 33.04
N THR B 368 -28.18 -2.79 33.32
CA THR B 368 -27.19 -3.81 33.00
C THR B 368 -27.49 -4.40 31.63
N ILE B 369 -26.48 -4.35 30.78
CA ILE B 369 -26.61 -4.76 29.39
C ILE B 369 -25.70 -5.96 29.19
N SER B 370 -26.26 -7.03 28.68
CA SER B 370 -25.48 -8.24 28.56
C SER B 370 -24.52 -8.16 27.36
N PRO B 371 -23.33 -8.80 27.48
CA PRO B 371 -22.33 -8.76 26.39
C PRO B 371 -22.78 -9.38 25.07
N GLU B 372 -23.63 -10.40 25.10
CA GLU B 372 -24.16 -10.97 23.87
C GLU B 372 -25.35 -10.16 23.40
N ILE B 373 -25.34 -9.80 22.11
CA ILE B 373 -26.49 -9.22 21.43
C ILE B 373 -27.70 -10.12 21.67
N PRO B 374 -28.82 -9.55 22.09
CA PRO B 374 -30.03 -10.36 22.32
C PRO B 374 -30.69 -10.75 21.01
N GLU B 375 -31.54 -11.77 21.10
CA GLU B 375 -32.28 -12.24 19.94
C GLU B 375 -33.26 -11.18 19.42
N HIS B 376 -33.17 -10.90 18.13
CA HIS B 376 -34.17 -10.05 17.48
C HIS B 376 -33.94 -10.15 15.98
N SER B 377 -34.81 -9.49 15.22
CA SER B 377 -34.86 -9.67 13.77
C SER B 377 -33.56 -9.26 13.08
N TYR B 378 -32.77 -8.37 13.69
CA TYR B 378 -31.51 -7.95 13.10
C TYR B 378 -30.30 -8.60 13.76
N PHE B 379 -30.53 -9.64 14.57
CA PHE B 379 -29.42 -10.31 15.24
C PHE B 379 -28.30 -10.64 14.27
N SER B 380 -28.65 -11.16 13.10
CA SER B 380 -27.64 -11.59 12.12
C SER B 380 -26.76 -10.44 11.62
N ARG B 381 -27.11 -9.19 11.90
CA ARG B 381 -26.26 -8.09 11.46
C ARG B 381 -25.09 -7.83 12.40
N TYR B 382 -24.98 -8.52 13.52
CA TYR B 382 -23.90 -8.27 14.47
C TYR B 382 -22.83 -9.34 14.44
N GLY B 383 -22.61 -9.96 13.28
CA GLY B 383 -21.67 -11.07 13.21
C GLY B 383 -20.23 -10.58 13.07
N PRO B 384 -19.24 -11.49 13.18
CA PRO B 384 -19.31 -12.93 13.50
C PRO B 384 -19.34 -13.21 15.00
N ASP B 385 -19.12 -12.15 15.77
CA ASP B 385 -18.99 -12.20 17.22
C ASP B 385 -20.31 -12.08 17.95
N PHE B 386 -21.30 -11.38 17.38
CA PHE B 386 -22.59 -11.12 18.04
C PHE B 386 -22.41 -10.62 19.48
N GLU B 387 -21.43 -9.75 19.68
CA GLU B 387 -21.22 -9.12 20.98
C GLU B 387 -21.45 -7.63 20.90
N LEU B 388 -21.67 -7.02 22.07
CA LEU B 388 -22.03 -5.61 22.14
C LEU B 388 -20.82 -4.68 22.02
N ASP B 389 -19.67 -5.05 22.60
CA ASP B 389 -18.42 -4.34 22.35
C ASP B 389 -18.06 -4.41 20.88
N ILE B 390 -17.77 -3.25 20.28
CA ILE B 390 -17.31 -3.22 18.89
C ILE B 390 -16.05 -4.06 18.75
N ASP B 391 -15.88 -4.68 17.60
CA ASP B 391 -14.80 -5.64 17.38
C ASP B 391 -13.54 -4.88 16.99
N TYR B 392 -12.86 -4.37 18.01
CA TYR B 392 -11.69 -3.54 17.81
C TYR B 392 -10.72 -3.76 18.96
N PHE B 393 -9.44 -3.67 18.65
CA PHE B 393 -8.38 -3.92 19.63
C PHE B 393 -7.52 -2.69 19.74
N PRO B 394 -7.64 -1.93 20.83
CA PRO B 394 -6.89 -0.68 20.96
C PRO B 394 -5.43 -0.95 21.28
N HIS B 395 -4.58 0.02 20.92
CA HIS B 395 -3.13 -0.18 21.00
C HIS B 395 -2.34 1.09 20.73
N GLU B 396 -1.53 1.53 21.69
CA GLU B 396 -0.68 2.72 21.51
C GLU B 396 0.68 2.34 20.96
N THR B 401 4.05 13.27 24.94
CA THR B 401 4.68 14.55 24.55
C THR B 401 4.71 14.62 23.03
N LEU B 402 4.25 15.76 22.51
CA LEU B 402 4.29 16.23 21.12
C LEU B 402 2.93 16.12 20.43
N ASP B 403 2.07 15.20 20.87
CA ASP B 403 0.73 15.08 20.32
C ASP B 403 -0.33 15.72 21.21
N SER B 404 0.08 16.39 22.28
CA SER B 404 -0.86 17.05 23.15
C SER B 404 -1.38 18.32 22.48
N ILE B 405 -2.40 18.90 23.10
CA ILE B 405 -3.15 20.02 22.55
C ILE B 405 -3.35 21.08 23.62
N GLN B 406 -2.35 21.29 24.48
CA GLN B 406 -2.51 22.21 25.60
C GLN B 406 -2.59 23.66 25.14
N LYS B 407 -1.99 24.00 23.99
CA LYS B 407 -2.17 25.34 23.42
C LYS B 407 -3.62 25.60 22.97
N HIS B 408 -4.34 24.55 22.55
CA HIS B 408 -5.74 24.72 22.20
C HIS B 408 -6.59 25.02 23.42
N HIS B 409 -6.34 24.29 24.51
CA HIS B 409 -7.02 24.61 25.77
C HIS B 409 -6.79 26.07 26.15
N ARG B 410 -5.55 26.51 26.06
CA ARG B 410 -5.26 27.91 26.39
C ARG B 410 -6.01 28.84 25.45
N ARG B 411 -5.96 28.56 24.15
CA ARG B 411 -6.68 29.40 23.20
C ARG B 411 -8.18 29.39 23.51
N ILE B 412 -8.71 28.21 23.84
CA ILE B 412 -10.15 28.06 24.05
C ILE B 412 -10.58 28.73 25.36
N LEU B 413 -9.81 28.54 26.44
CA LEU B 413 -10.11 29.21 27.69
C LEU B 413 -9.99 30.72 27.57
N GLU B 414 -9.06 31.22 26.77
CA GLU B 414 -9.00 32.66 26.55
C GLU B 414 -10.23 33.14 25.80
N GLN B 415 -10.64 32.39 24.78
CA GLN B 415 -11.87 32.74 24.06
C GLN B 415 -13.08 32.72 24.98
N LEU B 416 -13.10 31.78 25.93
CA LEU B 416 -14.21 31.72 26.87
C LEU B 416 -14.24 32.96 27.74
N ARG B 417 -13.08 33.38 28.25
CA ARG B 417 -12.99 34.62 29.02
C ARG B 417 -13.44 35.83 28.20
N ASN B 418 -13.06 35.89 26.91
CA ASN B 418 -13.54 36.97 26.06
C ASN B 418 -15.05 36.94 25.88
N TYR B 419 -15.63 35.74 25.75
CA TYR B 419 -17.08 35.67 25.64
C TYR B 419 -17.76 36.18 26.91
N ALA B 420 -17.22 35.81 28.08
CA ALA B 420 -17.81 36.28 29.33
C ALA B 420 -17.78 37.81 29.40
N ASP B 421 -16.62 38.42 29.13
CA ASP B 421 -16.50 39.88 29.10
C ASP B 421 -17.51 40.51 28.17
N LEU B 422 -17.46 40.14 26.88
CA LEU B 422 -18.31 40.82 25.89
C LEU B 422 -19.76 40.81 26.34
N ASN B 423 -20.18 39.72 26.95
CA ASN B 423 -21.58 39.49 27.26
C ASN B 423 -21.91 39.83 28.71
N LYS B 424 -20.92 40.27 29.49
CA LYS B 424 -21.11 40.75 30.86
C LYS B 424 -21.54 39.61 31.80
N LEU B 425 -20.94 38.44 31.63
CA LEU B 425 -21.16 37.29 32.49
C LEU B 425 -20.00 37.14 33.46
N ILE B 426 -20.31 36.63 34.65
CA ILE B 426 -19.24 36.35 35.60
C ILE B 426 -18.36 35.25 35.05
N TYR B 427 -17.05 35.49 35.09
CA TYR B 427 -16.02 34.49 34.83
C TYR B 427 -15.45 34.00 36.16
N ASP B 428 -15.86 32.80 36.57
CA ASP B 428 -15.45 32.24 37.86
C ASP B 428 -14.06 31.63 37.71
N TYR B 429 -13.05 32.51 37.74
CA TYR B 429 -11.66 32.06 37.57
C TYR B 429 -11.32 30.90 38.49
N ASP B 430 -11.63 31.02 39.79
CA ASP B 430 -11.19 30.02 40.76
C ASP B 430 -11.79 28.64 40.45
N GLN B 431 -13.10 28.60 40.17
CA GLN B 431 -13.73 27.33 39.82
C GLN B 431 -13.15 26.75 38.54
N VAL B 432 -12.96 27.58 37.51
CA VAL B 432 -12.33 27.08 36.30
C VAL B 432 -10.91 26.61 36.59
N TYR B 433 -10.18 27.37 37.41
CA TYR B 433 -8.81 26.97 37.73
C TYR B 433 -8.79 25.66 38.49
N GLN B 434 -9.64 25.53 39.52
CA GLN B 434 -9.71 24.28 40.26
C GLN B 434 -10.00 23.13 39.33
N LEU B 435 -10.81 23.39 38.30
CA LEU B 435 -11.16 22.35 37.34
C LEU B 435 -9.93 21.88 36.56
N TYR B 436 -9.13 22.82 36.05
CA TYR B 436 -7.96 22.40 35.27
C TYR B 436 -6.81 21.97 36.17
N ASN B 437 -6.75 22.44 37.41
CA ASN B 437 -5.68 21.98 38.26
C ASN B 437 -5.90 20.57 38.80
N LEU B 438 -7.05 19.95 38.49
CA LEU B 438 -7.23 18.53 38.75
C LEU B 438 -6.30 17.68 37.91
N THR B 439 -6.02 18.13 36.70
CA THR B 439 -5.10 17.48 35.78
C THR B 439 -3.67 17.92 35.99
N GLY B 440 -3.46 19.07 36.62
CA GLY B 440 -2.17 19.71 36.73
C GLY B 440 -2.00 20.90 35.81
N MET B 441 -3.09 21.39 35.22
CA MET B 441 -3.06 22.35 34.12
C MET B 441 -3.68 23.69 34.49
N GLY B 442 -3.80 23.98 35.80
CA GLY B 442 -4.38 25.25 36.21
C GLY B 442 -3.71 26.43 35.54
N SER B 443 -2.42 26.30 35.25
CA SER B 443 -1.66 27.39 34.66
C SER B 443 -2.18 27.78 33.28
N LEU B 444 -3.01 26.95 32.67
CA LEU B 444 -3.55 27.30 31.37
C LEU B 444 -4.76 28.24 31.47
N VAL B 445 -5.35 28.39 32.66
CA VAL B 445 -6.58 29.17 32.81
C VAL B 445 -6.26 30.66 32.86
N PRO B 446 -6.86 31.49 32.03
CA PRO B 446 -6.64 32.94 32.14
C PRO B 446 -7.39 33.55 33.31
N ARG B 447 -6.83 34.62 33.86
CA ARG B 447 -7.43 35.34 34.99
C ARG B 447 -8.81 35.94 34.67
N SER C 3 18.21 -25.63 -41.10
CA SER C 3 17.05 -26.34 -40.57
C SER C 3 16.77 -25.96 -39.11
N VAL C 4 15.60 -25.40 -38.84
CA VAL C 4 15.21 -25.07 -37.48
C VAL C 4 14.27 -26.16 -36.98
N GLY C 5 14.66 -26.82 -35.89
CA GLY C 5 13.84 -27.85 -35.28
C GLY C 5 13.05 -27.39 -34.07
N ILE C 6 11.97 -28.10 -33.79
CA ILE C 6 11.17 -27.82 -32.59
C ILE C 6 10.61 -29.14 -32.08
N VAL C 7 10.61 -29.31 -30.76
CA VAL C 7 10.16 -30.55 -30.11
C VAL C 7 8.64 -30.53 -29.92
N TYR C 8 7.92 -31.44 -30.56
CA TYR C 8 6.52 -31.64 -30.21
CA TYR C 8 6.47 -31.59 -30.36
C TYR C 8 6.06 -33.03 -30.61
N GLY C 9 4.88 -33.38 -30.10
CA GLY C 9 4.26 -34.67 -30.30
C GLY C 9 2.97 -34.69 -29.53
N ASP C 10 2.09 -35.64 -29.90
CA ASP C 10 0.76 -35.67 -29.31
C ASP C 10 0.82 -36.03 -27.83
N GLN C 11 1.48 -37.13 -27.49
CA GLN C 11 1.61 -37.47 -26.09
C GLN C 11 2.54 -36.48 -25.38
N TYR C 12 3.50 -35.92 -26.10
CA TYR C 12 4.38 -34.92 -25.49
C TYR C 12 3.60 -33.71 -25.02
N ARG C 13 2.63 -33.26 -25.81
CA ARG C 13 1.85 -32.08 -25.41
C ARG C 13 0.91 -32.41 -24.26
N GLN C 14 0.30 -33.60 -24.28
CA GLN C 14 -0.55 -34.00 -23.16
C GLN C 14 0.25 -34.05 -21.87
N LEU C 15 1.47 -34.64 -21.92
CA LEU C 15 2.30 -34.75 -20.73
C LEU C 15 2.77 -33.38 -20.23
N CYS C 16 3.25 -32.54 -21.15
CA CYS C 16 3.69 -31.21 -20.79
C CYS C 16 2.58 -30.39 -20.15
N CYS C 17 1.30 -30.69 -20.48
CA CYS C 17 0.16 -29.91 -20.02
C CYS C 17 -0.53 -30.51 -18.80
N SER C 18 0.13 -31.43 -18.09
CA SER C 18 -0.51 -32.24 -17.07
C SER C 18 -0.10 -31.88 -15.64
N SER C 19 0.80 -30.79 -15.44
CA SER C 19 1.28 -30.31 -14.15
C SER C 19 0.32 -29.29 -13.55
N PRO C 20 0.15 -29.33 -12.23
CA PRO C 20 -0.70 -28.31 -11.58
C PRO C 20 -0.16 -26.89 -11.72
N LYS C 21 1.17 -26.69 -11.80
CA LYS C 21 1.64 -25.30 -11.82
C LYS C 21 1.60 -24.70 -13.22
N PHE C 22 1.89 -25.49 -14.25
CA PHE C 22 2.02 -24.89 -15.58
C PHE C 22 0.81 -25.13 -16.46
N GLY C 23 -0.12 -25.99 -16.05
CA GLY C 23 -1.42 -26.05 -16.71
C GLY C 23 -1.26 -26.35 -18.20
N ASP C 24 -1.94 -25.56 -19.02
CA ASP C 24 -1.92 -25.75 -20.47
C ASP C 24 -0.99 -24.77 -21.18
N ARG C 25 -0.04 -24.18 -20.46
CA ARG C 25 0.89 -23.20 -21.06
C ARG C 25 1.55 -23.72 -22.34
N TYR C 26 2.03 -24.97 -22.32
CA TYR C 26 2.70 -25.50 -23.51
C TYR C 26 1.76 -25.54 -24.72
N ALA C 27 0.50 -25.94 -24.50
CA ALA C 27 -0.48 -25.95 -25.58
C ALA C 27 -0.72 -24.54 -26.15
N LEU C 28 -0.87 -23.53 -25.28
CA LEU C 28 -0.97 -22.15 -25.76
C LEU C 28 0.21 -21.77 -26.63
N VAL C 29 1.43 -22.09 -26.18
CA VAL C 29 2.64 -21.68 -26.91
C VAL C 29 2.65 -22.31 -28.30
N MET C 30 2.52 -23.64 -28.34
CA MET C 30 2.59 -24.37 -29.61
C MET C 30 1.41 -24.04 -30.52
N ASP C 31 0.23 -23.77 -29.95
CA ASP C 31 -0.89 -23.40 -30.79
C ASP C 31 -0.79 -21.97 -31.30
N LEU C 32 -0.21 -21.05 -30.52
CA LEU C 32 0.02 -19.72 -31.08
C LEU C 32 1.07 -19.77 -32.18
N ILE C 33 2.15 -20.53 -31.97
CA ILE C 33 3.11 -20.76 -33.05
C ILE C 33 2.40 -21.36 -34.26
N ASN C 34 1.49 -22.29 -34.00
CA ASN C 34 0.78 -22.96 -35.08
C ASN C 34 -0.18 -22.00 -35.78
N ALA C 35 -0.80 -21.10 -35.01
CA ALA C 35 -1.78 -20.20 -35.59
C ALA C 35 -1.11 -19.14 -36.46
N TYR C 36 0.13 -18.80 -36.18
CA TYR C 36 0.88 -17.89 -37.03
C TYR C 36 1.55 -18.61 -38.19
N LYS C 37 1.25 -19.89 -38.40
CA LYS C 37 1.68 -20.66 -39.57
C LYS C 37 3.19 -20.91 -39.59
N LEU C 38 3.82 -20.95 -38.41
CA LEU C 38 5.25 -21.18 -38.29
C LEU C 38 5.62 -22.66 -38.39
N ILE C 39 4.73 -23.55 -37.95
CA ILE C 39 4.96 -24.99 -37.90
C ILE C 39 5.45 -25.54 -39.24
N PRO C 40 4.93 -25.15 -40.41
CA PRO C 40 5.54 -25.64 -41.67
C PRO C 40 7.00 -25.23 -41.86
N GLU C 41 7.47 -24.17 -41.20
CA GLU C 41 8.85 -23.74 -41.37
C GLU C 41 9.84 -24.59 -40.59
N LEU C 42 9.34 -25.42 -39.68
CA LEU C 42 10.14 -26.04 -38.63
C LEU C 42 10.13 -27.54 -38.81
N SER C 43 11.26 -28.17 -38.55
CA SER C 43 11.40 -29.62 -38.58
C SER C 43 11.00 -30.16 -37.20
N ARG C 44 9.97 -30.99 -37.14
CA ARG C 44 9.49 -31.51 -35.87
C ARG C 44 10.52 -32.50 -35.30
N VAL C 45 10.93 -32.31 -34.05
CA VAL C 45 11.91 -33.19 -33.44
C VAL C 45 11.16 -34.06 -32.44
N PRO C 46 10.98 -35.36 -32.70
CA PRO C 46 10.20 -36.22 -31.79
C PRO C 46 10.95 -36.46 -30.51
N PRO C 47 10.26 -36.44 -29.37
CA PRO C 47 10.93 -36.72 -28.09
C PRO C 47 11.55 -38.11 -28.07
N LEU C 48 12.73 -38.23 -27.44
CA LEU C 48 13.40 -39.52 -27.33
C LEU C 48 12.57 -40.51 -26.51
N GLN C 49 12.48 -41.75 -27.00
CA GLN C 49 12.00 -42.88 -26.21
C GLN C 49 13.07 -43.97 -26.14
N TRP C 50 12.96 -44.80 -25.12
CA TRP C 50 13.98 -45.78 -24.80
C TRP C 50 13.48 -47.20 -25.06
N ASP C 51 14.42 -48.14 -25.12
CA ASP C 51 14.10 -49.54 -25.41
C ASP C 51 13.73 -50.34 -24.18
N SER C 52 13.87 -49.77 -22.98
CA SER C 52 13.57 -50.48 -21.75
C SER C 52 13.65 -49.49 -20.57
N PRO C 53 12.95 -49.78 -19.47
CA PRO C 53 13.16 -49.00 -18.26
C PRO C 53 14.64 -48.90 -17.86
N SER C 54 15.41 -49.94 -18.19
CA SER C 54 16.83 -49.92 -17.84
C SER C 54 17.57 -48.85 -18.62
N ARG C 55 17.44 -48.83 -19.94
CA ARG C 55 18.09 -47.77 -20.69
C ARG C 55 17.57 -46.39 -20.30
N MET C 56 16.28 -46.27 -19.94
CA MET C 56 15.76 -44.98 -19.46
C MET C 56 16.38 -44.59 -18.13
N TYR C 57 16.38 -45.53 -17.19
CA TYR C 57 17.01 -45.28 -15.90
C TYR C 57 18.46 -44.90 -16.09
N GLU C 58 19.12 -45.48 -17.09
CA GLU C 58 20.53 -45.17 -17.31
C GLU C 58 20.66 -43.76 -17.88
N ALA C 59 19.73 -43.34 -18.71
CA ALA C 59 19.78 -41.98 -19.21
C ALA C 59 19.69 -41.00 -18.05
N VAL C 60 18.66 -41.15 -17.22
CA VAL C 60 18.37 -40.14 -16.22
C VAL C 60 19.44 -40.12 -15.15
N THR C 61 20.01 -41.29 -14.84
CA THR C 61 21.01 -41.32 -13.77
C THR C 61 22.40 -40.93 -14.25
N ALA C 62 22.56 -40.53 -15.52
CA ALA C 62 23.80 -39.85 -15.89
C ALA C 62 24.04 -38.61 -15.04
N PHE C 63 22.96 -38.01 -14.52
CA PHE C 63 23.05 -36.92 -13.55
C PHE C 63 22.39 -37.23 -12.23
N HIS C 64 21.15 -37.69 -12.24
CA HIS C 64 20.37 -37.80 -11.02
C HIS C 64 20.69 -39.10 -10.29
N SER C 65 20.61 -39.04 -8.96
CA SER C 65 20.83 -40.24 -8.17
C SER C 65 19.73 -41.26 -8.47
N THR C 66 20.12 -42.54 -8.45
CA THR C 66 19.16 -43.62 -8.57
C THR C 66 18.09 -43.53 -7.48
N GLU C 67 18.48 -43.16 -6.27
CA GLU C 67 17.53 -43.12 -5.16
C GLU C 67 16.51 -42.01 -5.35
N TYR C 68 16.94 -40.83 -5.82
CA TYR C 68 15.99 -39.76 -6.10
C TYR C 68 15.06 -40.13 -7.27
N VAL C 69 15.57 -40.81 -8.30
CA VAL C 69 14.70 -41.20 -9.41
C VAL C 69 13.63 -42.19 -8.93
N ASP C 70 14.06 -43.21 -8.17
CA ASP C 70 13.12 -44.15 -7.57
C ASP C 70 12.05 -43.43 -6.77
N ALA C 71 12.45 -42.42 -5.99
CA ALA C 71 11.49 -41.72 -5.15
C ALA C 71 10.52 -40.92 -6.00
N LEU C 72 11.04 -40.29 -7.06
CA LEU C 72 10.16 -39.56 -7.97
C LEU C 72 9.19 -40.51 -8.66
N LYS C 73 9.62 -41.74 -8.94
CA LYS C 73 8.71 -42.73 -9.52
C LYS C 73 7.67 -43.19 -8.51
N LYS C 74 8.12 -43.54 -7.30
CA LYS C 74 7.21 -43.92 -6.23
C LYS C 74 6.19 -42.81 -5.95
N LEU C 75 6.64 -41.55 -5.93
CA LEU C 75 5.72 -40.45 -5.67
C LEU C 75 4.62 -40.40 -6.72
N GLN C 76 4.94 -40.73 -7.97
CA GLN C 76 3.91 -40.76 -9.00
C GLN C 76 2.94 -41.90 -8.77
N MET C 77 3.44 -43.10 -8.47
CA MET C 77 2.54 -44.21 -8.20
C MET C 77 1.63 -43.93 -7.01
N LEU C 78 2.18 -43.34 -5.95
CA LEU C 78 1.38 -43.03 -4.77
C LEU C 78 0.22 -42.11 -5.13
N HIS C 79 0.50 -41.02 -5.86
CA HIS C 79 -0.56 -40.08 -6.21
C HIS C 79 -1.58 -40.64 -7.20
N CYS C 80 -1.27 -41.75 -7.87
CA CYS C 80 -2.24 -42.44 -8.74
C CYS C 80 -3.14 -43.43 -8.00
N GLU C 81 -2.86 -43.74 -6.74
CA GLU C 81 -3.77 -44.52 -5.92
C GLU C 81 -4.50 -43.60 -4.94
N GLU C 82 -5.65 -44.06 -4.47
CA GLU C 82 -6.47 -43.22 -3.61
C GLU C 82 -5.83 -43.03 -2.24
N LYS C 83 -5.20 -44.07 -1.70
CA LYS C 83 -4.81 -44.05 -0.29
C LYS C 83 -3.63 -43.10 -0.06
N GLU C 84 -3.48 -42.71 1.21
CA GLU C 84 -2.57 -41.67 1.65
C GLU C 84 -1.14 -42.21 1.81
N LEU C 85 -0.20 -41.28 1.92
CA LEU C 85 1.18 -41.63 2.21
C LEU C 85 1.33 -42.05 3.67
N THR C 86 2.08 -43.12 3.91
CA THR C 86 2.45 -43.50 5.26
C THR C 86 3.47 -42.51 5.81
N ALA C 87 3.69 -42.59 7.12
CA ALA C 87 4.66 -41.69 7.75
C ALA C 87 6.06 -41.88 7.18
N ASP C 88 6.41 -43.11 6.79
CA ASP C 88 7.71 -43.33 6.17
C ASP C 88 7.75 -42.80 4.75
N ASP C 89 6.63 -42.92 4.01
CA ASP C 89 6.53 -42.31 2.69
C ASP C 89 6.78 -40.81 2.77
N GLU C 90 6.06 -40.13 3.68
CA GLU C 90 6.28 -38.70 3.91
C GLU C 90 7.76 -38.39 4.10
N LEU C 91 8.43 -39.09 5.02
CA LEU C 91 9.82 -38.72 5.33
C LEU C 91 10.74 -38.94 4.14
N LEU C 92 10.54 -40.02 3.38
CA LEU C 92 11.36 -40.26 2.19
C LEU C 92 11.18 -39.13 1.14
N MET C 93 9.92 -38.73 0.87
CA MET C 93 9.70 -37.65 -0.08
C MET C 93 10.32 -36.33 0.38
N ASP C 94 10.14 -35.99 1.67
CA ASP C 94 10.76 -34.78 2.22
C ASP C 94 12.28 -34.84 2.13
N SER C 95 12.89 -36.02 2.27
CA SER C 95 14.34 -36.08 2.14
C SER C 95 14.82 -35.73 0.74
N PHE C 96 13.92 -35.64 -0.24
CA PHE C 96 14.23 -35.26 -1.62
C PHE C 96 13.56 -33.95 -2.01
N SER C 97 13.06 -33.20 -1.03
CA SER C 97 12.28 -31.98 -1.25
C SER C 97 11.10 -32.22 -2.19
N LEU C 98 10.52 -33.43 -2.16
CA LEU C 98 9.34 -33.77 -2.97
C LEU C 98 8.08 -33.36 -2.22
N ASN C 99 7.95 -32.05 -2.04
CA ASN C 99 6.94 -31.45 -1.17
C ASN C 99 6.78 -29.98 -1.53
N TYR C 100 5.94 -29.31 -0.74
CA TYR C 100 5.73 -27.86 -0.77
C TYR C 100 5.60 -27.34 -2.20
N ASP C 101 6.68 -26.71 -2.71
CA ASP C 101 6.71 -26.12 -4.05
C ASP C 101 6.98 -27.13 -5.15
N CYS C 102 7.38 -28.36 -4.79
CA CYS C 102 7.49 -29.45 -5.74
C CYS C 102 6.59 -30.59 -5.27
N PRO C 103 5.27 -30.39 -5.32
CA PRO C 103 4.36 -31.44 -4.87
C PRO C 103 4.34 -32.61 -5.83
N GLY C 104 3.80 -33.72 -5.33
CA GLY C 104 3.44 -34.80 -6.20
C GLY C 104 2.07 -34.57 -6.83
N PHE C 105 1.88 -35.16 -7.99
CA PHE C 105 0.59 -35.19 -8.65
C PHE C 105 0.60 -36.42 -9.55
N PRO C 106 -0.56 -36.86 -10.04
CA PRO C 106 -0.62 -38.19 -10.68
C PRO C 106 0.35 -38.41 -11.85
N SER C 107 0.84 -37.36 -12.51
CA SER C 107 1.76 -37.54 -13.65
C SER C 107 3.13 -36.93 -13.40
N VAL C 108 3.52 -36.77 -12.14
CA VAL C 108 4.69 -35.96 -11.83
C VAL C 108 5.94 -36.57 -12.45
N PHE C 109 6.03 -37.90 -12.50
CA PHE C 109 7.22 -38.52 -13.08
C PHE C 109 7.16 -38.45 -14.60
N ASP C 110 6.04 -38.87 -15.20
CA ASP C 110 5.87 -38.75 -16.65
C ASP C 110 6.02 -37.29 -17.13
N TYR C 111 5.50 -36.33 -16.37
CA TYR C 111 5.69 -34.91 -16.71
C TYR C 111 7.18 -34.53 -16.69
N SER C 112 7.89 -34.92 -15.63
CA SER C 112 9.31 -34.57 -15.51
C SER C 112 10.16 -35.28 -16.57
N LEU C 113 9.87 -36.55 -16.85
CA LEU C 113 10.61 -37.30 -17.85
C LEU C 113 10.41 -36.73 -19.25
N ALA C 114 9.21 -36.25 -19.55
CA ALA C 114 8.90 -35.75 -20.89
C ALA C 114 9.84 -34.62 -21.31
N ALA C 115 10.17 -33.71 -20.38
CA ALA C 115 11.10 -32.63 -20.72
C ALA C 115 12.49 -33.17 -21.03
N VAL C 116 12.91 -34.21 -20.31
CA VAL C 116 14.19 -34.86 -20.58
C VAL C 116 14.17 -35.52 -21.96
N GLN C 117 13.11 -36.29 -22.25
CA GLN C 117 12.95 -36.87 -23.58
C GLN C 117 13.06 -35.82 -24.66
N GLY C 118 12.41 -34.67 -24.45
CA GLY C 118 12.42 -33.62 -25.48
C GLY C 118 13.79 -33.00 -25.65
N SER C 119 14.43 -32.64 -24.53
CA SER C 119 15.72 -31.95 -24.62
C SER C 119 16.83 -32.88 -25.06
N LEU C 120 16.78 -34.17 -24.70
CA LEU C 120 17.79 -35.12 -25.20
C LEU C 120 17.65 -35.32 -26.70
N ALA C 121 16.40 -35.43 -27.18
CA ALA C 121 16.17 -35.56 -28.61
C ALA C 121 16.65 -34.31 -29.33
N ALA C 122 16.43 -33.14 -28.71
CA ALA C 122 16.87 -31.87 -29.29
C ALA C 122 18.38 -31.83 -29.43
N ALA C 123 19.10 -32.20 -28.36
CA ALA C 123 20.56 -32.28 -28.42
C ALA C 123 21.02 -33.26 -29.51
N SER C 124 20.33 -34.39 -29.65
CA SER C 124 20.74 -35.38 -30.65
C SER C 124 20.56 -34.86 -32.07
N ALA C 125 19.50 -34.10 -32.33
CA ALA C 125 19.31 -33.49 -33.65
C ALA C 125 20.42 -32.50 -33.98
N LEU C 126 20.95 -31.77 -32.98
CA LEU C 126 22.11 -30.89 -33.22
C LEU C 126 23.37 -31.70 -33.49
N ILE C 127 23.60 -32.75 -32.69
CA ILE C 127 24.85 -33.51 -32.76
C ILE C 127 25.05 -34.12 -34.13
N CYS C 128 24.00 -34.77 -34.67
CA CYS C 128 24.06 -35.35 -36.00
C CYS C 128 23.71 -34.34 -37.10
N ARG C 129 23.70 -33.04 -36.78
CA ARG C 129 23.61 -31.98 -37.78
C ARG C 129 22.34 -32.09 -38.64
N HIS C 130 21.25 -32.58 -38.05
CA HIS C 130 19.94 -32.51 -38.68
C HIS C 130 19.34 -31.10 -38.58
N CYS C 131 19.59 -30.40 -37.49
CA CYS C 131 19.12 -29.03 -37.32
C CYS C 131 20.29 -28.18 -36.87
N GLU C 132 20.24 -26.89 -37.24
CA GLU C 132 21.21 -25.93 -36.74
C GLU C 132 20.80 -25.37 -35.40
N VAL C 133 19.49 -25.31 -35.18
CA VAL C 133 18.89 -24.84 -33.94
C VAL C 133 17.73 -25.78 -33.61
N VAL C 134 17.54 -26.07 -32.34
CA VAL C 134 16.36 -26.81 -31.91
C VAL C 134 15.74 -26.10 -30.72
N ILE C 135 14.43 -25.93 -30.79
CA ILE C 135 13.63 -25.30 -29.76
C ILE C 135 12.89 -26.39 -29.00
N ASN C 136 12.89 -26.30 -27.67
CA ASN C 136 12.00 -27.12 -26.84
C ASN C 136 11.28 -26.26 -25.80
N TRP C 137 10.05 -25.82 -26.12
CA TRP C 137 9.33 -24.98 -25.18
C TRP C 137 8.74 -25.76 -24.01
N GLY C 138 8.81 -27.09 -24.05
CA GLY C 138 8.51 -27.90 -22.87
C GLY C 138 9.69 -28.12 -21.94
N GLY C 139 10.89 -27.68 -22.30
CA GLY C 139 12.07 -27.93 -21.49
C GLY C 139 12.54 -26.68 -20.74
N GLY C 140 13.61 -26.86 -19.97
CA GLY C 140 14.27 -25.72 -19.36
C GLY C 140 14.22 -25.70 -17.85
N TRP C 141 14.18 -26.89 -17.23
CA TRP C 141 13.92 -26.99 -15.79
C TRP C 141 15.23 -26.92 -15.01
N HIS C 142 15.76 -25.70 -14.89
CA HIS C 142 17.14 -25.48 -14.50
C HIS C 142 17.39 -25.56 -13.01
N HIS C 143 16.37 -25.71 -12.16
CA HIS C 143 16.61 -25.77 -10.71
C HIS C 143 16.82 -27.18 -10.15
N ALA C 144 16.45 -28.22 -10.88
CA ALA C 144 16.50 -29.57 -10.31
C ALA C 144 17.95 -29.99 -10.04
N LYS C 145 18.17 -30.61 -8.87
CA LYS C 145 19.50 -31.04 -8.42
C LYS C 145 19.67 -32.54 -8.60
N ARG C 146 20.92 -32.99 -8.45
CA ARG C 146 21.21 -34.42 -8.51
C ARG C 146 20.23 -35.25 -7.66
N SER C 147 19.97 -34.83 -6.42
CA SER C 147 19.10 -35.61 -5.54
C SER C 147 18.03 -34.75 -4.90
N GLU C 148 17.55 -33.71 -5.59
CA GLU C 148 16.62 -32.77 -4.97
C GLU C 148 15.76 -32.11 -6.03
N ALA C 149 14.45 -32.10 -5.79
CA ALA C 149 13.55 -31.27 -6.57
C ALA C 149 13.58 -29.83 -6.04
N SER C 150 13.45 -28.87 -6.93
CA SER C 150 13.50 -27.47 -6.51
C SER C 150 12.74 -26.61 -7.52
N GLY C 151 11.88 -25.72 -7.02
CA GLY C 151 11.26 -24.69 -7.84
C GLY C 151 10.48 -25.24 -9.01
N PHE C 152 9.63 -26.22 -8.71
CA PHE C 152 8.89 -27.02 -9.68
C PHE C 152 9.78 -27.64 -10.76
N CYS C 153 11.08 -27.81 -10.49
CA CYS C 153 11.97 -28.59 -11.36
C CYS C 153 12.29 -29.92 -10.68
N TYR C 154 11.82 -31.02 -11.27
CA TYR C 154 12.01 -32.35 -10.71
C TYR C 154 13.15 -33.11 -11.39
N LEU C 155 13.37 -32.89 -12.68
CA LEU C 155 14.43 -33.52 -13.43
C LEU C 155 15.06 -32.45 -14.31
N ASN C 156 16.37 -32.44 -14.38
CA ASN C 156 17.06 -31.32 -15.00
C ASN C 156 17.35 -31.70 -16.45
N ASP C 157 16.37 -31.46 -17.32
CA ASP C 157 16.59 -31.73 -18.73
C ASP C 157 17.79 -30.97 -19.28
N ILE C 158 18.05 -29.76 -18.77
CA ILE C 158 19.16 -28.96 -19.29
C ILE C 158 20.50 -29.66 -19.02
N VAL C 159 20.73 -30.10 -17.78
CA VAL C 159 21.99 -30.78 -17.48
C VAL C 159 22.13 -32.02 -18.36
N LEU C 160 21.06 -32.76 -18.52
CA LEU C 160 21.17 -33.99 -19.31
C LEU C 160 21.42 -33.67 -20.80
N ALA C 161 20.79 -32.62 -21.34
CA ALA C 161 21.02 -32.25 -22.74
C ALA C 161 22.45 -31.76 -22.96
N ILE C 162 22.98 -30.97 -22.01
CA ILE C 162 24.35 -30.49 -22.05
C ILE C 162 25.32 -31.65 -21.96
N HIS C 163 25.08 -32.58 -21.04
CA HIS C 163 25.97 -33.74 -20.91
C HIS C 163 26.10 -34.48 -22.22
N ARG C 164 25.00 -34.63 -22.96
CA ARG C 164 25.06 -35.32 -24.25
C ARG C 164 25.82 -34.51 -25.29
N LEU C 165 25.68 -33.19 -25.29
CA LEU C 165 26.46 -32.35 -26.21
C LEU C 165 27.96 -32.40 -25.90
N VAL C 166 28.37 -32.24 -24.63
CA VAL C 166 29.82 -32.27 -24.37
C VAL C 166 30.41 -33.66 -24.64
N SER C 167 29.64 -34.73 -24.43
CA SER C 167 30.12 -36.09 -24.65
C SER C 167 30.14 -36.51 -26.13
N SER C 168 29.71 -35.65 -27.06
CA SER C 168 29.74 -35.98 -28.48
C SER C 168 31.11 -35.66 -29.06
N THR C 169 31.55 -36.51 -29.99
CA THR C 169 32.90 -36.36 -30.54
C THR C 169 32.96 -35.21 -31.55
N GLN C 178 37.85 -31.13 -26.58
CA GLN C 178 37.93 -29.83 -27.23
C GLN C 178 36.53 -29.27 -27.46
N THR C 179 35.52 -30.08 -27.15
CA THR C 179 34.13 -29.66 -27.27
C THR C 179 33.75 -28.86 -26.03
N ARG C 180 33.37 -27.61 -26.23
CA ARG C 180 32.92 -26.73 -25.17
C ARG C 180 31.49 -26.31 -25.45
N VAL C 181 30.69 -26.25 -24.38
CA VAL C 181 29.33 -25.76 -24.42
C VAL C 181 29.25 -24.43 -23.67
N LEU C 182 28.56 -23.46 -24.25
CA LEU C 182 28.21 -22.21 -23.58
C LEU C 182 26.74 -22.29 -23.19
N TYR C 183 26.45 -22.15 -21.90
CA TYR C 183 25.09 -22.16 -21.40
C TYR C 183 24.69 -20.77 -20.94
N VAL C 184 23.58 -20.27 -21.48
CA VAL C 184 23.13 -18.89 -21.28
C VAL C 184 21.73 -18.95 -20.68
N ASP C 185 21.57 -18.41 -19.47
CA ASP C 185 20.34 -18.55 -18.69
C ASP C 185 19.70 -17.17 -18.54
N LEU C 186 18.67 -16.89 -19.34
CA LEU C 186 18.01 -15.58 -19.34
C LEU C 186 16.82 -15.50 -18.39
N ASP C 187 16.50 -16.60 -17.73
CA ASP C 187 15.40 -16.65 -16.78
C ASP C 187 15.53 -15.58 -15.69
N LEU C 188 14.39 -15.11 -15.18
CA LEU C 188 14.38 -14.21 -14.04
C LEU C 188 15.16 -14.76 -12.84
N HIS C 189 15.32 -16.09 -12.75
CA HIS C 189 15.92 -16.72 -11.58
C HIS C 189 17.31 -17.28 -11.92
N HIS C 190 18.18 -17.32 -10.91
CA HIS C 190 19.49 -17.92 -11.08
C HIS C 190 19.39 -19.40 -11.45
N GLY C 191 20.06 -19.78 -12.55
CA GLY C 191 20.11 -21.19 -12.90
C GLY C 191 21.01 -22.07 -12.03
N ASP C 192 20.73 -22.10 -10.72
CA ASP C 192 21.60 -22.80 -9.78
C ASP C 192 21.82 -24.28 -10.13
N GLY C 193 20.77 -24.96 -10.60
CA GLY C 193 20.89 -26.38 -10.92
C GLY C 193 21.89 -26.68 -12.05
N VAL C 194 21.86 -25.90 -13.11
CA VAL C 194 22.84 -26.13 -14.17
C VAL C 194 24.23 -25.76 -13.67
N GLU C 195 24.34 -24.61 -12.98
CA GLU C 195 25.64 -24.11 -12.53
C GLU C 195 26.31 -25.09 -11.58
N GLU C 196 25.52 -25.66 -10.67
CA GLU C 196 26.05 -26.61 -9.70
C GLU C 196 26.51 -27.90 -10.37
N ALA C 197 25.83 -28.33 -11.43
CA ALA C 197 26.18 -29.61 -12.05
C ALA C 197 27.53 -29.53 -12.75
N PHE C 198 27.88 -28.37 -13.29
CA PHE C 198 29.13 -28.20 -14.02
C PHE C 198 30.12 -27.32 -13.26
N TRP C 199 29.91 -27.14 -11.96
CA TRP C 199 30.75 -26.30 -11.13
C TRP C 199 32.23 -26.65 -11.28
N TYR C 200 32.54 -27.94 -11.40
CA TYR C 200 33.93 -28.37 -11.49
C TYR C 200 34.37 -28.67 -12.93
N SER C 201 33.64 -28.23 -13.94
CA SER C 201 33.92 -28.65 -15.32
C SER C 201 34.23 -27.44 -16.19
N PRO C 202 35.42 -27.36 -16.76
CA PRO C 202 35.74 -26.22 -17.63
C PRO C 202 35.06 -26.27 -19.00
N ARG C 203 34.64 -27.44 -19.48
CA ARG C 203 34.09 -27.50 -20.83
C ARG C 203 32.62 -27.10 -20.93
N VAL C 204 31.94 -26.87 -19.80
CA VAL C 204 30.59 -26.30 -19.79
C VAL C 204 30.66 -24.99 -19.02
N VAL C 205 30.71 -23.88 -19.74
CA VAL C 205 30.75 -22.55 -19.14
C VAL C 205 29.32 -22.05 -18.98
N THR C 206 28.90 -21.81 -17.74
CA THR C 206 27.54 -21.35 -17.50
C THR C 206 27.53 -19.83 -17.28
N PHE C 207 26.43 -19.22 -17.68
CA PHE C 207 26.27 -17.77 -17.51
C PHE C 207 24.80 -17.50 -17.28
N SER C 208 24.45 -17.01 -16.10
CA SER C 208 23.08 -16.68 -15.77
C SER C 208 22.99 -15.19 -15.46
N VAL C 209 22.02 -14.51 -16.08
CA VAL C 209 21.63 -13.15 -15.70
C VAL C 209 20.27 -13.27 -15.02
N HIS C 210 20.04 -12.50 -13.97
CA HIS C 210 18.87 -12.80 -13.16
C HIS C 210 18.70 -11.69 -12.14
N HIS C 211 17.58 -11.72 -11.46
CA HIS C 211 17.42 -10.94 -10.24
C HIS C 211 17.97 -11.69 -9.04
N ALA C 212 18.61 -10.94 -8.15
CA ALA C 212 18.97 -11.45 -6.83
C ALA C 212 18.79 -10.31 -5.83
N SER C 213 18.14 -10.62 -4.72
CA SER C 213 17.95 -9.75 -3.58
C SER C 213 17.69 -10.63 -2.38
N PRO C 214 17.79 -10.10 -1.16
CA PRO C 214 17.66 -10.98 0.02
C PRO C 214 16.24 -11.55 0.12
N GLY C 215 16.16 -12.85 0.36
CA GLY C 215 14.91 -13.57 0.37
C GLY C 215 14.43 -14.08 -0.98
N PHE C 216 15.10 -13.71 -2.07
CA PHE C 216 14.62 -14.05 -3.39
C PHE C 216 15.18 -15.39 -3.83
N PHE C 217 14.29 -16.30 -4.23
CA PHE C 217 14.65 -17.63 -4.77
C PHE C 217 15.55 -17.62 -5.99
N PRO C 218 16.57 -18.50 -6.03
CA PRO C 218 16.92 -19.43 -4.95
C PRO C 218 17.97 -18.89 -3.99
N GLY C 219 18.50 -17.68 -4.20
CA GLY C 219 19.43 -17.10 -3.25
C GLY C 219 20.87 -17.07 -3.69
N THR C 220 21.21 -17.81 -4.74
CA THR C 220 22.58 -17.86 -5.21
C THR C 220 22.71 -17.02 -6.49
N GLY C 221 23.88 -17.11 -7.14
CA GLY C 221 24.15 -16.26 -8.28
C GLY C 221 24.48 -14.83 -7.93
N THR C 222 24.98 -14.59 -6.73
CA THR C 222 25.34 -13.24 -6.30
C THR C 222 26.42 -13.32 -5.22
N TRP C 223 26.85 -12.15 -4.75
CA TRP C 223 27.89 -12.00 -3.73
C TRP C 223 27.78 -12.99 -2.57
N ASN C 224 28.91 -13.28 -1.94
CA ASN C 224 28.90 -14.23 -0.84
C ASN C 224 29.24 -13.58 0.51
N LYS C 230 36.76 -8.88 5.57
CA LYS C 230 36.90 -9.15 4.14
C LYS C 230 35.65 -8.77 3.33
N LEU C 231 35.84 -7.98 2.27
CA LEU C 231 34.81 -7.65 1.29
C LEU C 231 34.11 -8.90 0.77
N PRO C 232 32.89 -8.81 0.25
CA PRO C 232 32.23 -9.99 -0.32
C PRO C 232 32.82 -10.33 -1.68
N ILE C 233 32.59 -11.58 -2.09
CA ILE C 233 33.20 -12.12 -3.30
C ILE C 233 32.18 -12.94 -4.06
N PHE C 234 32.44 -13.07 -5.36
CA PHE C 234 31.72 -13.99 -6.23
C PHE C 234 32.47 -15.31 -6.31
N LEU C 235 31.84 -16.38 -5.89
CA LEU C 235 32.31 -17.72 -6.24
C LEU C 235 32.01 -17.95 -7.73
N ASN C 236 32.94 -18.63 -8.41
CA ASN C 236 32.79 -18.72 -9.86
C ASN C 236 33.24 -20.08 -10.41
N GLY C 237 33.07 -21.15 -9.63
CA GLY C 237 33.50 -22.48 -10.00
C GLY C 237 34.75 -22.90 -9.25
N ALA C 238 34.99 -24.21 -9.17
CA ALA C 238 36.09 -24.69 -8.36
C ALA C 238 36.91 -25.76 -9.09
N GLY C 239 38.12 -26.00 -8.59
CA GLY C 239 38.95 -27.03 -9.17
C GLY C 239 39.29 -26.74 -10.62
N ARG C 240 39.16 -27.75 -11.47
CA ARG C 240 39.33 -27.50 -12.89
C ARG C 240 38.26 -26.56 -13.44
N GLY C 241 37.16 -26.37 -12.70
CA GLY C 241 36.07 -25.50 -13.09
C GLY C 241 36.19 -24.06 -12.64
N ARG C 242 37.25 -23.70 -11.92
CA ARG C 242 37.41 -22.33 -11.46
C ARG C 242 37.28 -21.38 -12.65
N PHE C 243 36.53 -20.31 -12.45
CA PHE C 243 36.30 -19.22 -13.39
C PHE C 243 35.30 -19.58 -14.50
N SER C 244 34.68 -20.76 -14.47
CA SER C 244 33.81 -21.22 -15.55
C SER C 244 32.32 -20.99 -15.28
N ALA C 245 31.96 -20.37 -14.15
CA ALA C 245 30.58 -20.11 -13.76
C ALA C 245 30.40 -18.60 -13.64
N PHE C 246 29.62 -18.02 -14.55
CA PHE C 246 29.46 -16.56 -14.63
C PHE C 246 28.07 -16.13 -14.17
N ASN C 247 27.99 -15.00 -13.48
CA ASN C 247 26.71 -14.53 -12.98
C ASN C 247 26.64 -13.01 -13.09
N LEU C 248 25.48 -12.52 -13.54
CA LEU C 248 25.19 -11.10 -13.57
C LEU C 248 23.88 -10.89 -12.82
N PRO C 249 23.95 -10.65 -11.50
CA PRO C 249 22.73 -10.37 -10.75
C PRO C 249 22.36 -8.90 -10.92
N LEU C 250 21.07 -8.64 -11.19
CA LEU C 250 20.60 -7.27 -11.45
C LEU C 250 19.48 -6.90 -10.52
N GLU C 251 19.39 -5.60 -10.22
CA GLU C 251 18.32 -5.05 -9.40
C GLU C 251 16.99 -5.09 -10.16
N GLU C 252 15.91 -4.99 -9.41
CA GLU C 252 14.60 -5.03 -10.03
C GLU C 252 14.32 -3.77 -10.84
N GLY C 253 13.35 -3.89 -11.76
CA GLY C 253 12.89 -2.76 -12.54
C GLY C 253 13.57 -2.56 -13.87
N ILE C 254 14.53 -3.42 -14.25
CA ILE C 254 15.32 -3.18 -15.46
C ILE C 254 14.47 -3.33 -16.72
N ASN C 255 14.72 -2.48 -17.72
CA ASN C 255 13.98 -2.46 -18.97
C ASN C 255 14.75 -3.15 -20.09
N ASP C 256 14.15 -3.14 -21.28
CA ASP C 256 14.68 -3.92 -22.39
C ASP C 256 16.08 -3.45 -22.76
N LEU C 257 16.28 -2.13 -22.77
CA LEU C 257 17.53 -1.58 -23.29
C LEU C 257 18.68 -1.80 -22.31
N ASP C 258 18.44 -1.60 -21.03
CA ASP C 258 19.50 -1.77 -20.06
C ASP C 258 19.86 -3.25 -19.86
N TRP C 259 18.86 -4.14 -19.88
CA TRP C 259 19.14 -5.57 -19.89
C TRP C 259 19.94 -5.96 -21.13
N SER C 260 19.50 -5.47 -22.30
CA SER C 260 20.22 -5.71 -23.55
C SER C 260 21.65 -5.20 -23.49
N ASN C 261 21.82 -3.94 -23.08
CA ASN C 261 23.17 -3.38 -22.90
C ASN C 261 23.98 -4.14 -21.85
N ALA C 262 23.31 -4.74 -20.87
CA ALA C 262 24.03 -5.44 -19.81
C ALA C 262 24.67 -6.74 -20.31
N ILE C 263 23.95 -7.54 -21.10
CA ILE C 263 24.43 -8.87 -21.42
C ILE C 263 25.04 -9.00 -22.81
N GLY C 264 24.79 -8.04 -23.70
CA GLY C 264 25.29 -8.12 -25.05
C GLY C 264 26.79 -8.29 -25.16
N PRO C 265 27.56 -7.30 -24.68
CA PRO C 265 29.03 -7.42 -24.71
C PRO C 265 29.53 -8.63 -23.96
N ILE C 266 28.87 -9.02 -22.88
CA ILE C 266 29.27 -10.22 -22.16
C ILE C 266 29.05 -11.46 -23.04
N LEU C 267 27.88 -11.54 -23.68
CA LEU C 267 27.60 -12.66 -24.59
C LEU C 267 28.63 -12.75 -25.70
N ASP C 268 28.93 -11.61 -26.36
CA ASP C 268 29.91 -11.61 -27.45
C ASP C 268 31.31 -11.93 -26.96
N SER C 269 31.69 -11.41 -25.79
CA SER C 269 33.01 -11.73 -25.23
C SER C 269 33.12 -13.20 -24.87
N LEU C 270 32.07 -13.78 -24.26
CA LEU C 270 32.09 -15.21 -23.99
C LEU C 270 32.27 -16.00 -25.26
N ASN C 271 31.60 -15.60 -26.34
CA ASN C 271 31.70 -16.34 -27.59
C ASN C 271 33.10 -16.23 -28.21
N ILE C 272 33.71 -15.05 -28.16
CA ILE C 272 35.05 -14.86 -28.70
C ILE C 272 36.06 -15.73 -27.96
N VAL C 273 35.94 -15.84 -26.64
CA VAL C 273 36.97 -16.52 -25.85
C VAL C 273 36.68 -18.02 -25.68
N ILE C 274 35.45 -18.40 -25.34
CA ILE C 274 35.17 -19.83 -25.12
C ILE C 274 35.20 -20.59 -26.43
N GLN C 275 34.78 -19.95 -27.51
CA GLN C 275 34.67 -20.64 -28.79
C GLN C 275 33.80 -21.88 -28.67
N PRO C 276 32.56 -21.78 -28.17
CA PRO C 276 31.78 -23.00 -27.90
C PRO C 276 31.41 -23.75 -29.18
N SER C 277 31.30 -25.08 -29.06
CA SER C 277 30.79 -25.89 -30.17
C SER C 277 29.27 -25.93 -30.18
N TYR C 278 28.65 -25.69 -29.03
CA TYR C 278 27.20 -25.63 -28.93
C TYR C 278 26.86 -24.56 -27.90
N VAL C 279 25.72 -23.91 -28.12
CA VAL C 279 25.16 -22.94 -27.20
C VAL C 279 23.82 -23.46 -26.73
N VAL C 280 23.59 -23.43 -25.43
CA VAL C 280 22.31 -23.83 -24.84
C VAL C 280 21.76 -22.62 -24.11
N VAL C 281 20.53 -22.22 -24.47
CA VAL C 281 19.93 -21.00 -23.99
C VAL C 281 18.67 -21.34 -23.25
N GLN C 282 18.62 -21.02 -21.97
CA GLN C 282 17.40 -21.12 -21.22
C GLN C 282 16.71 -19.77 -21.34
N CYS C 283 15.46 -19.79 -21.79
CA CYS C 283 14.82 -18.56 -22.23
C CYS C 283 13.55 -18.30 -21.44
N GLY C 284 13.64 -18.42 -20.11
CA GLY C 284 12.45 -18.26 -19.28
C GLY C 284 11.87 -16.86 -19.39
N ALA C 285 10.54 -16.80 -19.38
CA ALA C 285 9.78 -15.61 -19.71
C ALA C 285 9.30 -14.84 -18.48
N ASP C 286 9.78 -15.18 -17.29
CA ASP C 286 9.34 -14.41 -16.14
C ASP C 286 10.07 -13.08 -15.97
N CYS C 287 10.94 -12.69 -16.89
CA CYS C 287 11.44 -11.32 -16.88
C CYS C 287 10.47 -10.33 -17.50
N LEU C 288 9.40 -10.81 -18.13
CA LEU C 288 8.43 -9.93 -18.78
C LEU C 288 7.75 -9.01 -17.78
N ALA C 289 7.51 -7.76 -18.20
CA ALA C 289 6.91 -6.77 -17.32
C ALA C 289 5.58 -7.23 -16.77
N THR C 290 4.84 -8.04 -17.52
CA THR C 290 3.50 -8.47 -17.15
C THR C 290 3.49 -9.83 -16.46
N ASP C 291 4.66 -10.39 -16.22
CA ASP C 291 4.72 -11.59 -15.41
C ASP C 291 4.26 -11.27 -13.98
N PRO C 292 3.59 -12.22 -13.30
CA PRO C 292 3.14 -11.96 -11.92
C PRO C 292 4.27 -11.63 -10.95
N HIS C 293 5.52 -12.01 -11.23
CA HIS C 293 6.62 -11.63 -10.34
C HIS C 293 6.78 -10.11 -10.27
N ARG C 294 6.50 -9.39 -11.36
CA ARG C 294 6.58 -7.94 -11.40
C ARG C 294 7.95 -7.46 -10.96
N ILE C 295 9.01 -8.02 -11.55
CA ILE C 295 10.34 -7.63 -11.14
C ILE C 295 11.09 -6.92 -12.27
N PHE C 296 11.34 -7.62 -13.35
CA PHE C 296 11.94 -6.96 -14.50
C PHE C 296 10.82 -6.41 -15.38
N ARG C 297 11.20 -5.61 -16.35
CA ARG C 297 10.22 -4.95 -17.20
C ARG C 297 10.54 -5.18 -18.67
N LEU C 298 10.88 -6.41 -19.03
CA LEU C 298 11.14 -6.74 -20.41
C LEU C 298 9.82 -6.88 -21.18
N THR C 299 9.91 -6.83 -22.50
CA THR C 299 8.75 -6.92 -23.36
C THR C 299 9.05 -7.95 -24.43
N ASN C 300 8.09 -8.15 -25.32
CA ASN C 300 8.27 -8.92 -26.54
C ASN C 300 8.22 -8.03 -27.78
N PHE C 301 8.44 -6.73 -27.60
CA PHE C 301 8.28 -5.75 -28.67
C PHE C 301 9.33 -5.96 -29.75
N TYR C 302 8.96 -5.63 -30.97
CA TYR C 302 9.80 -5.89 -32.14
C TYR C 302 9.43 -4.91 -33.26
N PRO C 303 10.26 -3.89 -33.51
CA PRO C 303 9.93 -2.79 -34.43
C PRO C 303 9.84 -3.20 -35.89
N SER C 316 11.81 0.73 -29.69
CA SER C 316 12.63 -0.11 -28.83
C SER C 316 12.30 -1.60 -28.98
N LEU C 317 13.17 -2.44 -28.44
CA LEU C 317 13.29 -3.84 -28.80
C LEU C 317 13.34 -4.72 -27.56
N SER C 318 12.62 -5.84 -27.61
CA SER C 318 12.67 -6.87 -26.58
C SER C 318 14.10 -7.34 -26.30
N GLY C 319 14.53 -7.20 -25.05
CA GLY C 319 15.86 -7.68 -24.70
C GLY C 319 16.03 -9.16 -24.99
N TYR C 320 14.95 -9.92 -24.87
CA TYR C 320 14.98 -11.32 -25.27
C TYR C 320 15.33 -11.46 -26.73
N LEU C 321 14.59 -10.78 -27.59
CA LEU C 321 14.83 -10.94 -29.02
C LEU C 321 16.21 -10.44 -29.39
N TYR C 322 16.64 -9.34 -28.75
CA TYR C 322 17.98 -8.82 -28.95
C TYR C 322 19.02 -9.89 -28.61
N ALA C 323 18.92 -10.48 -27.42
CA ALA C 323 19.87 -11.51 -27.03
C ALA C 323 19.81 -12.72 -27.95
N ILE C 324 18.60 -13.18 -28.30
CA ILE C 324 18.48 -14.36 -29.16
C ILE C 324 19.06 -14.08 -30.54
N LYS C 325 18.82 -12.87 -31.07
CA LYS C 325 19.40 -12.54 -32.37
C LYS C 325 20.93 -12.54 -32.31
N LYS C 326 21.50 -12.00 -31.24
CA LYS C 326 22.96 -11.95 -31.09
C LYS C 326 23.57 -13.35 -31.00
N ILE C 327 22.99 -14.23 -30.19
CA ILE C 327 23.49 -15.60 -30.07
C ILE C 327 23.40 -16.32 -31.42
N LEU C 328 22.29 -16.13 -32.13
CA LEU C 328 22.13 -16.84 -33.40
C LEU C 328 23.12 -16.34 -34.45
N SER C 329 23.59 -15.09 -34.33
CA SER C 329 24.51 -14.53 -35.30
C SER C 329 25.89 -15.17 -35.23
N TRP C 330 26.20 -15.85 -34.13
CA TRP C 330 27.48 -16.54 -33.99
C TRP C 330 27.57 -17.78 -34.88
N LYS C 331 26.45 -18.25 -35.44
CA LYS C 331 26.42 -19.41 -36.33
C LYS C 331 26.90 -20.70 -35.66
N VAL C 332 26.48 -20.89 -34.42
CA VAL C 332 26.87 -22.04 -33.60
C VAL C 332 25.64 -22.91 -33.37
N PRO C 333 25.73 -24.23 -33.51
CA PRO C 333 24.59 -25.08 -33.21
C PRO C 333 24.03 -24.81 -31.82
N THR C 334 22.73 -24.53 -31.75
CA THR C 334 22.14 -23.96 -30.55
C THR C 334 20.89 -24.72 -30.14
N LEU C 335 20.72 -24.90 -28.84
CA LEU C 335 19.48 -25.41 -28.27
C LEU C 335 18.78 -24.24 -27.56
N ILE C 336 17.49 -24.06 -27.82
CA ILE C 336 16.71 -22.99 -27.20
C ILE C 336 15.61 -23.63 -26.36
N LEU C 337 15.61 -23.33 -25.06
CA LEU C 337 14.74 -23.98 -24.10
C LEU C 337 13.82 -22.93 -23.47
N GLY C 338 12.69 -23.39 -22.94
CA GLY C 338 11.79 -22.50 -22.23
C GLY C 338 12.23 -22.36 -20.78
N GLY C 339 11.28 -22.45 -19.86
CA GLY C 339 11.58 -22.28 -18.46
C GLY C 339 10.43 -21.62 -17.73
N GLY C 340 10.75 -20.60 -16.94
CA GLY C 340 9.75 -19.85 -16.21
C GLY C 340 8.85 -19.04 -17.12
N GLY C 341 7.76 -18.57 -16.54
CA GLY C 341 6.81 -17.76 -17.26
C GLY C 341 5.39 -18.05 -16.81
N TYR C 342 4.84 -17.16 -15.98
CA TYR C 342 3.62 -17.44 -15.24
C TYR C 342 2.44 -16.62 -15.67
N ASN C 343 2.60 -15.73 -16.66
CA ASN C 343 1.49 -15.18 -17.45
C ASN C 343 1.50 -16.04 -18.72
N PHE C 344 0.58 -17.02 -18.81
CA PHE C 344 0.69 -17.99 -19.90
C PHE C 344 0.47 -17.34 -21.27
N PRO C 345 -0.54 -16.49 -21.48
CA PRO C 345 -0.66 -15.83 -22.80
C PRO C 345 0.56 -14.99 -23.19
N ASP C 346 1.15 -14.26 -22.24
CA ASP C 346 2.30 -13.42 -22.59
C ASP C 346 3.56 -14.25 -22.81
N THR C 347 3.72 -15.35 -22.07
CA THR C 347 4.79 -16.30 -22.38
C THR C 347 4.66 -16.81 -23.81
N ALA C 348 3.43 -17.13 -24.24
CA ALA C 348 3.20 -17.60 -25.60
C ALA C 348 3.49 -16.52 -26.62
N ARG C 349 3.12 -15.26 -26.32
CA ARG C 349 3.43 -14.13 -27.22
C ARG C 349 4.92 -13.95 -27.41
N LEU C 350 5.69 -14.09 -26.32
CA LEU C 350 7.14 -13.89 -26.40
C LEU C 350 7.79 -15.06 -27.14
N TRP C 351 7.46 -16.30 -26.76
CA TRP C 351 8.11 -17.45 -27.38
C TRP C 351 7.66 -17.66 -28.82
N THR C 352 6.50 -17.13 -29.22
CA THR C 352 6.14 -17.18 -30.63
C THR C 352 7.02 -16.25 -31.45
N ARG C 353 7.34 -15.07 -30.88
CA ARG C 353 8.24 -14.14 -31.56
C ARG C 353 9.67 -14.68 -31.59
N VAL C 354 10.16 -15.20 -30.46
CA VAL C 354 11.46 -15.87 -30.43
C VAL C 354 11.56 -16.95 -31.51
N THR C 355 10.48 -17.73 -31.69
CA THR C 355 10.47 -18.78 -32.71
C THR C 355 10.52 -18.18 -34.12
N ALA C 356 9.74 -17.12 -34.39
CA ALA C 356 9.77 -16.55 -35.73
C ALA C 356 11.12 -15.92 -36.02
N LEU C 357 11.73 -15.28 -35.01
CA LEU C 357 13.08 -14.74 -35.14
C LEU C 357 14.08 -15.82 -35.51
N THR C 358 14.05 -16.94 -34.77
CA THR C 358 14.96 -18.04 -35.07
C THR C 358 14.85 -18.49 -36.52
N ILE C 359 13.63 -18.59 -37.03
CA ILE C 359 13.40 -18.94 -38.44
C ILE C 359 14.02 -17.90 -39.36
N GLU C 360 13.81 -16.61 -39.08
CA GLU C 360 14.42 -15.55 -39.89
C GLU C 360 15.93 -15.65 -39.88
N GLU C 361 16.54 -15.81 -38.70
CA GLU C 361 17.99 -15.72 -38.62
C GLU C 361 18.66 -16.95 -39.24
N VAL C 362 18.05 -18.13 -39.09
CA VAL C 362 18.72 -19.34 -39.53
C VAL C 362 18.48 -19.59 -41.01
N LYS C 363 17.22 -19.57 -41.42
CA LYS C 363 16.82 -19.80 -42.81
C LYS C 363 16.94 -18.57 -43.69
N GLY C 364 17.32 -17.41 -43.14
CA GLY C 364 17.33 -16.19 -43.92
C GLY C 364 16.01 -15.88 -44.60
N LYS C 365 14.91 -16.16 -43.93
CA LYS C 365 13.58 -16.13 -44.52
C LYS C 365 12.69 -15.19 -43.71
N LYS C 366 12.23 -14.12 -44.35
CA LYS C 366 11.42 -13.10 -43.67
C LYS C 366 10.14 -13.69 -43.11
N MET C 367 9.93 -13.51 -41.82
CA MET C 367 8.73 -13.98 -41.14
C MET C 367 7.99 -12.75 -40.65
N THR C 368 6.83 -12.49 -41.23
CA THR C 368 6.02 -11.36 -40.83
C THR C 368 4.86 -11.86 -40.00
N ILE C 369 4.67 -11.25 -38.85
CA ILE C 369 3.70 -11.72 -37.88
C ILE C 369 2.68 -10.61 -37.69
N SER C 370 1.43 -10.91 -37.96
CA SER C 370 0.39 -9.91 -37.85
C SER C 370 0.22 -9.47 -36.39
N PRO C 371 0.02 -8.16 -36.16
CA PRO C 371 -0.19 -7.67 -34.78
C PRO C 371 -1.41 -8.25 -34.09
N GLU C 372 -2.41 -8.68 -34.84
CA GLU C 372 -3.61 -9.30 -34.28
C GLU C 372 -3.41 -10.80 -34.15
N ILE C 373 -3.77 -11.33 -32.98
CA ILE C 373 -3.68 -12.79 -32.73
C ILE C 373 -4.60 -13.51 -33.72
N PRO C 374 -4.12 -14.51 -34.43
CA PRO C 374 -4.97 -15.17 -35.43
C PRO C 374 -6.08 -15.99 -34.77
N GLU C 375 -7.06 -16.37 -35.58
CA GLU C 375 -8.07 -17.32 -35.13
C GLU C 375 -7.43 -18.65 -34.76
N HIS C 376 -7.72 -19.14 -33.57
CA HIS C 376 -7.46 -20.52 -33.16
C HIS C 376 -8.19 -20.71 -31.85
N SER C 377 -8.12 -21.94 -31.31
CA SER C 377 -9.01 -22.34 -30.23
C SER C 377 -8.67 -21.69 -28.89
N TYR C 378 -7.47 -21.15 -28.70
CA TYR C 378 -7.14 -20.38 -27.49
C TYR C 378 -7.18 -18.87 -27.70
N PHE C 379 -7.75 -18.41 -28.82
CA PHE C 379 -7.82 -16.97 -29.10
C PHE C 379 -8.40 -16.18 -27.92
N SER C 380 -9.44 -16.71 -27.27
CA SER C 380 -10.09 -15.95 -26.22
C SER C 380 -9.19 -15.72 -25.00
N ARG C 381 -8.06 -16.43 -24.88
CA ARG C 381 -7.16 -16.22 -23.76
C ARG C 381 -6.26 -14.99 -23.93
N TYR C 382 -6.23 -14.41 -25.13
CA TYR C 382 -5.39 -13.25 -25.43
C TYR C 382 -6.12 -11.94 -25.25
N GLY C 383 -7.18 -11.93 -24.44
CA GLY C 383 -7.92 -10.70 -24.24
C GLY C 383 -7.19 -9.76 -23.31
N PRO C 384 -7.64 -8.49 -23.21
CA PRO C 384 -8.83 -7.91 -23.82
C PRO C 384 -8.54 -7.34 -25.21
N ASP C 385 -7.25 -7.35 -25.55
CA ASP C 385 -6.71 -6.71 -26.74
C ASP C 385 -6.60 -7.63 -27.94
N PHE C 386 -6.34 -8.93 -27.69
CA PHE C 386 -6.10 -9.91 -28.74
C PHE C 386 -4.98 -9.46 -29.69
N GLU C 387 -3.98 -8.79 -29.14
CA GLU C 387 -2.84 -8.41 -29.94
C GLU C 387 -1.60 -9.16 -29.50
N LEU C 388 -0.58 -9.13 -30.37
CA LEU C 388 0.62 -9.91 -30.15
C LEU C 388 1.58 -9.25 -29.15
N ASP C 389 1.74 -7.92 -29.22
CA ASP C 389 2.52 -7.21 -28.20
C ASP C 389 1.88 -7.37 -26.83
N ILE C 390 2.71 -7.57 -25.80
CA ILE C 390 2.16 -7.61 -24.44
C ILE C 390 1.54 -6.26 -24.09
N ASP C 391 0.52 -6.28 -23.24
CA ASP C 391 -0.24 -5.07 -22.91
C ASP C 391 0.49 -4.31 -21.81
N TYR C 392 1.48 -3.53 -22.22
CA TYR C 392 2.37 -2.90 -21.27
C TYR C 392 2.96 -1.65 -21.91
N PHE C 393 3.16 -0.63 -21.08
CA PHE C 393 3.61 0.69 -21.52
C PHE C 393 4.93 1.03 -20.84
N PRO C 394 6.06 0.85 -21.50
CA PRO C 394 7.35 1.18 -20.88
C PRO C 394 7.52 2.67 -20.68
N HIS C 395 8.15 3.03 -19.57
CA HIS C 395 8.27 4.41 -19.15
C HIS C 395 9.65 4.64 -18.52
N THR C 401 22.37 7.16 -14.80
CA THR C 401 23.54 7.17 -13.90
C THR C 401 23.13 6.49 -12.59
N LEU C 402 24.11 5.80 -11.96
CA LEU C 402 24.01 5.17 -10.64
C LEU C 402 23.42 3.76 -10.67
N ASP C 403 22.48 3.46 -11.57
CA ASP C 403 22.01 2.08 -11.77
C ASP C 403 22.90 1.29 -12.73
N SER C 404 24.04 1.83 -13.13
CA SER C 404 24.86 1.13 -14.10
C SER C 404 25.64 0.00 -13.44
N ILE C 405 26.20 -0.87 -14.27
CA ILE C 405 26.82 -2.08 -13.77
C ILE C 405 28.19 -2.25 -14.42
N GLN C 406 28.95 -1.17 -14.51
CA GLN C 406 30.24 -1.24 -15.19
C GLN C 406 31.28 -2.00 -14.36
N LYS C 407 31.18 -2.00 -13.03
CA LYS C 407 32.08 -2.84 -12.23
C LYS C 407 31.79 -4.33 -12.41
N HIS C 408 30.55 -4.70 -12.76
CA HIS C 408 30.24 -6.08 -13.07
C HIS C 408 30.87 -6.50 -14.39
N HIS C 409 30.77 -5.63 -15.41
CA HIS C 409 31.47 -5.89 -16.67
C HIS C 409 32.95 -6.11 -16.44
N ARG C 410 33.56 -5.28 -15.59
CA ARG C 410 34.98 -5.40 -15.33
C ARG C 410 35.29 -6.68 -14.56
N ARG C 411 34.49 -6.99 -13.54
CA ARG C 411 34.64 -8.24 -12.81
C ARG C 411 34.51 -9.45 -13.75
N ILE C 412 33.49 -9.45 -14.60
CA ILE C 412 33.22 -10.62 -15.44
C ILE C 412 34.30 -10.81 -16.49
N LEU C 413 34.77 -9.72 -17.12
CA LEU C 413 35.87 -9.81 -18.09
C LEU C 413 37.18 -10.26 -17.43
N GLU C 414 37.45 -9.85 -16.19
CA GLU C 414 38.62 -10.38 -15.52
C GLU C 414 38.44 -11.86 -15.22
N GLN C 415 37.22 -12.27 -14.84
CA GLN C 415 36.96 -13.70 -14.72
C GLN C 415 37.17 -14.42 -16.04
N LEU C 416 36.75 -13.79 -17.16
CA LEU C 416 36.95 -14.43 -18.46
C LEU C 416 38.43 -14.57 -18.78
N ARG C 417 39.23 -13.54 -18.47
CA ARG C 417 40.68 -13.62 -18.66
C ARG C 417 41.30 -14.75 -17.84
N ASN C 418 40.86 -14.89 -16.57
CA ASN C 418 41.37 -15.98 -15.73
C ASN C 418 40.99 -17.35 -16.28
N TYR C 419 39.76 -17.49 -16.78
CA TYR C 419 39.33 -18.77 -17.35
C TYR C 419 40.18 -19.12 -18.56
N ALA C 420 40.35 -18.18 -19.49
CA ALA C 420 41.18 -18.42 -20.65
C ALA C 420 42.61 -18.80 -20.23
N ASP C 421 43.14 -18.07 -19.27
CA ASP C 421 44.49 -18.34 -18.78
C ASP C 421 44.59 -19.75 -18.17
N LEU C 422 43.69 -20.08 -17.25
CA LEU C 422 43.76 -21.38 -16.59
C LEU C 422 43.57 -22.53 -17.56
N ASN C 423 42.82 -22.32 -18.63
CA ASN C 423 42.54 -23.38 -19.59
C ASN C 423 43.40 -23.29 -20.84
N LYS C 424 44.37 -22.34 -20.88
CA LYS C 424 45.33 -22.22 -21.99
C LYS C 424 44.66 -21.94 -23.32
N LEU C 425 43.64 -21.08 -23.30
CA LEU C 425 42.95 -20.63 -24.50
C LEU C 425 43.49 -19.27 -24.96
N ILE C 426 43.43 -19.04 -26.26
CA ILE C 426 43.72 -17.72 -26.76
C ILE C 426 42.75 -16.74 -26.12
N TYR C 427 43.27 -15.63 -25.62
CA TYR C 427 42.46 -14.51 -25.16
C TYR C 427 42.79 -13.33 -26.07
N ASP C 428 41.89 -13.04 -27.03
CA ASP C 428 42.11 -12.01 -28.04
C ASP C 428 41.70 -10.67 -27.46
N TYR C 429 42.64 -10.06 -26.72
CA TYR C 429 42.35 -8.77 -26.09
C TYR C 429 41.84 -7.75 -27.10
N ASP C 430 42.44 -7.71 -28.29
CA ASP C 430 42.05 -6.68 -29.25
C ASP C 430 40.60 -6.87 -29.70
N GLN C 431 40.19 -8.10 -29.99
CA GLN C 431 38.82 -8.31 -30.41
C GLN C 431 37.85 -7.99 -29.28
N VAL C 432 38.16 -8.41 -28.05
CA VAL C 432 37.27 -8.07 -26.93
C VAL C 432 37.27 -6.56 -26.70
N TYR C 433 38.43 -5.92 -26.86
CA TYR C 433 38.51 -4.47 -26.63
C TYR C 433 37.65 -3.73 -27.63
N GLN C 434 37.80 -4.07 -28.91
CA GLN C 434 37.06 -3.37 -29.97
C GLN C 434 35.55 -3.45 -29.74
N LEU C 435 35.07 -4.63 -29.36
CA LEU C 435 33.68 -4.86 -28.99
C LEU C 435 33.21 -3.86 -27.93
N TYR C 436 33.82 -3.89 -26.75
CA TYR C 436 33.45 -2.96 -25.67
C TYR C 436 33.70 -1.51 -26.08
N ASN C 437 34.68 -1.28 -26.94
CA ASN C 437 34.94 0.07 -27.41
C ASN C 437 33.82 0.59 -28.31
N LEU C 438 33.00 -0.31 -28.88
CA LEU C 438 31.83 0.15 -29.63
C LEU C 438 30.94 1.02 -28.76
N THR C 439 30.87 0.74 -27.47
CA THR C 439 30.09 1.53 -26.51
C THR C 439 30.97 2.41 -25.63
N GLY C 440 32.18 2.73 -26.10
CA GLY C 440 33.10 3.59 -25.36
C GLY C 440 33.57 3.00 -24.04
N MET C 441 33.62 1.67 -23.94
CA MET C 441 33.96 1.03 -22.68
C MET C 441 35.15 0.09 -22.80
N GLY C 442 35.99 0.29 -23.83
CA GLY C 442 37.19 -0.53 -23.97
C GLY C 442 38.08 -0.56 -22.74
N SER C 443 38.06 0.50 -21.93
CA SER C 443 38.95 0.57 -20.76
C SER C 443 38.61 -0.47 -19.70
N LEU C 444 37.46 -1.14 -19.78
CA LEU C 444 37.15 -2.18 -18.81
C LEU C 444 37.75 -3.53 -19.18
N VAL C 445 38.24 -3.69 -20.42
CA VAL C 445 38.81 -4.96 -20.88
C VAL C 445 40.23 -5.11 -20.38
N PRO C 446 40.54 -6.17 -19.64
CA PRO C 446 41.93 -6.41 -19.22
C PRO C 446 42.74 -7.05 -20.35
N ARG C 447 44.06 -6.87 -20.27
CA ARG C 447 44.98 -7.46 -21.24
C ARG C 447 45.32 -8.90 -20.88
N SER D 3 4.46 -36.19 12.40
CA SER D 3 5.70 -35.74 11.77
C SER D 3 6.35 -34.62 12.57
N VAL D 4 7.65 -34.78 12.85
CA VAL D 4 8.46 -33.71 13.44
C VAL D 4 9.34 -33.10 12.35
N GLY D 5 9.15 -31.77 12.13
CA GLY D 5 9.98 -31.02 11.22
C GLY D 5 11.17 -30.34 11.89
N ILE D 6 12.24 -30.14 11.10
CA ILE D 6 13.39 -29.35 11.53
C ILE D 6 13.81 -28.48 10.35
N VAL D 7 14.06 -27.21 10.62
CA VAL D 7 14.40 -26.23 9.59
C VAL D 7 15.90 -26.32 9.29
N TYR D 8 16.24 -26.56 8.02
CA TYR D 8 17.64 -26.46 7.61
CA TYR D 8 17.64 -26.61 7.60
C TYR D 8 17.72 -26.45 6.09
N GLY D 9 18.91 -26.09 5.62
CA GLY D 9 19.23 -26.01 4.21
C GLY D 9 20.68 -25.60 4.13
N ASP D 10 21.26 -25.78 2.94
CA ASP D 10 22.67 -25.43 2.78
C ASP D 10 22.89 -23.94 2.96
N GLN D 11 22.21 -23.13 2.15
CA GLN D 11 22.37 -21.69 2.24
C GLN D 11 21.97 -21.18 3.62
N TYR D 12 20.92 -21.75 4.19
CA TYR D 12 20.46 -21.35 5.52
C TYR D 12 21.53 -21.62 6.57
N ARG D 13 22.21 -22.77 6.48
CA ARG D 13 23.32 -23.02 7.38
C ARG D 13 24.44 -21.99 7.18
N GLN D 14 24.72 -21.65 5.93
CA GLN D 14 25.75 -20.64 5.68
C GLN D 14 25.39 -19.30 6.34
N LEU D 15 24.14 -18.87 6.22
CA LEU D 15 23.76 -17.56 6.78
C LEU D 15 23.66 -17.57 8.29
N CYS D 16 23.16 -18.66 8.89
CA CYS D 16 23.11 -18.72 10.34
C CYS D 16 24.49 -18.73 10.97
N CYS D 17 25.53 -19.08 10.21
CA CYS D 17 26.88 -19.15 10.75
C CYS D 17 27.73 -17.94 10.38
N SER D 18 27.14 -16.90 9.83
CA SER D 18 27.91 -15.76 9.34
C SER D 18 27.92 -14.58 10.31
N SER D 19 27.42 -14.75 11.53
CA SER D 19 27.39 -13.61 12.45
C SER D 19 28.61 -13.59 13.35
N PRO D 20 29.06 -12.40 13.74
CA PRO D 20 30.25 -12.31 14.62
C PRO D 20 30.02 -12.88 16.01
N LYS D 21 28.80 -12.82 16.54
CA LYS D 21 28.47 -13.18 17.92
C LYS D 21 28.09 -14.65 18.09
N PHE D 22 27.43 -15.27 17.12
CA PHE D 22 27.11 -16.69 17.24
C PHE D 22 27.98 -17.58 16.38
N GLY D 23 28.97 -17.01 15.68
CA GLY D 23 29.86 -17.74 14.79
C GLY D 23 29.21 -18.94 14.14
N ASP D 24 29.71 -20.13 14.48
CA ASP D 24 29.36 -21.39 13.84
C ASP D 24 28.46 -22.27 14.70
N ARG D 25 27.86 -21.71 15.75
CA ARG D 25 27.02 -22.50 16.66
C ARG D 25 25.97 -23.33 15.93
N TYR D 26 25.33 -22.78 14.90
CA TYR D 26 24.27 -23.54 14.25
C TYR D 26 24.82 -24.78 13.54
N ALA D 27 26.05 -24.69 13.02
CA ALA D 27 26.69 -25.84 12.38
C ALA D 27 27.02 -26.91 13.40
N LEU D 28 27.49 -26.53 14.59
CA LEU D 28 27.75 -27.52 15.64
C LEU D 28 26.46 -28.22 16.06
N VAL D 29 25.40 -27.45 16.32
CA VAL D 29 24.11 -28.01 16.71
C VAL D 29 23.61 -29.00 15.66
N MET D 30 23.51 -28.56 14.41
CA MET D 30 22.98 -29.42 13.36
C MET D 30 23.91 -30.60 13.05
N ASP D 31 25.23 -30.46 13.29
CA ASP D 31 26.14 -31.58 13.10
C ASP D 31 26.07 -32.58 14.25
N LEU D 32 25.82 -32.15 15.49
CA LEU D 32 25.63 -33.13 16.55
C LEU D 32 24.30 -33.87 16.38
N ILE D 33 23.25 -33.17 15.96
CA ILE D 33 21.98 -33.82 15.64
C ILE D 33 22.18 -34.87 14.55
N ASN D 34 22.95 -34.51 13.53
CA ASN D 34 23.21 -35.44 12.44
C ASN D 34 24.19 -36.55 12.87
N ALA D 35 25.19 -36.20 13.68
CA ALA D 35 26.12 -37.20 14.18
C ALA D 35 25.44 -38.22 15.07
N TYR D 36 24.25 -37.92 15.59
CA TYR D 36 23.47 -38.87 16.37
C TYR D 36 22.38 -39.56 15.55
N LYS D 37 22.43 -39.43 14.22
CA LYS D 37 21.54 -40.14 13.30
C LYS D 37 20.09 -39.78 13.51
N LEU D 38 19.83 -38.53 13.91
CA LEU D 38 18.46 -38.06 14.09
C LEU D 38 17.82 -37.51 12.82
N ILE D 39 18.61 -37.14 11.81
CA ILE D 39 18.05 -36.49 10.61
C ILE D 39 17.06 -37.39 9.87
N PRO D 40 17.32 -38.69 9.64
CA PRO D 40 16.31 -39.53 8.97
C PRO D 40 14.95 -39.59 9.69
N GLU D 41 14.93 -39.41 11.01
CA GLU D 41 13.64 -39.34 11.70
C GLU D 41 12.90 -38.02 11.44
N LEU D 42 13.58 -36.99 10.97
CA LEU D 42 13.00 -35.65 10.93
C LEU D 42 12.65 -35.24 9.51
N SER D 43 11.53 -34.55 9.36
CA SER D 43 11.10 -33.98 8.08
C SER D 43 11.81 -32.63 7.84
N ARG D 44 12.66 -32.53 6.82
CA ARG D 44 13.33 -31.25 6.55
C ARG D 44 12.33 -30.20 6.09
N VAL D 45 12.26 -29.09 6.81
CA VAL D 45 11.41 -27.95 6.46
C VAL D 45 12.29 -26.88 5.84
N PRO D 46 12.12 -26.55 4.56
CA PRO D 46 13.01 -25.56 3.92
C PRO D 46 12.61 -24.14 4.28
N PRO D 47 13.57 -23.22 4.36
CA PRO D 47 13.24 -21.82 4.69
C PRO D 47 12.41 -21.16 3.60
N LEU D 48 11.45 -20.33 4.03
CA LEU D 48 10.57 -19.66 3.09
C LEU D 48 11.37 -18.75 2.16
N GLN D 49 10.99 -18.71 0.89
CA GLN D 49 11.52 -17.69 -0.01
C GLN D 49 10.37 -16.97 -0.68
N TRP D 50 10.67 -15.75 -1.12
CA TRP D 50 9.67 -14.82 -1.61
C TRP D 50 9.83 -14.60 -3.11
N ASP D 51 8.72 -14.19 -3.72
CA ASP D 51 8.61 -14.01 -5.16
C ASP D 51 9.10 -12.67 -5.63
N SER D 52 9.33 -11.72 -4.72
CA SER D 52 9.79 -10.39 -5.11
C SER D 52 10.30 -9.67 -3.87
N PRO D 53 11.09 -8.61 -4.03
CA PRO D 53 11.39 -7.72 -2.90
C PRO D 53 10.15 -7.21 -2.17
N SER D 54 9.13 -6.79 -2.94
CA SER D 54 7.88 -6.31 -2.35
C SER D 54 7.25 -7.35 -1.43
N ARG D 55 7.27 -8.62 -1.85
CA ARG D 55 6.69 -9.69 -1.05
C ARG D 55 7.44 -9.86 0.27
N MET D 56 8.78 -9.88 0.23
CA MET D 56 9.57 -10.00 1.46
C MET D 56 9.29 -8.82 2.40
N TYR D 57 9.34 -7.60 1.87
CA TYR D 57 9.00 -6.40 2.64
C TYR D 57 7.61 -6.50 3.25
N GLU D 58 6.62 -6.91 2.46
CA GLU D 58 5.28 -7.07 3.01
C GLU D 58 5.28 -8.06 4.18
N ALA D 59 6.11 -9.11 4.10
CA ALA D 59 6.10 -10.11 5.16
C ALA D 59 6.74 -9.57 6.42
N VAL D 60 7.81 -8.79 6.30
CA VAL D 60 8.60 -8.38 7.47
C VAL D 60 7.99 -7.18 8.14
N THR D 61 7.46 -6.20 7.36
CA THR D 61 6.75 -5.05 7.91
C THR D 61 5.34 -5.41 8.36
N ALA D 62 4.98 -6.70 8.34
CA ALA D 62 3.83 -7.14 9.11
C ALA D 62 4.06 -6.91 10.60
N PHE D 63 5.33 -6.86 11.04
CA PHE D 63 5.68 -6.38 12.39
C PHE D 63 6.61 -5.17 12.35
N HIS D 64 7.69 -5.21 11.58
CA HIS D 64 8.71 -4.17 11.68
C HIS D 64 8.35 -2.96 10.81
N SER D 65 8.88 -1.80 11.19
CA SER D 65 8.61 -0.61 10.39
C SER D 65 9.44 -0.64 9.11
N THR D 66 8.87 -0.09 8.04
CA THR D 66 9.59 -0.08 6.78
C THR D 66 10.92 0.65 6.90
N GLU D 67 10.94 1.80 7.59
CA GLU D 67 12.19 2.53 7.74
C GLU D 67 13.21 1.72 8.51
N TYR D 68 12.78 0.92 9.49
CA TYR D 68 13.74 0.10 10.19
C TYR D 68 14.29 -1.00 9.28
N VAL D 69 13.46 -1.55 8.38
CA VAL D 69 13.94 -2.56 7.44
C VAL D 69 14.92 -1.94 6.44
N ASP D 70 14.58 -0.75 5.88
CA ASP D 70 15.52 -0.04 5.00
C ASP D 70 16.84 0.27 5.72
N ALA D 71 16.77 0.71 6.98
CA ALA D 71 17.99 0.98 7.74
C ALA D 71 18.82 -0.28 7.86
N LEU D 72 18.18 -1.39 8.22
CA LEU D 72 18.92 -2.64 8.39
C LEU D 72 19.54 -3.09 7.05
N LYS D 73 18.81 -2.93 5.94
CA LYS D 73 19.41 -3.33 4.67
C LYS D 73 20.49 -2.34 4.25
N LYS D 74 20.30 -1.05 4.56
CA LYS D 74 21.36 -0.09 4.31
C LYS D 74 22.61 -0.44 5.10
N LEU D 75 22.45 -0.78 6.39
CA LEU D 75 23.57 -1.21 7.22
C LEU D 75 24.36 -2.35 6.59
N GLN D 76 23.67 -3.33 5.99
CA GLN D 76 24.41 -4.42 5.31
C GLN D 76 25.22 -3.89 4.13
N MET D 77 24.63 -3.04 3.30
CA MET D 77 25.37 -2.55 2.15
C MET D 77 26.60 -1.76 2.60
N LEU D 78 26.47 -0.97 3.68
CA LEU D 78 27.62 -0.20 4.14
C LEU D 78 28.75 -1.11 4.63
N HIS D 79 28.40 -2.17 5.35
CA HIS D 79 29.43 -3.09 5.82
C HIS D 79 29.98 -3.99 4.72
N CYS D 80 29.31 -4.09 3.56
CA CYS D 80 29.89 -4.75 2.39
C CYS D 80 30.78 -3.83 1.57
N GLU D 81 30.89 -2.56 1.95
CA GLU D 81 31.91 -1.67 1.43
C GLU D 81 33.02 -1.53 2.46
N GLU D 82 34.15 -1.01 2.00
CA GLU D 82 35.29 -0.79 2.88
C GLU D 82 35.22 0.54 3.61
N LYS D 83 34.39 1.45 3.12
CA LYS D 83 34.31 2.81 3.64
C LYS D 83 33.73 2.82 5.04
N GLU D 84 34.20 3.78 5.84
CA GLU D 84 33.56 4.07 7.11
C GLU D 84 32.24 4.79 6.88
N LEU D 85 31.29 4.57 7.79
CA LEU D 85 30.01 5.26 7.71
C LEU D 85 30.21 6.77 7.83
N THR D 86 29.34 7.53 7.18
CA THR D 86 29.34 8.97 7.39
C THR D 86 28.72 9.29 8.76
N ALA D 87 28.89 10.52 9.23
CA ALA D 87 28.22 10.95 10.44
C ALA D 87 26.70 10.80 10.31
N ASP D 88 26.14 11.17 9.15
CA ASP D 88 24.70 11.07 8.96
C ASP D 88 24.23 9.61 9.04
N ASP D 89 25.04 8.67 8.55
CA ASP D 89 24.65 7.27 8.63
C ASP D 89 24.85 6.66 10.02
N GLU D 90 25.85 7.12 10.78
CA GLU D 90 25.90 6.77 12.20
C GLU D 90 24.63 7.25 12.92
N LEU D 91 24.21 8.50 12.67
CA LEU D 91 22.98 9.00 13.27
C LEU D 91 21.79 8.11 12.91
N LEU D 92 21.62 7.78 11.62
CA LEU D 92 20.50 6.94 11.22
C LEU D 92 20.52 5.58 11.94
N MET D 93 21.68 4.93 11.97
CA MET D 93 21.76 3.62 12.63
C MET D 93 21.51 3.73 14.13
N ASP D 94 22.03 4.79 14.77
CA ASP D 94 21.77 5.01 16.18
C ASP D 94 20.28 5.16 16.47
N SER D 95 19.51 5.81 15.57
CA SER D 95 18.09 5.96 15.84
C SER D 95 17.33 4.63 15.82
N PHE D 96 17.94 3.56 15.30
CA PHE D 96 17.37 2.22 15.29
C PHE D 96 18.11 1.24 16.20
N SER D 97 19.00 1.74 17.08
CA SER D 97 19.89 0.95 17.95
C SER D 97 20.71 -0.07 17.16
N LEU D 98 21.01 0.24 15.91
CA LEU D 98 21.89 -0.60 15.10
C LEU D 98 23.33 -0.20 15.40
N ASN D 99 23.77 -0.56 16.61
CA ASN D 99 25.08 -0.15 17.14
C ASN D 99 25.35 -0.95 18.41
N TYR D 100 26.55 -0.73 18.99
CA TYR D 100 26.95 -1.36 20.25
C TYR D 100 26.74 -2.88 20.23
N ASP D 101 25.77 -3.38 21.01
CA ASP D 101 25.52 -4.83 21.04
C ASP D 101 24.79 -5.34 19.81
N CYS D 102 24.30 -4.45 18.94
CA CYS D 102 23.69 -4.84 17.67
C CYS D 102 24.47 -4.23 16.51
N PRO D 103 25.73 -4.63 16.33
CA PRO D 103 26.56 -3.99 15.31
C PRO D 103 26.20 -4.44 13.90
N GLY D 104 26.66 -3.65 12.95
CA GLY D 104 26.62 -4.09 11.59
C GLY D 104 27.72 -5.09 11.30
N PHE D 105 27.49 -5.87 10.25
CA PHE D 105 28.51 -6.76 9.69
C PHE D 105 28.07 -7.13 8.28
N PRO D 106 28.95 -7.71 7.47
CA PRO D 106 28.65 -7.82 6.03
C PRO D 106 27.38 -8.58 5.67
N SER D 107 26.95 -9.58 6.44
CA SER D 107 25.69 -10.27 6.13
C SER D 107 24.59 -10.01 7.16
N VAL D 108 24.59 -8.84 7.82
CA VAL D 108 23.66 -8.61 8.94
C VAL D 108 22.19 -8.72 8.50
N PHE D 109 21.87 -8.29 7.28
CA PHE D 109 20.47 -8.37 6.85
C PHE D 109 20.10 -9.79 6.40
N ASP D 110 21.00 -10.49 5.70
CA ASP D 110 20.66 -11.85 5.26
C ASP D 110 20.61 -12.80 6.45
N TYR D 111 21.55 -12.64 7.39
CA TYR D 111 21.53 -13.33 8.67
C TYR D 111 20.21 -13.14 9.40
N SER D 112 19.78 -11.88 9.57
CA SER D 112 18.54 -11.60 10.31
C SER D 112 17.32 -12.17 9.60
N LEU D 113 17.30 -12.06 8.28
CA LEU D 113 16.13 -12.50 7.52
C LEU D 113 16.05 -14.03 7.49
N ALA D 114 17.20 -14.69 7.47
CA ALA D 114 17.23 -16.14 7.40
C ALA D 114 16.36 -16.75 8.49
N ALA D 115 16.52 -16.24 9.73
CA ALA D 115 15.72 -16.74 10.85
C ALA D 115 14.24 -16.49 10.66
N VAL D 116 13.87 -15.34 10.05
CA VAL D 116 12.48 -15.08 9.70
C VAL D 116 12.00 -16.08 8.65
N GLN D 117 12.77 -16.28 7.59
CA GLN D 117 12.46 -17.34 6.63
C GLN D 117 12.29 -18.69 7.32
N GLY D 118 13.18 -19.00 8.26
CA GLY D 118 13.13 -20.28 8.94
C GLY D 118 11.87 -20.41 9.77
N SER D 119 11.60 -19.41 10.61
CA SER D 119 10.44 -19.53 11.49
C SER D 119 9.12 -19.31 10.76
N LEU D 120 9.11 -18.61 9.63
CA LEU D 120 7.87 -18.51 8.86
C LEU D 120 7.55 -19.85 8.20
N ALA D 121 8.56 -20.55 7.68
CA ALA D 121 8.28 -21.83 7.04
C ALA D 121 7.80 -22.83 8.07
N ALA D 122 8.40 -22.79 9.26
CA ALA D 122 7.98 -23.68 10.34
C ALA D 122 6.52 -23.43 10.72
N ALA D 123 6.09 -22.15 10.77
CA ALA D 123 4.69 -21.90 11.08
C ALA D 123 3.79 -22.40 9.96
N SER D 124 4.20 -22.21 8.71
CA SER D 124 3.38 -22.70 7.60
C SER D 124 3.23 -24.22 7.65
N ALA D 125 4.32 -24.92 7.98
CA ALA D 125 4.28 -26.38 8.05
C ALA D 125 3.31 -26.86 9.12
N LEU D 126 3.20 -26.12 10.23
CA LEU D 126 2.23 -26.49 11.26
C LEU D 126 0.82 -26.17 10.80
N ILE D 127 0.63 -25.07 10.08
CA ILE D 127 -0.72 -24.62 9.69
C ILE D 127 -1.35 -25.61 8.71
N CYS D 128 -0.64 -25.94 7.63
CA CYS D 128 -1.21 -26.91 6.71
C CYS D 128 -1.12 -28.38 7.25
N ARG D 129 -0.68 -28.51 8.51
CA ARG D 129 -0.61 -29.78 9.23
C ARG D 129 0.37 -30.76 8.59
N HIS D 130 1.42 -30.27 7.94
CA HIS D 130 2.47 -31.17 7.46
C HIS D 130 3.22 -31.80 8.63
N CYS D 131 3.45 -31.04 9.71
CA CYS D 131 4.17 -31.53 10.87
C CYS D 131 3.35 -31.29 12.14
N GLU D 132 3.61 -32.11 13.15
CA GLU D 132 3.00 -31.90 14.46
C GLU D 132 3.83 -30.93 15.30
N VAL D 133 5.15 -30.97 15.12
CA VAL D 133 6.10 -30.08 15.75
C VAL D 133 7.11 -29.66 14.69
N VAL D 134 7.57 -28.40 14.77
CA VAL D 134 8.71 -27.97 13.98
C VAL D 134 9.76 -27.34 14.88
N ILE D 135 11.00 -27.73 14.64
CA ILE D 135 12.17 -27.23 15.34
C ILE D 135 12.88 -26.24 14.41
N ASN D 136 13.24 -25.06 14.92
CA ASN D 136 14.13 -24.13 14.23
C ASN D 136 15.19 -23.62 15.20
N TRP D 137 16.37 -24.23 15.16
CA TRP D 137 17.48 -23.83 16.01
C TRP D 137 18.23 -22.60 15.46
N GLY D 138 17.86 -22.09 14.28
CA GLY D 138 18.42 -20.86 13.79
C GLY D 138 17.63 -19.62 14.17
N GLY D 139 16.45 -19.81 14.77
CA GLY D 139 15.59 -18.73 15.17
C GLY D 139 15.48 -18.57 16.68
N GLY D 140 14.56 -17.68 17.06
CA GLY D 140 14.30 -17.43 18.47
C GLY D 140 14.79 -16.08 18.99
N TRP D 141 14.74 -15.03 18.16
CA TRP D 141 15.39 -13.75 18.47
C TRP D 141 14.36 -12.82 19.12
N HIS D 142 14.12 -13.07 20.40
CA HIS D 142 12.96 -12.53 21.09
C HIS D 142 13.13 -11.08 21.57
N HIS D 143 14.30 -10.45 21.38
CA HIS D 143 14.45 -9.07 21.86
C HIS D 143 14.13 -7.99 20.83
N ALA D 144 14.04 -8.32 19.53
CA ALA D 144 13.88 -7.28 18.53
C ALA D 144 12.53 -6.57 18.68
N LYS D 145 12.51 -5.26 18.43
CA LYS D 145 11.27 -4.51 18.45
C LYS D 145 10.96 -3.98 17.06
N ARG D 146 9.75 -3.42 16.96
CA ARG D 146 9.21 -2.98 15.68
C ARG D 146 10.22 -2.14 14.89
N SER D 147 10.90 -1.22 15.57
CA SER D 147 11.84 -0.31 14.91
C SER D 147 13.16 -0.27 15.65
N GLU D 148 13.64 -1.40 16.15
CA GLU D 148 14.81 -1.34 17.03
C GLU D 148 15.42 -2.72 17.20
N ALA D 149 16.72 -2.82 16.92
CA ALA D 149 17.52 -3.98 17.29
C ALA D 149 17.76 -4.00 18.80
N SER D 150 18.00 -5.20 19.33
CA SER D 150 18.25 -5.30 20.77
C SER D 150 18.78 -6.69 21.06
N GLY D 151 19.78 -6.77 21.93
CA GLY D 151 20.26 -8.08 22.35
C GLY D 151 20.67 -9.01 21.21
N PHE D 152 21.38 -8.46 20.24
CA PHE D 152 21.76 -9.15 19.01
C PHE D 152 20.57 -9.72 18.26
N CYS D 153 19.37 -9.21 18.50
CA CYS D 153 18.21 -9.59 17.71
C CYS D 153 17.88 -8.42 16.79
N TYR D 154 17.95 -8.65 15.47
CA TYR D 154 17.63 -7.58 14.52
C TYR D 154 16.22 -7.67 13.95
N LEU D 155 15.74 -8.88 13.68
CA LEU D 155 14.38 -9.11 13.21
C LEU D 155 13.70 -10.15 14.10
N ASN D 156 12.49 -9.85 14.57
CA ASN D 156 11.82 -10.74 15.52
C ASN D 156 11.09 -11.84 14.75
N ASP D 157 11.79 -12.96 14.52
CA ASP D 157 11.19 -14.09 13.80
C ASP D 157 10.05 -14.73 14.59
N ILE D 158 10.11 -14.68 15.92
CA ILE D 158 9.05 -15.26 16.76
C ILE D 158 7.74 -14.49 16.58
N VAL D 159 7.80 -13.16 16.68
CA VAL D 159 6.59 -12.35 16.46
C VAL D 159 5.98 -12.64 15.09
N LEU D 160 6.82 -12.72 14.05
CA LEU D 160 6.29 -12.99 12.72
C LEU D 160 5.67 -14.38 12.63
N ALA D 161 6.29 -15.39 13.24
CA ALA D 161 5.70 -16.72 13.21
C ALA D 161 4.40 -16.74 14.02
N ILE D 162 4.38 -16.11 15.18
CA ILE D 162 3.14 -16.10 15.95
C ILE D 162 2.05 -15.37 15.17
N HIS D 163 2.40 -14.24 14.56
CA HIS D 163 1.42 -13.50 13.76
C HIS D 163 0.92 -14.32 12.58
N ARG D 164 1.71 -15.28 12.11
CA ARG D 164 1.21 -16.14 11.04
C ARG D 164 0.29 -17.23 11.57
N LEU D 165 0.59 -17.81 12.73
CA LEU D 165 -0.30 -18.84 13.29
C LEU D 165 -1.63 -18.27 13.75
N VAL D 166 -1.59 -17.13 14.43
CA VAL D 166 -2.79 -16.52 15.02
C VAL D 166 -3.67 -15.89 13.93
N SER D 167 -3.30 -16.07 12.66
CA SER D 167 -4.05 -15.51 11.54
C SER D 167 -4.45 -16.57 10.53
N SER D 168 -4.52 -17.83 10.92
CA SER D 168 -4.86 -18.90 9.98
C SER D 168 -6.30 -19.44 10.18
N THR D 179 -8.81 -18.81 17.64
CA THR D 179 -7.40 -19.17 17.50
C THR D 179 -6.53 -18.43 18.52
N ARG D 180 -6.13 -19.11 19.58
CA ARG D 180 -5.21 -18.53 20.54
C ARG D 180 -3.86 -19.23 20.46
N VAL D 181 -2.82 -18.50 20.84
CA VAL D 181 -1.45 -18.98 20.83
C VAL D 181 -0.87 -18.75 22.22
N LEU D 182 -0.22 -19.78 22.75
CA LEU D 182 0.54 -19.65 23.99
C LEU D 182 2.02 -19.58 23.63
N TYR D 183 2.69 -18.53 24.08
CA TYR D 183 4.13 -18.37 23.86
C TYR D 183 4.89 -18.64 25.16
N VAL D 184 5.91 -19.49 25.08
CA VAL D 184 6.65 -19.93 26.26
C VAL D 184 8.12 -19.66 26.00
N ASP D 185 8.74 -18.89 26.90
CA ASP D 185 10.07 -18.31 26.70
C ASP D 185 10.94 -18.81 27.85
N LEU D 186 11.76 -19.83 27.57
CA LEU D 186 12.62 -20.48 28.56
C LEU D 186 13.99 -19.84 28.69
N ASP D 187 14.32 -18.92 27.81
CA ASP D 187 15.60 -18.21 27.79
C ASP D 187 15.91 -17.57 29.15
N LEU D 188 17.21 -17.46 29.47
CA LEU D 188 17.63 -16.75 30.67
C LEU D 188 17.12 -15.29 30.69
N HIS D 189 16.96 -14.66 29.53
CA HIS D 189 16.54 -13.26 29.44
C HIS D 189 15.04 -13.14 29.21
N HIS D 190 14.47 -12.04 29.71
CA HIS D 190 13.06 -11.78 29.50
C HIS D 190 12.77 -11.58 28.02
N GLY D 191 11.75 -12.27 27.50
CA GLY D 191 11.37 -12.07 26.13
C GLY D 191 10.55 -10.81 25.91
N ASP D 192 11.17 -9.63 26.02
CA ASP D 192 10.42 -8.38 26.06
C ASP D 192 9.82 -8.02 24.70
N GLY D 193 10.53 -8.30 23.61
CA GLY D 193 10.02 -7.98 22.28
C GLY D 193 8.77 -8.75 21.91
N VAL D 194 8.73 -10.04 22.20
CA VAL D 194 7.52 -10.81 21.98
C VAL D 194 6.38 -10.31 22.87
N GLU D 195 6.70 -10.12 24.16
CA GLU D 195 5.67 -9.69 25.11
C GLU D 195 5.11 -8.32 24.72
N GLU D 196 5.98 -7.41 24.29
CA GLU D 196 5.56 -6.08 23.85
C GLU D 196 4.66 -6.17 22.62
N ALA D 197 5.08 -6.95 21.63
CA ALA D 197 4.32 -7.06 20.38
C ALA D 197 2.85 -7.41 20.61
N PHE D 198 2.58 -8.30 21.58
CA PHE D 198 1.23 -8.77 21.82
C PHE D 198 0.65 -8.22 23.11
N TRP D 199 1.24 -7.12 23.62
CA TRP D 199 0.79 -6.44 24.84
C TRP D 199 -0.71 -6.12 24.83
N TYR D 200 -1.29 -5.79 23.68
CA TYR D 200 -2.69 -5.43 23.64
C TYR D 200 -3.57 -6.55 23.07
N SER D 201 -3.05 -7.77 23.01
CA SER D 201 -3.71 -8.86 22.30
C SER D 201 -4.06 -10.00 23.25
N PRO D 202 -5.33 -10.27 23.49
CA PRO D 202 -5.68 -11.41 24.36
C PRO D 202 -5.44 -12.78 23.74
N ARG D 203 -5.34 -12.92 22.42
CA ARG D 203 -5.25 -14.23 21.80
C ARG D 203 -3.82 -14.76 21.70
N VAL D 204 -2.83 -13.99 22.13
CA VAL D 204 -1.47 -14.48 22.25
C VAL D 204 -1.10 -14.25 23.71
N VAL D 205 -1.15 -15.28 24.53
CA VAL D 205 -0.68 -15.19 25.91
C VAL D 205 0.81 -15.48 25.92
N THR D 206 1.60 -14.57 26.50
CA THR D 206 3.04 -14.76 26.61
C THR D 206 3.39 -15.13 28.05
N PHE D 207 4.31 -16.08 28.19
CA PHE D 207 4.84 -16.48 29.49
C PHE D 207 6.34 -16.62 29.34
N SER D 208 7.08 -15.78 30.06
CA SER D 208 8.53 -15.82 30.13
C SER D 208 8.92 -16.12 31.57
N VAL D 209 9.83 -17.08 31.74
CA VAL D 209 10.58 -17.26 32.98
C VAL D 209 12.03 -16.87 32.69
N HIS D 210 12.69 -16.24 33.65
CA HIS D 210 13.95 -15.59 33.37
C HIS D 210 14.58 -15.16 34.68
N HIS D 211 15.88 -14.89 34.63
CA HIS D 211 16.50 -14.11 35.68
C HIS D 211 16.18 -12.62 35.49
N ALA D 212 15.89 -11.94 36.60
CA ALA D 212 15.88 -10.48 36.64
C ALA D 212 16.57 -10.02 37.90
N SER D 213 17.36 -8.96 37.76
CA SER D 213 18.08 -8.34 38.87
C SER D 213 18.52 -6.97 38.42
N PRO D 214 18.75 -6.04 39.36
CA PRO D 214 19.03 -4.65 38.97
C PRO D 214 20.21 -4.56 38.01
N GLY D 215 19.98 -3.90 36.87
CA GLY D 215 20.97 -3.76 35.83
C GLY D 215 21.17 -4.94 34.91
N PHE D 216 20.42 -6.02 35.09
CA PHE D 216 20.56 -7.19 34.23
C PHE D 216 19.68 -7.01 33.00
N PHE D 217 20.27 -7.22 31.82
CA PHE D 217 19.55 -7.18 30.55
C PHE D 217 18.30 -8.08 30.52
N PRO D 218 17.18 -7.58 29.92
CA PRO D 218 16.96 -6.23 29.40
C PRO D 218 16.29 -5.31 30.39
N GLY D 219 15.95 -5.84 31.55
CA GLY D 219 15.48 -5.00 32.64
C GLY D 219 14.01 -5.13 32.90
N THR D 220 13.25 -5.75 32.01
CA THR D 220 11.81 -5.91 32.20
C THR D 220 11.48 -7.33 32.65
N GLY D 221 10.18 -7.59 32.77
CA GLY D 221 9.71 -8.88 33.22
C GLY D 221 9.75 -9.07 34.72
N THR D 222 9.66 -7.97 35.49
CA THR D 222 9.65 -8.06 36.93
C THR D 222 8.85 -6.88 37.48
N TRP D 223 8.89 -6.70 38.81
CA TRP D 223 8.21 -5.59 39.47
C TRP D 223 8.60 -4.27 38.85
N ASN D 224 7.63 -3.37 38.73
CA ASN D 224 7.82 -2.20 37.90
C ASN D 224 7.71 -0.88 38.68
N PRO D 232 5.43 -0.76 44.41
CA PRO D 232 5.70 -1.19 43.03
C PRO D 232 4.89 -2.44 42.65
N ILE D 233 4.47 -2.58 41.39
CA ILE D 233 3.60 -3.68 40.99
C ILE D 233 3.98 -4.20 39.61
N PHE D 234 3.35 -5.33 39.25
CA PHE D 234 3.61 -6.07 38.02
C PHE D 234 2.66 -5.66 36.90
N LEU D 235 3.19 -5.14 35.79
CA LEU D 235 2.38 -4.91 34.59
C LEU D 235 2.17 -6.23 33.84
N ASN D 236 1.07 -6.31 33.09
CA ASN D 236 0.72 -7.61 32.54
C ASN D 236 -0.15 -7.54 31.28
N GLY D 237 0.01 -6.51 30.47
CA GLY D 237 -0.82 -6.29 29.31
C GLY D 237 -1.73 -5.09 29.49
N ALA D 238 -2.27 -4.61 28.37
CA ALA D 238 -3.11 -3.43 28.38
C ALA D 238 -4.24 -3.61 27.37
N GLY D 239 -5.28 -2.78 27.53
CA GLY D 239 -6.45 -2.87 26.66
C GLY D 239 -7.17 -4.20 26.83
N ARG D 240 -7.58 -4.78 25.71
CA ARG D 240 -8.14 -6.11 25.75
C ARG D 240 -7.10 -7.17 26.13
N GLY D 241 -5.82 -6.85 26.00
CA GLY D 241 -4.78 -7.79 26.37
C GLY D 241 -4.38 -7.76 27.82
N ARG D 242 -5.15 -7.06 28.65
CA ARG D 242 -4.86 -7.03 30.08
C ARG D 242 -4.84 -8.46 30.63
N PHE D 243 -3.88 -8.70 31.52
CA PHE D 243 -3.60 -10.00 32.14
C PHE D 243 -3.06 -11.06 31.17
N SER D 244 -2.66 -10.68 29.95
CA SER D 244 -2.26 -11.67 28.96
C SER D 244 -0.76 -11.85 28.81
N ALA D 245 0.07 -11.05 29.49
CA ALA D 245 1.52 -11.27 29.56
C ALA D 245 1.90 -11.77 30.95
N PHE D 246 2.45 -12.99 31.00
CA PHE D 246 2.82 -13.66 32.25
C PHE D 246 4.32 -13.63 32.44
N ASN D 247 4.77 -13.42 33.67
CA ASN D 247 6.20 -13.31 33.97
C ASN D 247 6.53 -14.00 35.28
N LEU D 248 7.63 -14.76 35.29
CA LEU D 248 8.15 -15.39 36.50
C LEU D 248 9.65 -15.08 36.60
N PRO D 249 10.02 -14.04 37.34
CA PRO D 249 11.45 -13.75 37.56
C PRO D 249 12.00 -14.57 38.71
N LEU D 250 13.28 -14.94 38.59
CA LEU D 250 13.92 -15.81 39.56
C LEU D 250 15.31 -15.28 39.88
N GLU D 251 15.74 -15.51 41.12
CA GLU D 251 17.10 -15.20 41.54
C GLU D 251 18.09 -16.16 40.89
N GLU D 252 19.35 -15.75 40.89
CA GLU D 252 20.43 -16.60 40.40
C GLU D 252 20.53 -17.89 41.21
N GLY D 253 21.24 -18.85 40.64
CA GLY D 253 21.54 -20.09 41.33
C GLY D 253 20.51 -21.20 41.21
N ILE D 254 19.37 -20.98 40.53
CA ILE D 254 18.32 -21.99 40.58
C ILE D 254 18.73 -23.22 39.78
N ASN D 255 18.40 -24.41 40.31
CA ASN D 255 18.81 -25.67 39.72
C ASN D 255 17.65 -26.29 38.94
N ASP D 256 17.93 -27.45 38.31
CA ASP D 256 16.93 -28.15 37.51
C ASP D 256 15.60 -28.30 38.23
N LEU D 257 15.63 -28.84 39.46
CA LEU D 257 14.42 -29.26 40.15
C LEU D 257 13.57 -28.07 40.61
N ASP D 258 14.21 -27.04 41.18
CA ASP D 258 13.46 -25.87 41.63
C ASP D 258 12.91 -25.08 40.44
N TRP D 259 13.73 -24.88 39.41
CA TRP D 259 13.24 -24.27 38.17
C TRP D 259 12.05 -25.07 37.62
N SER D 260 12.18 -26.40 37.54
CA SER D 260 11.07 -27.24 37.06
C SER D 260 9.83 -27.06 37.92
N ASN D 261 10.01 -26.99 39.25
CA ASN D 261 8.86 -26.89 40.16
C ASN D 261 8.23 -25.50 40.10
N ALA D 262 9.01 -24.48 39.77
CA ALA D 262 8.45 -23.13 39.67
C ALA D 262 7.66 -22.98 38.38
N ILE D 263 8.07 -23.64 37.31
CA ILE D 263 7.46 -23.42 36.00
C ILE D 263 6.34 -24.42 35.70
N GLY D 264 6.44 -25.65 36.24
CA GLY D 264 5.54 -26.73 35.87
C GLY D 264 4.07 -26.45 36.09
N PRO D 265 3.71 -26.02 37.30
CA PRO D 265 2.29 -25.69 37.54
C PRO D 265 1.78 -24.55 36.69
N ILE D 266 2.62 -23.54 36.44
CA ILE D 266 2.19 -22.43 35.59
C ILE D 266 1.91 -22.92 34.17
N LEU D 267 2.80 -23.76 33.63
CA LEU D 267 2.55 -24.31 32.30
C LEU D 267 1.25 -25.12 32.27
N ASP D 268 1.02 -25.95 33.29
CA ASP D 268 -0.20 -26.74 33.30
C ASP D 268 -1.45 -25.86 33.36
N SER D 269 -1.42 -24.81 34.19
CA SER D 269 -2.61 -23.97 34.33
C SER D 269 -2.90 -23.18 33.06
N LEU D 270 -1.86 -22.66 32.40
CA LEU D 270 -2.08 -21.89 31.16
C LEU D 270 -2.72 -22.76 30.08
N ASN D 271 -2.27 -24.01 29.95
CA ASN D 271 -2.83 -24.89 28.92
C ASN D 271 -4.30 -25.20 29.20
N ILE D 272 -4.62 -25.55 30.45
CA ILE D 272 -5.99 -25.77 30.88
C ILE D 272 -6.86 -24.56 30.53
N VAL D 273 -6.52 -23.40 31.09
CA VAL D 273 -7.38 -22.23 30.94
C VAL D 273 -7.36 -21.67 29.52
N ILE D 274 -6.19 -21.59 28.88
CA ILE D 274 -6.18 -20.93 27.58
C ILE D 274 -6.65 -21.86 26.46
N GLN D 275 -6.33 -23.15 26.55
CA GLN D 275 -6.66 -24.11 25.51
C GLN D 275 -6.08 -23.65 24.16
N PRO D 276 -4.77 -23.48 24.06
CA PRO D 276 -4.20 -22.82 22.89
C PRO D 276 -4.26 -23.69 21.64
N SER D 277 -4.38 -23.03 20.49
CA SER D 277 -4.34 -23.75 19.21
C SER D 277 -2.90 -24.08 18.79
N TYR D 278 -1.92 -23.30 19.26
CA TYR D 278 -0.51 -23.52 18.96
C TYR D 278 0.29 -23.09 20.16
N VAL D 279 1.42 -23.78 20.38
CA VAL D 279 2.37 -23.41 21.43
C VAL D 279 3.70 -23.08 20.76
N VAL D 280 4.27 -21.95 21.14
CA VAL D 280 5.57 -21.51 20.63
C VAL D 280 6.51 -21.43 21.82
N VAL D 281 7.61 -22.18 21.75
CA VAL D 281 8.60 -22.27 22.81
C VAL D 281 9.91 -21.68 22.34
N GLN D 282 10.37 -20.65 23.01
CA GLN D 282 11.74 -20.19 22.86
C GLN D 282 12.59 -20.99 23.85
N CYS D 283 13.63 -21.63 23.33
CA CYS D 283 14.41 -22.55 24.16
C CYS D 283 15.87 -22.12 24.30
N GLY D 284 16.09 -20.84 24.59
CA GLY D 284 17.44 -20.32 24.81
C GLY D 284 18.23 -21.12 25.83
N ALA D 285 19.46 -21.50 25.49
CA ALA D 285 20.29 -22.40 26.27
C ALA D 285 21.21 -21.68 27.24
N ASP D 286 21.01 -20.39 27.51
CA ASP D 286 21.89 -19.66 28.41
C ASP D 286 21.52 -19.80 29.88
N CYS D 287 20.47 -20.57 30.21
CA CYS D 287 20.26 -21.00 31.59
C CYS D 287 21.18 -22.12 32.01
N LEU D 288 21.90 -22.75 31.07
CA LEU D 288 22.78 -23.86 31.43
C LEU D 288 23.81 -23.42 32.47
N ALA D 289 24.13 -24.32 33.40
CA ALA D 289 25.10 -23.98 34.44
C ALA D 289 26.46 -23.65 33.86
N THR D 290 26.77 -24.18 32.68
CA THR D 290 28.05 -23.96 32.01
C THR D 290 28.01 -22.80 31.00
N ASP D 291 26.88 -22.13 30.85
CA ASP D 291 26.88 -20.92 30.05
C ASP D 291 27.78 -19.86 30.71
N PRO D 292 28.47 -19.05 29.91
CA PRO D 292 29.31 -17.97 30.51
C PRO D 292 28.54 -16.91 31.30
N HIS D 293 27.20 -16.81 31.19
CA HIS D 293 26.49 -15.93 32.12
C HIS D 293 26.63 -16.44 33.55
N ARG D 294 26.66 -17.77 33.73
CA ARG D 294 26.80 -18.42 35.03
C ARG D 294 25.75 -17.92 36.01
N ILE D 295 24.49 -17.97 35.60
CA ILE D 295 23.40 -17.46 36.44
C ILE D 295 22.53 -18.59 36.97
N PHE D 296 21.94 -19.39 36.09
CA PHE D 296 21.19 -20.54 36.54
C PHE D 296 22.09 -21.77 36.48
N ARG D 297 21.54 -22.90 36.97
CA ARG D 297 22.27 -24.16 37.06
C ARG D 297 21.54 -25.30 36.33
N LEU D 298 20.73 -24.98 35.31
CA LEU D 298 20.06 -26.03 34.57
C LEU D 298 21.09 -26.94 33.88
N THR D 299 20.65 -28.14 33.51
CA THR D 299 21.50 -29.11 32.83
C THR D 299 20.82 -29.60 31.56
N ASN D 300 21.49 -30.50 30.85
CA ASN D 300 20.88 -31.28 29.78
C ASN D 300 20.72 -32.76 30.18
N PHE D 301 20.58 -33.05 31.47
CA PHE D 301 20.60 -34.44 31.91
C PHE D 301 19.25 -35.09 31.62
N TYR D 302 19.30 -36.26 31.00
CA TYR D 302 18.12 -37.12 30.82
C TYR D 302 18.41 -38.44 31.53
N PRO D 303 17.99 -38.61 32.79
CA PRO D 303 18.29 -39.80 33.59
C PRO D 303 17.67 -41.09 33.04
N SER D 316 19.07 -35.57 38.61
CA SER D 316 17.75 -35.05 38.24
C SER D 316 17.59 -34.72 36.74
N LEU D 317 16.34 -34.49 36.34
CA LEU D 317 16.01 -34.27 34.93
C LEU D 317 16.24 -32.82 34.54
N SER D 318 16.76 -32.62 33.35
CA SER D 318 17.00 -31.26 32.87
C SER D 318 15.73 -30.42 32.93
N GLY D 319 15.89 -29.17 33.40
CA GLY D 319 14.75 -28.26 33.42
C GLY D 319 14.10 -28.12 32.06
N TYR D 320 14.92 -27.96 31.02
CA TYR D 320 14.40 -27.82 29.67
C TYR D 320 13.65 -29.07 29.20
N LEU D 321 14.24 -30.24 29.42
CA LEU D 321 13.62 -31.49 28.95
C LEU D 321 12.31 -31.74 29.67
N TYR D 322 12.28 -31.50 30.99
CA TYR D 322 11.01 -31.52 31.73
C TYR D 322 9.97 -30.61 31.09
N ALA D 323 10.39 -29.40 30.68
CA ALA D 323 9.42 -28.40 30.20
C ALA D 323 8.91 -28.75 28.81
N ILE D 324 9.82 -29.13 27.91
CA ILE D 324 9.41 -29.49 26.56
C ILE D 324 8.51 -30.71 26.59
N LYS D 325 8.88 -31.71 27.40
CA LYS D 325 8.07 -32.91 27.56
C LYS D 325 6.67 -32.60 28.09
N LYS D 326 6.56 -31.71 29.06
CA LYS D 326 5.23 -31.31 29.54
C LYS D 326 4.42 -30.65 28.42
N ILE D 327 4.99 -29.63 27.76
CA ILE D 327 4.29 -28.93 26.67
C ILE D 327 3.93 -29.90 25.55
N LEU D 328 4.86 -30.77 25.18
CA LEU D 328 4.56 -31.84 24.21
C LEU D 328 3.46 -32.77 24.72
N SER D 329 3.38 -33.02 26.03
CA SER D 329 2.30 -33.90 26.51
C SER D 329 0.92 -33.38 26.14
N TRP D 330 0.79 -32.10 25.79
CA TRP D 330 -0.51 -31.52 25.52
C TRP D 330 -1.06 -31.89 24.16
N LYS D 331 -0.23 -32.42 23.26
CA LYS D 331 -0.62 -32.73 21.88
C LYS D 331 -1.22 -31.51 21.18
N VAL D 332 -0.61 -30.36 21.37
CA VAL D 332 -0.95 -29.14 20.61
C VAL D 332 0.16 -28.93 19.57
N PRO D 333 -0.14 -28.51 18.34
CA PRO D 333 0.94 -28.24 17.37
C PRO D 333 1.89 -27.16 17.89
N THR D 334 3.19 -27.46 17.86
CA THR D 334 4.16 -26.70 18.64
C THR D 334 5.38 -26.33 17.81
N LEU D 335 5.79 -25.07 17.96
CA LEU D 335 7.04 -24.57 17.40
C LEU D 335 8.09 -24.53 18.50
N ILE D 336 9.24 -25.17 18.25
CA ILE D 336 10.37 -25.13 19.16
C ILE D 336 11.49 -24.34 18.48
N LEU D 337 11.89 -23.22 19.09
CA LEU D 337 12.90 -22.31 18.57
C LEU D 337 14.11 -22.22 19.51
N GLY D 338 15.26 -21.84 18.95
CA GLY D 338 16.45 -21.60 19.76
C GLY D 338 16.47 -20.25 20.47
N GLY D 339 17.60 -19.57 20.44
CA GLY D 339 17.75 -18.30 21.13
C GLY D 339 19.14 -18.15 21.73
N GLY D 340 19.22 -17.69 22.97
CA GLY D 340 20.51 -17.54 23.64
C GLY D 340 21.22 -18.89 23.81
N GLY D 341 22.47 -18.79 24.27
CA GLY D 341 23.34 -19.95 24.42
C GLY D 341 24.74 -19.68 23.93
N TYR D 342 25.68 -19.35 24.82
CA TYR D 342 26.98 -18.81 24.46
C TYR D 342 28.13 -19.76 24.74
N ASN D 343 27.84 -20.97 25.20
CA ASN D 343 28.79 -22.09 25.26
C ASN D 343 28.32 -23.00 24.13
N PHE D 344 28.97 -22.92 22.97
CA PHE D 344 28.34 -23.50 21.78
C PHE D 344 28.22 -25.02 21.84
N PRO D 345 29.26 -25.77 22.26
CA PRO D 345 29.08 -27.24 22.35
C PRO D 345 28.03 -27.66 23.36
N ASP D 346 27.90 -26.94 24.49
CA ASP D 346 26.87 -27.32 25.46
C ASP D 346 25.47 -26.95 24.98
N THR D 347 25.34 -25.85 24.23
CA THR D 347 24.07 -25.58 23.57
C THR D 347 23.73 -26.69 22.60
N ALA D 348 24.73 -27.14 21.84
CA ALA D 348 24.53 -28.28 20.93
C ALA D 348 24.13 -29.53 21.71
N ARG D 349 24.71 -29.72 22.91
CA ARG D 349 24.35 -30.88 23.71
C ARG D 349 22.92 -30.78 24.21
N LEU D 350 22.50 -29.60 24.65
CA LEU D 350 21.13 -29.43 25.10
C LEU D 350 20.14 -29.63 23.96
N TRP D 351 20.38 -28.97 22.84
CA TRP D 351 19.38 -28.98 21.77
C TRP D 351 19.34 -30.32 21.03
N THR D 352 20.43 -31.10 21.06
CA THR D 352 20.38 -32.48 20.56
C THR D 352 19.44 -33.34 21.41
N ARG D 353 19.49 -33.19 22.73
CA ARG D 353 18.58 -33.93 23.60
C ARG D 353 17.13 -33.49 23.41
N VAL D 354 16.90 -32.19 23.21
CA VAL D 354 15.55 -31.70 22.97
C VAL D 354 15.02 -32.25 21.66
N THR D 355 15.89 -32.41 20.68
CA THR D 355 15.47 -32.95 19.39
C THR D 355 15.14 -34.43 19.48
N ALA D 356 15.96 -35.20 20.18
CA ALA D 356 15.65 -36.62 20.36
C ALA D 356 14.36 -36.79 21.16
N LEU D 357 14.20 -36.00 22.23
CA LEU D 357 13.01 -36.09 23.06
C LEU D 357 11.74 -35.81 22.27
N THR D 358 11.75 -34.74 21.46
CA THR D 358 10.61 -34.43 20.60
C THR D 358 10.28 -35.59 19.64
N ILE D 359 11.31 -36.27 19.15
CA ILE D 359 11.10 -37.45 18.30
C ILE D 359 10.46 -38.60 19.09
N GLU D 360 10.92 -38.81 20.33
CA GLU D 360 10.29 -39.82 21.18
C GLU D 360 8.83 -39.48 21.46
N GLU D 361 8.54 -38.25 21.86
CA GLU D 361 7.21 -37.92 22.32
C GLU D 361 6.20 -37.78 21.18
N VAL D 362 6.66 -37.44 19.98
CA VAL D 362 5.70 -37.22 18.91
C VAL D 362 5.48 -38.48 18.10
N LYS D 363 6.56 -39.19 17.73
CA LYS D 363 6.43 -40.42 16.99
C LYS D 363 6.21 -41.65 17.87
N GLY D 364 6.56 -41.59 19.16
CA GLY D 364 6.55 -42.76 20.01
C GLY D 364 7.80 -43.63 19.90
N LYS D 365 8.64 -43.34 18.92
CA LYS D 365 9.78 -44.15 18.54
C LYS D 365 10.93 -43.88 19.52
N LYS D 366 11.22 -44.86 20.39
CA LYS D 366 12.29 -44.72 21.37
C LYS D 366 13.60 -44.30 20.73
N MET D 367 14.28 -43.34 21.35
CA MET D 367 15.51 -42.76 20.81
C MET D 367 16.66 -43.06 21.78
N THR D 368 17.59 -43.88 21.33
CA THR D 368 18.76 -44.27 22.12
C THR D 368 19.94 -43.41 21.67
N ILE D 369 20.37 -42.49 22.53
CA ILE D 369 21.50 -41.62 22.24
C ILE D 369 22.70 -42.10 23.04
N SER D 370 23.77 -42.49 22.35
CA SER D 370 24.99 -42.88 23.04
C SER D 370 25.49 -41.75 23.94
N PRO D 371 25.94 -42.06 25.16
CA PRO D 371 26.47 -41.00 26.03
C PRO D 371 27.78 -40.41 25.54
N GLU D 372 28.42 -41.04 24.58
CA GLU D 372 29.67 -40.55 24.02
C GLU D 372 29.39 -39.81 22.72
N ILE D 373 29.96 -38.62 22.59
CA ILE D 373 29.83 -37.83 21.37
C ILE D 373 30.35 -38.65 20.19
N PRO D 374 29.53 -38.97 19.20
CA PRO D 374 30.04 -39.66 18.01
C PRO D 374 31.06 -38.83 17.28
N GLU D 375 31.96 -39.51 16.56
CA GLU D 375 32.93 -38.83 15.72
C GLU D 375 32.23 -38.09 14.59
N HIS D 376 32.71 -36.88 14.30
CA HIS D 376 32.20 -36.06 13.19
C HIS D 376 33.11 -34.84 13.08
N SER D 377 32.70 -33.88 12.24
CA SER D 377 33.56 -32.74 11.88
C SER D 377 34.03 -31.98 13.11
N TYR D 378 33.09 -31.65 14.00
CA TYR D 378 33.31 -30.83 15.17
C TYR D 378 33.61 -31.63 16.43
N PHE D 379 33.82 -32.96 16.30
CA PHE D 379 34.11 -33.81 17.43
C PHE D 379 35.10 -33.20 18.44
N SER D 380 36.14 -32.52 17.95
CA SER D 380 37.17 -32.02 18.86
C SER D 380 36.72 -30.79 19.65
N ARG D 381 35.60 -30.16 19.27
CA ARG D 381 35.02 -29.09 20.10
C ARG D 381 34.47 -29.63 21.41
N TYR D 382 34.08 -30.91 21.45
CA TYR D 382 33.43 -31.50 22.61
C TYR D 382 34.43 -32.03 23.61
N GLY D 383 35.68 -31.58 23.53
CA GLY D 383 36.70 -31.90 24.50
C GLY D 383 36.51 -31.25 25.88
N PRO D 384 37.29 -31.69 26.88
CA PRO D 384 38.27 -32.76 26.65
C PRO D 384 37.68 -34.12 26.93
N ASP D 385 36.38 -34.17 27.25
CA ASP D 385 35.72 -35.36 27.78
C ASP D 385 34.80 -36.07 26.80
N PHE D 386 34.20 -35.35 25.85
CA PHE D 386 33.49 -35.97 24.73
C PHE D 386 32.26 -36.76 25.18
N GLU D 387 31.65 -36.33 26.29
CA GLU D 387 30.40 -36.88 26.75
C GLU D 387 29.23 -35.99 26.34
N LEU D 388 28.05 -36.60 26.22
CA LEU D 388 26.84 -35.86 25.88
C LEU D 388 26.35 -35.00 27.06
N ASP D 389 26.44 -35.51 28.28
CA ASP D 389 26.12 -34.70 29.45
C ASP D 389 27.06 -33.49 29.51
N ILE D 390 26.51 -32.32 29.86
CA ILE D 390 27.39 -31.18 30.13
C ILE D 390 28.22 -31.50 31.38
N ASP D 391 29.36 -30.83 31.49
CA ASP D 391 30.35 -31.08 32.54
C ASP D 391 30.03 -30.21 33.74
N TYR D 392 29.06 -30.65 34.53
CA TYR D 392 28.60 -29.89 35.67
C TYR D 392 28.26 -30.84 36.80
N PHE D 393 28.65 -30.46 38.03
CA PHE D 393 28.42 -31.25 39.23
C PHE D 393 27.46 -30.48 40.16
N PRO D 394 26.16 -30.78 40.17
CA PRO D 394 25.25 -30.05 41.05
C PRO D 394 25.52 -30.29 42.54
N ASP D 403 9.26 -19.86 48.42
CA ASP D 403 8.70 -18.79 49.25
C ASP D 403 8.54 -17.50 48.45
N SER D 404 9.65 -16.99 47.92
CA SER D 404 9.54 -16.01 46.84
C SER D 404 8.75 -16.60 45.67
N ILE D 405 8.97 -17.89 45.40
CA ILE D 405 8.32 -18.55 44.27
C ILE D 405 6.85 -18.81 44.58
N GLN D 406 6.50 -19.10 45.84
CA GLN D 406 5.09 -19.33 46.20
C GLN D 406 4.27 -18.06 46.10
N LYS D 407 4.81 -16.92 46.53
CA LYS D 407 4.16 -15.63 46.36
C LYS D 407 3.92 -15.29 44.88
N HIS D 408 4.85 -15.70 44.00
CA HIS D 408 4.69 -15.52 42.56
C HIS D 408 3.55 -16.36 42.00
N HIS D 409 3.50 -17.64 42.43
CA HIS D 409 2.41 -18.55 42.07
C HIS D 409 1.05 -18.02 42.50
N ARG D 410 0.97 -17.47 43.72
CA ARG D 410 -0.27 -16.82 44.16
C ARG D 410 -0.67 -15.70 43.20
N ARG D 411 0.28 -14.84 42.85
CA ARG D 411 -0.01 -13.69 42.01
C ARG D 411 -0.34 -14.11 40.59
N ILE D 412 0.35 -15.14 40.08
CA ILE D 412 0.15 -15.57 38.69
C ILE D 412 -1.20 -16.27 38.53
N LEU D 413 -1.60 -17.07 39.52
CA LEU D 413 -2.90 -17.72 39.46
C LEU D 413 -4.02 -16.69 39.51
N GLU D 414 -3.84 -15.67 40.36
CA GLU D 414 -4.78 -14.55 40.40
C GLU D 414 -4.89 -13.86 39.04
N GLN D 415 -3.74 -13.68 38.34
CA GLN D 415 -3.76 -13.05 37.01
C GLN D 415 -4.41 -13.96 35.95
N LEU D 416 -4.22 -15.28 36.07
CA LEU D 416 -4.86 -16.21 35.16
C LEU D 416 -6.37 -16.19 35.35
N ARG D 417 -6.81 -16.25 36.60
CA ARG D 417 -8.22 -16.07 36.92
C ARG D 417 -8.76 -14.77 36.32
N ASN D 418 -8.04 -13.65 36.52
CA ASN D 418 -8.43 -12.38 35.92
C ASN D 418 -8.52 -12.48 34.41
N TYR D 419 -7.54 -13.13 33.78
CA TYR D 419 -7.56 -13.28 32.33
C TYR D 419 -8.77 -14.08 31.86
N ALA D 420 -8.99 -15.25 32.48
CA ALA D 420 -10.16 -16.06 32.14
C ALA D 420 -11.45 -15.31 32.39
N ASP D 421 -11.53 -14.56 33.49
CA ASP D 421 -12.65 -13.64 33.71
C ASP D 421 -12.84 -12.75 32.48
N LEU D 422 -11.83 -11.92 32.19
CA LEU D 422 -11.98 -10.87 31.20
C LEU D 422 -12.28 -11.43 29.81
N ASN D 423 -11.80 -12.64 29.52
CA ASN D 423 -11.97 -13.20 28.20
C ASN D 423 -13.10 -14.23 28.13
N LYS D 424 -13.95 -14.27 29.17
CA LYS D 424 -15.12 -15.16 29.24
C LYS D 424 -14.75 -16.60 28.93
N LEU D 425 -13.64 -17.05 29.51
CA LEU D 425 -13.19 -18.42 29.33
C LEU D 425 -13.73 -19.30 30.46
N ILE D 426 -13.83 -20.59 30.19
CA ILE D 426 -14.52 -21.52 31.07
C ILE D 426 -13.49 -22.44 31.70
N TYR D 427 -13.37 -22.42 33.03
CA TYR D 427 -12.36 -23.24 33.69
C TYR D 427 -12.69 -23.51 35.15
N ASP D 428 -12.47 -24.74 35.58
CA ASP D 428 -12.57 -25.15 36.97
C ASP D 428 -11.46 -24.50 37.78
N TYR D 429 -11.75 -23.38 38.46
CA TYR D 429 -10.73 -22.72 39.26
C TYR D 429 -10.19 -23.62 40.37
N ASP D 430 -10.89 -24.71 40.69
CA ASP D 430 -10.39 -25.60 41.73
C ASP D 430 -9.42 -26.65 41.20
N GLN D 431 -9.64 -27.18 40.00
CA GLN D 431 -8.65 -28.05 39.37
C GLN D 431 -7.34 -27.30 39.13
N VAL D 432 -7.43 -26.04 38.72
CA VAL D 432 -6.23 -25.25 38.44
C VAL D 432 -5.53 -24.86 39.73
N TYR D 433 -6.30 -24.47 40.75
CA TYR D 433 -5.73 -24.17 42.06
C TYR D 433 -5.01 -25.37 42.64
N GLN D 434 -5.48 -26.59 42.34
CA GLN D 434 -4.81 -27.80 42.83
C GLN D 434 -3.43 -27.99 42.22
N LEU D 435 -3.17 -27.43 41.04
CA LEU D 435 -1.89 -27.62 40.38
C LEU D 435 -0.71 -27.05 41.18
N TYR D 436 -0.95 -26.12 42.10
CA TYR D 436 0.14 -25.45 42.82
C TYR D 436 0.44 -26.00 44.22
#